data_4KPF
#
_entry.id   4KPF
#
_cell.length_a   157.860
_cell.length_b   157.860
_cell.length_c   210.780
_cell.angle_alpha   90.00
_cell.angle_beta   90.00
_cell.angle_gamma   120.00
#
_symmetry.space_group_name_H-M   'P 31 2 1'
#
loop_
_entity.id
_entity.type
_entity.pdbx_description
1 polymer ParC55
2 polymer ParE30
3 polymer E-site1
4 polymer E-site2
5 polymer E-site3
6 polymer E-site4
7 non-polymer 'MAGNESIUM ION'
8 non-polymer "(3aS,4R)-4-amino-13-cyclopropyl-8-fluoro-10-oxo-3a,4,5,6,10,13-hexahydro-1H,3H-pyrrolo[2',1':3,4][1,4]oxazepino[5,6-h]quinoline-11-carboxylic acid"
9 water water
#
loop_
_entity_poly.entity_id
_entity_poly.type
_entity_poly.pdbx_seq_one_letter_code
_entity_poly.pdbx_strand_id
1 'polypeptide(L)'
;MSNIQNMSLEDIMGERFGRYSKYIIQDRALPDIRDGLKPVQRRILYSMNKDSNTFDKSYRKSAKSVGNIMGNFHPHGDSS
IYDAMVRMSQNWKNREILVEMHGNNGSMDGDPPAAMRYTEARLSEIAGYLLQDIEKKTVPFAWNFDDTEKEPTVLPAAFP
NLLVNGSTGISAGYATDIPPHNLAEVIDAAVYMIDHPTAKIDKLMEFLPGPDFPTGAIIQGRDEIKKAYETGKGRVVVRS
KTEIEKLKGGKEQIVITEIPYEINKANLVKKIDDVRVNNKVAGIAEVRDESDRDGLRIAIELKKDANTELVLNYLFKYTD
LQINYNFNMVAIDNFTPRQVGIVPILSSYIAHRREVILARSRFDKEKAEKRLHIVEGLIRVISILDEVIALIRASENKAD
AKENLKVSYDFTEEQAEAIVTLQLYRLTNTDVVVLQEEEAELREKIAMLAAIIGDERTMYNLMKKELREVKKKFATPRLS
SLEDTAKALEHHHHHH
;
A,B
2 'polypeptide(L)'
;MGHHHHHHHHHHSSGHIDDDDKHMKNKKDKGLLSGKLTPAQSKNPAKNELYLVEGDSAGGSAKQGRDRKFQAILPLRGKV
INTAKAKMADILKNEEINTMIYTIGAGVGADFSIEDANYDKIIIMTDADTDGAHIQTLLLTFFYRYMRPLVEAGHVYIAL
PPLYKMSKGKGKKEEVAYAWTDGELEELRKQFGKGATLQRYKGLGEMNADQLWETTMNPETRTLIRVTIEDLARAERRVN
VLMGDKVEPRRKWIEDNVKFTLEEATVF
;
C,D
3 'polydeoxyribonucleotide' (DC)(DA)(DT)(DG)(DA)(DA)(DT) E
4 'polydeoxyribonucleotide' (DA)(DG)(DT)(DC)(DA)(DT)(DT)(DC)(DA)(DT)(DG) F
5 'polydeoxyribonucleotide' (DC)(DG)(DT)(DG)(DC)(DA)(DT) G
6 'polydeoxyribonucleotide' (DG)(DA)(DC)(DT)(DA)(DT)(DG)(DC)(DA)(DC)(DG) H
#
# COMPACT_ATOMS: atom_id res chain seq x y z
N ASN A 3 -14.64 -17.88 33.64
CA ASN A 3 -15.53 -17.26 32.67
C ASN A 3 -15.69 -15.75 32.87
N ILE A 4 -15.30 -15.25 34.05
CA ILE A 4 -15.46 -13.82 34.38
C ILE A 4 -14.78 -13.40 35.70
N GLN A 5 -13.85 -12.45 35.60
CA GLN A 5 -13.04 -11.98 36.74
C GLN A 5 -13.03 -10.45 36.86
N ASN A 6 -13.17 -9.92 38.08
CA ASN A 6 -13.23 -8.47 38.26
C ASN A 6 -11.94 -7.76 38.73
N MET A 7 -11.80 -6.50 38.33
CA MET A 7 -10.68 -5.64 38.70
C MET A 7 -11.18 -4.27 39.18
N SER A 8 -10.33 -3.54 39.91
CA SER A 8 -10.68 -2.20 40.39
C SER A 8 -10.68 -1.19 39.23
N LEU A 9 -11.47 -0.12 39.37
CA LEU A 9 -11.34 1.00 38.44
C LEU A 9 -9.93 1.55 38.62
N GLU A 10 -9.55 1.79 39.87
CA GLU A 10 -8.21 2.30 40.20
C GLU A 10 -7.10 1.45 39.58
N ASP A 11 -7.29 0.14 39.61
CA ASP A 11 -6.29 -0.79 39.06
C ASP A 11 -6.39 -0.99 37.53
N ILE A 12 -7.56 -0.73 36.94
CA ILE A 12 -7.69 -0.91 35.49
C ILE A 12 -7.17 0.33 34.73
N MET A 13 -7.40 1.52 35.26
CA MET A 13 -6.87 2.74 34.66
C MET A 13 -5.35 2.78 34.78
N GLY A 14 -4.82 2.09 35.79
CA GLY A 14 -3.39 2.00 36.00
C GLY A 14 -2.72 1.25 34.88
N GLU A 15 -2.94 -0.07 34.80
CA GLU A 15 -2.35 -0.90 33.74
C GLU A 15 -2.65 -0.41 32.31
N ARG A 16 -3.78 0.26 32.10
CA ARG A 16 -4.09 0.83 30.79
C ARG A 16 -3.30 2.10 30.45
N PHE A 17 -3.37 3.11 31.31
CA PHE A 17 -2.72 4.38 30.99
C PHE A 17 -1.19 4.31 31.07
N GLY A 18 -0.68 3.54 32.02
CA GLY A 18 0.74 3.29 32.09
C GLY A 18 1.20 2.58 30.83
N ARG A 19 0.45 1.55 30.41
CA ARG A 19 0.75 0.81 29.18
C ARG A 19 0.92 1.76 28.01
N TYR A 20 -0.14 2.54 27.74
CA TYR A 20 -0.19 3.50 26.64
C TYR A 20 0.87 4.59 26.76
N SER A 21 0.88 5.27 27.91
CA SER A 21 1.85 6.34 28.15
C SER A 21 3.25 5.88 27.73
N LYS A 22 3.76 4.85 28.42
CA LYS A 22 5.10 4.32 28.14
C LYS A 22 5.36 4.19 26.65
N TYR A 23 4.39 3.64 25.91
CA TYR A 23 4.57 3.35 24.49
C TYR A 23 4.63 4.63 23.67
N ILE A 24 3.62 5.49 23.87
CA ILE A 24 3.54 6.74 23.12
C ILE A 24 4.73 7.70 23.45
N ILE A 25 5.39 7.50 24.59
CA ILE A 25 6.59 8.28 24.89
C ILE A 25 7.87 7.69 24.29
N GLN A 26 8.13 6.42 24.57
CA GLN A 26 9.33 5.74 24.08
C GLN A 26 9.32 5.42 22.60
N ASP A 27 8.13 5.27 22.02
CA ASP A 27 8.01 4.59 20.73
C ASP A 27 7.07 5.24 19.73
N ARG A 28 6.76 6.52 19.90
CA ARG A 28 5.88 7.18 18.94
C ARG A 28 6.21 8.64 18.67
N ALA A 29 5.99 9.47 19.69
CA ALA A 29 5.90 10.91 19.51
C ALA A 29 7.23 11.63 19.64
N LEU A 30 8.19 11.00 20.30
CA LEU A 30 9.42 11.67 20.67
C LEU A 30 10.62 11.05 20.00
N PRO A 31 11.59 11.89 19.57
CA PRO A 31 12.80 11.47 18.85
C PRO A 31 13.87 10.89 19.76
N ASP A 32 14.55 9.85 19.30
CA ASP A 32 15.78 9.39 19.97
C ASP A 32 16.76 10.56 19.92
N ILE A 33 17.41 10.84 21.03
CA ILE A 33 18.29 12.01 21.12
C ILE A 33 19.51 11.95 20.18
N ARG A 34 19.87 10.75 19.70
CA ARG A 34 21.06 10.62 18.87
C ARG A 34 20.87 10.70 17.35
N ASP A 35 19.82 10.09 16.80
CA ASP A 35 19.61 10.17 15.35
C ASP A 35 18.42 11.05 14.95
N GLY A 36 17.74 11.61 15.93
CA GLY A 36 16.70 12.60 15.70
C GLY A 36 15.37 12.07 15.20
N LEU A 37 15.26 10.75 15.13
CA LEU A 37 14.10 10.12 14.50
C LEU A 37 13.10 9.58 15.50
N LYS A 38 11.81 9.73 15.17
CA LYS A 38 10.77 8.97 15.86
C LYS A 38 10.67 7.65 15.11
N PRO A 39 10.24 6.59 15.82
CA PRO A 39 10.32 5.24 15.22
C PRO A 39 9.71 5.16 13.80
N VAL A 40 8.58 5.83 13.53
CA VAL A 40 8.00 5.79 12.19
C VAL A 40 8.98 6.29 11.13
N GLN A 41 9.51 7.51 11.31
CA GLN A 41 10.56 8.00 10.41
C GLN A 41 11.73 7.00 10.21
N ARG A 42 12.28 6.48 11.32
CA ARG A 42 13.36 5.48 11.21
C ARG A 42 12.95 4.28 10.36
N ARG A 43 11.78 3.72 10.64
CA ARG A 43 11.28 2.59 9.87
C ARG A 43 11.19 2.95 8.41
N ILE A 44 10.61 4.11 8.13
CA ILE A 44 10.57 4.60 6.76
C ILE A 44 11.96 4.59 6.07
N LEU A 45 12.96 5.23 6.68
CA LEU A 45 14.28 5.24 6.05
C LEU A 45 14.95 3.86 5.96
N TYR A 46 14.82 3.05 6.99
CA TYR A 46 15.50 1.76 6.98
C TYR A 46 14.87 0.85 5.90
N SER A 47 13.55 0.93 5.77
CA SER A 47 12.85 0.13 4.80
C SER A 47 13.26 0.53 3.38
N MET A 48 13.10 1.81 3.07
CA MET A 48 13.42 2.26 1.71
C MET A 48 14.87 1.90 1.36
N ASN A 49 15.73 1.99 2.36
CA ASN A 49 17.11 1.66 2.14
C ASN A 49 17.32 0.17 1.87
N LYS A 50 16.63 -0.68 2.62
CA LYS A 50 16.78 -2.13 2.45
C LYS A 50 16.36 -2.45 1.04
N ASP A 51 15.45 -1.62 0.53
CA ASP A 51 14.82 -1.82 -0.77
C ASP A 51 15.60 -1.18 -1.93
N SER A 52 16.70 -0.52 -1.63
CA SER A 52 17.54 0.08 -2.65
C SER A 52 16.87 1.27 -3.33
N ASN A 53 15.92 1.87 -2.63
CA ASN A 53 15.18 3.01 -3.15
C ASN A 53 15.96 4.26 -2.72
N THR A 54 17.08 4.48 -3.41
CA THR A 54 18.04 5.46 -2.94
C THR A 54 18.24 6.59 -3.95
N PHE A 55 18.91 7.65 -3.52
CA PHE A 55 18.95 8.90 -4.30
C PHE A 55 19.47 8.68 -5.73
N ASP A 56 20.13 7.55 -5.95
CA ASP A 56 20.87 7.30 -7.20
C ASP A 56 20.13 6.34 -8.15
N LYS A 57 18.88 6.07 -7.84
CA LYS A 57 18.15 5.02 -8.51
C LYS A 57 16.72 5.49 -8.78
N SER A 58 16.06 4.93 -9.79
CA SER A 58 14.73 5.39 -10.19
C SER A 58 13.83 5.56 -8.99
N TYR A 59 12.90 6.52 -9.06
CA TYR A 59 11.92 6.68 -7.98
C TYR A 59 11.01 5.45 -7.95
N ARG A 60 10.46 5.12 -6.77
CA ARG A 60 9.46 4.05 -6.65
C ARG A 60 8.06 4.65 -6.40
N LYS A 61 7.00 3.92 -6.75
CA LYS A 61 5.67 4.39 -6.39
C LYS A 61 5.56 4.40 -4.85
N SER A 62 5.13 5.52 -4.30
CA SER A 62 5.00 5.62 -2.85
C SER A 62 4.23 4.43 -2.25
N ALA A 63 3.16 3.99 -2.92
CA ALA A 63 2.38 2.91 -2.38
C ALA A 63 3.22 1.61 -2.18
N LYS A 64 4.21 1.40 -3.03
CA LYS A 64 5.03 0.19 -2.90
C LYS A 64 5.82 0.31 -1.62
N SER A 65 6.46 1.46 -1.45
CA SER A 65 7.29 1.70 -0.26
C SER A 65 6.47 1.55 1.02
N VAL A 66 5.37 2.29 1.06
CA VAL A 66 4.51 2.36 2.24
C VAL A 66 4.01 0.99 2.68
N GLY A 67 3.57 0.20 1.72
CA GLY A 67 3.07 -1.12 2.04
C GLY A 67 4.17 -2.01 2.57
N ASN A 68 5.41 -1.74 2.15
CA ASN A 68 6.52 -2.57 2.55
C ASN A 68 6.96 -2.22 3.96
N ILE A 69 6.85 -0.94 4.29
CA ILE A 69 7.07 -0.47 5.64
C ILE A 69 6.05 -1.13 6.56
N MET A 70 4.80 -1.06 6.13
CA MET A 70 3.66 -1.56 6.90
C MET A 70 3.69 -3.08 7.17
N GLY A 71 4.29 -3.85 6.28
CA GLY A 71 4.28 -5.28 6.44
C GLY A 71 5.54 -5.77 7.10
N ASN A 72 6.57 -4.95 7.12
CA ASN A 72 7.84 -5.42 7.69
C ASN A 72 8.16 -4.83 9.05
N PHE A 73 7.79 -3.57 9.27
CA PHE A 73 8.27 -2.85 10.45
C PHE A 73 7.23 -2.04 11.24
N HIS A 74 6.51 -1.16 10.56
CA HIS A 74 5.56 -0.28 11.24
C HIS A 74 4.15 -0.77 11.13
N PRO A 75 3.63 -1.39 12.19
CA PRO A 75 2.30 -1.99 12.10
C PRO A 75 1.16 -0.99 12.36
N HIS A 76 0.96 0.00 11.49
CA HIS A 76 -0.09 1.00 11.69
C HIS A 76 -0.67 1.52 10.37
N GLY A 77 -1.34 2.67 10.44
CA GLY A 77 -1.99 3.25 9.28
C GLY A 77 -1.09 3.39 8.07
N ASP A 78 -1.60 3.03 6.90
CA ASP A 78 -0.83 3.29 5.69
C ASP A 78 -0.78 4.81 5.49
N SER A 79 -1.86 5.50 5.86
CA SER A 79 -1.91 6.96 5.78
C SER A 79 -0.87 7.64 6.70
N SER A 80 -0.88 7.29 7.99
CA SER A 80 0.11 7.83 8.92
C SER A 80 1.50 7.68 8.32
N ILE A 81 1.85 6.46 7.96
CA ILE A 81 3.15 6.20 7.35
C ILE A 81 3.41 7.11 6.16
N TYR A 82 2.48 7.18 5.21
CA TYR A 82 2.63 8.09 4.08
C TYR A 82 2.82 9.54 4.55
N ASP A 83 1.82 10.08 5.23
CA ASP A 83 1.90 11.46 5.70
C ASP A 83 3.28 11.80 6.31
N ALA A 84 3.87 10.84 7.00
CA ALA A 84 5.23 10.97 7.53
C ALA A 84 6.28 11.06 6.42
N MET A 85 6.25 10.07 5.54
CA MET A 85 7.06 10.04 4.32
C MET A 85 6.99 11.38 3.54
N VAL A 86 5.78 11.89 3.35
CA VAL A 86 5.57 13.13 2.63
C VAL A 86 6.24 14.30 3.38
N ARG A 87 6.16 14.27 4.71
CA ARG A 87 6.70 15.40 5.45
C ARG A 87 8.23 15.44 5.36
N MET A 88 8.86 14.26 5.46
CA MET A 88 10.31 14.19 5.36
C MET A 88 10.80 14.62 3.96
N SER A 89 9.87 15.05 3.11
CA SER A 89 10.22 15.43 1.75
C SER A 89 9.82 16.88 1.44
N GLN A 90 9.17 17.52 2.40
CA GLN A 90 8.76 18.90 2.18
C GLN A 90 9.89 19.81 2.59
N ASN A 91 10.46 20.50 1.62
CA ASN A 91 11.66 21.30 1.85
C ASN A 91 11.41 22.56 2.68
N TRP A 92 10.16 22.81 3.05
CA TRP A 92 9.82 23.95 3.94
C TRP A 92 9.45 23.52 5.37
N LYS A 93 9.55 22.23 5.65
CA LYS A 93 9.39 21.70 7.01
C LYS A 93 10.73 21.12 7.48
N ASN A 94 11.44 20.46 6.57
CA ASN A 94 12.78 19.99 6.90
C ASN A 94 13.92 20.88 6.34
N ARG A 95 14.90 21.17 7.20
CA ARG A 95 16.01 22.03 6.82
C ARG A 95 16.82 21.28 5.79
N GLU A 96 16.87 19.97 5.98
CA GLU A 96 17.58 19.09 5.08
C GLU A 96 16.72 17.84 4.76
N ILE A 97 15.92 17.87 3.69
CA ILE A 97 14.95 16.77 3.46
C ILE A 97 15.61 15.42 3.24
N LEU A 98 15.02 14.40 3.87
CA LEU A 98 15.52 13.02 3.82
C LEU A 98 14.84 12.18 2.74
N VAL A 99 13.77 12.70 2.17
CA VAL A 99 13.03 11.94 1.19
C VAL A 99 12.81 12.83 -0.02
N GLU A 100 13.07 12.30 -1.21
CA GLU A 100 12.78 12.99 -2.44
C GLU A 100 11.53 12.41 -3.10
N MET A 101 10.53 13.26 -3.32
CA MET A 101 9.24 12.81 -3.84
C MET A 101 8.85 13.55 -5.12
N HIS A 102 8.70 12.78 -6.21
CA HIS A 102 8.16 13.27 -7.48
C HIS A 102 6.65 13.42 -7.34
N GLY A 103 6.12 14.58 -7.70
CA GLY A 103 4.69 14.80 -7.69
C GLY A 103 4.21 15.75 -6.61
N ASN A 104 2.91 16.04 -6.62
CA ASN A 104 2.30 16.92 -5.63
C ASN A 104 2.52 16.40 -4.20
N ASN A 105 3.40 17.05 -3.46
CA ASN A 105 3.61 16.65 -2.08
C ASN A 105 3.23 17.76 -1.13
N GLY A 106 2.45 18.71 -1.65
CA GLY A 106 1.98 19.83 -0.85
C GLY A 106 2.66 21.13 -1.17
N SER A 107 2.28 22.17 -0.44
CA SER A 107 2.87 23.49 -0.61
C SER A 107 2.90 24.23 0.74
N MET A 108 3.58 25.37 0.77
CA MET A 108 3.54 26.22 1.95
C MET A 108 2.14 26.78 2.14
N ASP A 109 1.29 26.57 1.14
CA ASP A 109 -0.12 26.95 1.23
C ASP A 109 -0.91 25.83 1.91
N GLY A 110 -0.24 24.70 2.11
CA GLY A 110 -0.82 23.62 2.88
C GLY A 110 -2.04 23.03 2.22
N ASP A 111 -2.03 22.96 0.89
CA ASP A 111 -2.96 22.10 0.20
C ASP A 111 -2.39 20.69 0.32
N PRO A 112 -3.26 19.69 0.37
CA PRO A 112 -2.80 18.34 0.71
C PRO A 112 -1.97 17.80 -0.42
N PRO A 113 -1.01 16.92 -0.11
CA PRO A 113 -0.20 16.23 -1.12
C PRO A 113 -1.07 15.31 -1.98
N ALA A 114 -0.60 14.97 -3.18
CA ALA A 114 -1.27 13.95 -3.98
C ALA A 114 -1.34 12.67 -3.17
N ALA A 115 -2.33 11.83 -3.47
CA ALA A 115 -2.54 10.60 -2.72
C ALA A 115 -1.44 9.59 -3.00
N MET A 116 -1.15 8.79 -2.00
CA MET A 116 -0.11 7.75 -2.09
C MET A 116 -0.02 7.02 -3.45
N ARG A 117 -1.15 6.96 -4.16
CA ARG A 117 -1.22 6.19 -5.40
CA ARG A 117 -1.20 6.18 -5.39
C ARG A 117 -0.60 6.93 -6.59
N TYR A 118 -0.35 8.22 -6.42
CA TYR A 118 0.16 9.07 -7.50
C TYR A 118 1.66 9.35 -7.40
N THR A 119 2.16 9.51 -6.19
CA THR A 119 3.50 10.02 -6.00
C THR A 119 4.56 8.93 -6.13
N GLU A 120 5.78 9.33 -6.46
CA GLU A 120 6.94 8.46 -6.36
C GLU A 120 7.95 9.07 -5.39
N ALA A 121 8.89 8.27 -4.91
CA ALA A 121 9.85 8.76 -3.93
C ALA A 121 11.08 7.87 -3.82
N ARG A 122 12.10 8.43 -3.17
CA ARG A 122 13.35 7.74 -2.88
C ARG A 122 14.04 8.50 -1.78
N LEU A 123 15.02 7.86 -1.13
CA LEU A 123 15.80 8.55 -0.10
C LEU A 123 16.63 9.64 -0.77
N SER A 124 16.81 10.76 -0.08
CA SER A 124 17.69 11.81 -0.54
C SER A 124 19.13 11.37 -0.33
N GLU A 125 20.08 11.99 -1.02
CA GLU A 125 21.48 11.63 -0.79
C GLU A 125 21.86 11.79 0.70
N ILE A 126 21.46 12.88 1.33
CA ILE A 126 21.83 13.08 2.71
C ILE A 126 21.28 11.97 3.61
N ALA A 127 20.08 11.50 3.28
CA ALA A 127 19.44 10.42 4.04
C ALA A 127 20.38 9.22 4.16
N GLY A 128 21.09 8.95 3.08
CA GLY A 128 22.02 7.86 3.06
C GLY A 128 23.03 8.02 4.16
N TYR A 129 23.46 9.24 4.38
CA TYR A 129 24.41 9.50 5.45
C TYR A 129 23.87 9.16 6.83
N LEU A 130 22.57 9.37 7.08
CA LEU A 130 21.94 8.78 8.26
C LEU A 130 22.08 7.25 8.37
N LEU A 131 22.20 6.56 7.24
CA LEU A 131 22.18 5.10 7.24
C LEU A 131 23.56 4.52 7.03
N GLN A 132 24.53 5.41 6.91
CA GLN A 132 25.89 4.99 6.58
C GLN A 132 26.36 3.87 7.52
N ASP A 133 26.88 2.80 6.95
CA ASP A 133 27.50 1.76 7.75
C ASP A 133 26.55 0.86 8.55
N ILE A 134 25.23 1.05 8.39
CA ILE A 134 24.24 0.15 9.03
C ILE A 134 24.50 -1.35 8.76
N GLU A 135 25.08 -1.62 7.61
CA GLU A 135 25.36 -2.99 7.21
C GLU A 135 26.62 -3.53 7.87
N LYS A 136 27.20 -2.76 8.79
CA LYS A 136 28.42 -3.23 9.46
C LYS A 136 28.23 -3.50 10.94
N LYS A 137 27.00 -3.75 11.36
CA LYS A 137 26.73 -4.11 12.75
C LYS A 137 27.26 -2.99 13.63
N THR A 138 26.80 -1.78 13.33
CA THR A 138 27.18 -0.58 14.09
C THR A 138 26.10 -0.07 15.05
N VAL A 139 24.92 -0.67 15.01
CA VAL A 139 23.80 -0.23 15.82
C VAL A 139 22.99 -1.44 16.23
N PRO A 140 22.50 -1.46 17.49
CA PRO A 140 21.63 -2.51 18.00
C PRO A 140 20.34 -2.71 17.19
N PHE A 141 20.05 -3.97 16.88
CA PHE A 141 18.81 -4.31 16.20
C PHE A 141 17.85 -5.02 17.16
N ALA A 142 16.56 -4.89 16.92
CA ALA A 142 15.56 -5.63 17.68
C ALA A 142 14.73 -6.43 16.71
N TRP A 143 13.79 -7.21 17.22
CA TRP A 143 12.85 -7.92 16.36
C TRP A 143 11.69 -7.02 16.00
N ASN A 144 11.20 -7.17 14.78
CA ASN A 144 9.98 -6.48 14.40
C ASN A 144 8.79 -7.09 15.16
N PHE A 145 7.61 -6.51 15.00
CA PHE A 145 6.40 -7.05 15.61
C PHE A 145 6.20 -8.54 15.27
N ASP A 146 6.58 -8.92 14.04
CA ASP A 146 6.40 -10.27 13.53
C ASP A 146 7.25 -11.29 14.29
N ASP A 147 8.34 -10.83 14.90
CA ASP A 147 9.47 -11.70 15.24
C ASP A 147 9.89 -12.51 14.02
N THR A 148 10.00 -11.84 12.87
CA THR A 148 10.43 -12.45 11.63
C THR A 148 11.63 -11.70 11.04
N GLU A 149 11.75 -10.41 11.38
CA GLU A 149 12.84 -9.59 10.85
C GLU A 149 13.38 -8.66 11.93
N LYS A 150 14.71 -8.52 11.96
CA LYS A 150 15.34 -7.52 12.83
C LYS A 150 15.19 -6.12 12.22
N GLU A 151 15.30 -5.09 13.06
CA GLU A 151 15.27 -3.70 12.60
C GLU A 151 16.09 -2.82 13.55
N PRO A 152 16.72 -1.77 13.02
CA PRO A 152 17.63 -0.99 13.83
C PRO A 152 16.85 -0.12 14.82
N THR A 153 17.34 -0.03 16.05
CA THR A 153 16.71 0.77 17.11
C THR A 153 17.08 2.24 17.03
N VAL A 154 18.27 2.51 16.50
CA VAL A 154 18.74 3.87 16.21
C VAL A 154 19.58 3.82 14.92
N LEU A 155 19.62 4.88 14.13
CA LEU A 155 20.52 4.87 12.98
C LEU A 155 21.92 5.37 13.31
N PRO A 156 22.90 5.05 12.47
CA PRO A 156 24.31 5.44 12.64
C PRO A 156 24.58 6.96 12.64
N ALA A 157 23.62 7.74 12.17
CA ALA A 157 23.69 9.20 12.13
C ALA A 157 25.07 9.85 11.82
N ALA A 158 25.48 9.75 10.56
CA ALA A 158 26.73 10.37 10.10
C ALA A 158 26.69 11.91 10.12
N PHE A 159 25.50 12.49 10.21
CA PHE A 159 25.38 13.88 10.62
C PHE A 159 24.38 13.96 11.79
N PRO A 160 24.41 15.06 12.56
CA PRO A 160 23.53 15.19 13.75
C PRO A 160 22.11 15.71 13.45
N ASN A 161 21.26 14.79 13.03
CA ASN A 161 19.91 15.09 12.54
C ASN A 161 19.04 15.86 13.52
N LEU A 162 19.08 15.49 14.80
CA LEU A 162 18.19 16.08 15.82
C LEU A 162 18.14 17.60 15.72
N LEU A 163 19.30 18.23 15.68
CA LEU A 163 19.34 19.67 15.62
C LEU A 163 19.12 20.16 14.21
N VAL A 164 19.81 19.55 13.25
CA VAL A 164 19.67 19.95 11.85
C VAL A 164 18.22 20.02 11.39
N ASN A 165 17.45 18.96 11.64
CA ASN A 165 16.09 18.88 11.10
C ASN A 165 14.97 19.19 12.06
N GLY A 166 15.25 19.04 13.34
CA GLY A 166 14.29 19.38 14.37
C GLY A 166 13.36 18.23 14.69
N SER A 167 12.29 18.54 15.42
CA SER A 167 11.35 17.54 15.88
C SER A 167 10.17 18.21 16.57
N THR A 168 8.99 17.65 16.38
CA THR A 168 7.77 18.10 17.04
C THR A 168 6.80 16.95 16.85
N GLY A 169 6.20 16.38 17.91
CA GLY A 169 6.46 16.66 19.31
C GLY A 169 5.24 16.74 20.24
N ILE A 170 4.28 15.80 20.15
CA ILE A 170 3.23 15.71 21.20
C ILE A 170 2.94 14.29 21.69
N SER A 171 2.95 14.12 23.00
CA SER A 171 2.97 12.81 23.62
C SER A 171 2.03 12.76 24.81
N ALA A 172 2.48 12.19 25.92
CA ALA A 172 1.71 12.17 27.16
C ALA A 172 2.62 12.51 28.35
N GLY A 173 2.28 13.59 29.07
CA GLY A 173 3.13 14.06 30.14
C GLY A 173 4.31 14.82 29.58
N TYR A 174 4.55 14.68 28.28
CA TYR A 174 5.64 15.42 27.64
C TYR A 174 5.29 15.87 26.22
N ALA A 175 6.02 16.85 25.72
CA ALA A 175 5.93 17.22 24.31
C ALA A 175 7.31 17.70 23.85
N THR A 176 7.49 17.89 22.56
CA THR A 176 8.79 18.33 22.09
C THR A 176 8.71 19.28 20.91
N ASP A 177 9.46 20.38 21.01
CA ASP A 177 9.64 21.30 19.91
C ASP A 177 11.09 21.68 19.83
N ILE A 178 11.78 21.12 18.84
CA ILE A 178 13.16 21.45 18.54
C ILE A 178 13.21 22.00 17.12
N PRO A 179 13.72 23.22 16.94
CA PRO A 179 13.75 23.84 15.62
C PRO A 179 14.95 23.33 14.83
N PRO A 180 14.94 23.46 13.50
CA PRO A 180 16.08 23.02 12.67
C PRO A 180 17.27 24.00 12.73
N HIS A 181 18.45 23.51 12.38
CA HIS A 181 19.62 24.36 12.39
C HIS A 181 20.48 24.13 11.17
N ASN A 182 21.36 25.08 10.89
CA ASN A 182 22.34 24.96 9.83
C ASN A 182 23.33 23.79 10.01
N LEU A 183 23.33 22.87 9.04
CA LEU A 183 24.23 21.71 9.03
C LEU A 183 25.66 22.12 9.40
N ALA A 184 26.19 23.10 8.69
CA ALA A 184 27.58 23.52 8.95
C ALA A 184 27.77 24.03 10.37
N GLU A 185 26.85 24.86 10.86
CA GLU A 185 27.00 25.40 12.21
C GLU A 185 27.01 24.30 13.25
N VAL A 186 26.06 23.37 13.16
CA VAL A 186 25.99 22.26 14.10
C VAL A 186 27.26 21.44 14.10
N ILE A 187 27.70 21.05 12.91
CA ILE A 187 28.94 20.30 12.81
C ILE A 187 30.15 21.06 13.38
N ASP A 188 30.19 22.37 13.17
CA ASP A 188 31.28 23.16 13.73
C ASP A 188 31.28 23.06 15.27
N ALA A 189 30.10 23.16 15.87
CA ALA A 189 29.96 23.03 17.31
C ALA A 189 30.40 21.65 17.79
N ALA A 190 29.90 20.61 17.15
CA ALA A 190 30.24 19.26 17.56
C ALA A 190 31.74 19.00 17.46
N VAL A 191 32.36 19.49 16.39
CA VAL A 191 33.81 19.36 16.26
C VAL A 191 34.55 20.07 17.40
N TYR A 192 34.02 21.21 17.86
CA TYR A 192 34.65 21.92 18.96
C TYR A 192 34.51 21.16 20.27
N MET A 193 33.33 20.64 20.51
CA MET A 193 33.07 19.86 21.70
C MET A 193 33.91 18.56 21.70
N ILE A 194 34.23 18.05 20.51
CA ILE A 194 34.99 16.82 20.46
C ILE A 194 36.35 17.10 21.07
N ASP A 195 36.93 18.24 20.67
CA ASP A 195 38.24 18.69 21.12
C ASP A 195 38.18 19.30 22.52
N HIS A 196 37.00 19.69 22.96
CA HIS A 196 36.81 20.41 24.21
C HIS A 196 35.55 20.00 24.98
N PRO A 197 35.54 18.77 25.49
CA PRO A 197 34.35 18.15 26.14
C PRO A 197 33.60 19.11 27.05
N THR A 198 34.32 19.78 27.92
CA THR A 198 33.71 20.66 28.91
C THR A 198 33.40 22.04 28.36
N ALA A 199 33.05 22.13 27.09
CA ALA A 199 32.83 23.44 26.48
C ALA A 199 31.57 24.13 27.02
N LYS A 200 31.68 25.42 27.31
CA LYS A 200 30.54 26.20 27.83
C LYS A 200 29.60 26.70 26.72
N ILE A 201 28.31 26.86 27.03
CA ILE A 201 27.36 27.32 26.00
C ILE A 201 27.86 28.55 25.27
N ASP A 202 28.28 29.55 26.03
CA ASP A 202 28.68 30.81 25.43
C ASP A 202 29.67 30.60 24.28
N LYS A 203 30.52 29.60 24.43
CA LYS A 203 31.56 29.33 23.44
C LYS A 203 31.00 28.50 22.28
N LEU A 204 30.19 27.50 22.59
CA LEU A 204 29.50 26.75 21.55
C LEU A 204 28.65 27.66 20.67
N MET A 205 28.10 28.73 21.24
CA MET A 205 27.27 29.65 20.46
C MET A 205 28.04 30.54 19.49
N GLU A 206 29.37 30.50 19.55
CA GLU A 206 30.20 31.18 18.54
C GLU A 206 30.14 30.38 17.23
N PHE A 207 29.80 29.11 17.33
CA PHE A 207 29.76 28.26 16.16
C PHE A 207 28.34 27.99 15.71
N LEU A 208 27.43 27.95 16.69
CA LEU A 208 26.04 27.55 16.53
C LEU A 208 25.17 28.59 17.20
N PRO A 209 25.01 29.76 16.56
CA PRO A 209 24.41 30.96 17.16
C PRO A 209 22.90 30.91 17.27
N GLY A 210 22.26 30.02 16.54
CA GLY A 210 20.81 29.89 16.65
C GLY A 210 20.18 28.93 15.67
N PRO A 211 18.84 28.83 15.73
CA PRO A 211 18.12 27.98 14.78
C PRO A 211 18.31 28.53 13.38
N ASP A 212 18.12 27.70 12.37
CA ASP A 212 18.13 28.15 11.00
C ASP A 212 16.93 27.52 10.29
N PHE A 213 15.80 28.21 10.34
CA PHE A 213 14.60 27.72 9.69
C PHE A 213 14.79 27.64 8.17
N PRO A 214 14.22 26.60 7.56
CA PRO A 214 14.35 26.43 6.11
C PRO A 214 13.48 27.45 5.37
N THR A 215 12.50 28.01 6.06
CA THR A 215 11.69 29.10 5.52
C THR A 215 12.37 30.45 5.77
N GLY A 216 13.58 30.39 6.29
CA GLY A 216 14.33 31.56 6.72
C GLY A 216 13.63 32.56 7.65
N ALA A 217 13.78 33.83 7.33
CA ALA A 217 13.23 34.93 8.12
C ALA A 217 14.14 35.46 9.25
N ILE A 218 13.55 36.15 10.19
CA ILE A 218 14.29 36.84 11.24
C ILE A 218 14.00 36.26 12.63
N ILE A 219 15.04 35.73 13.29
CA ILE A 219 14.91 35.24 14.66
C ILE A 219 15.45 36.26 15.68
N GLN A 220 14.57 36.73 16.56
CA GLN A 220 14.92 37.78 17.51
C GLN A 220 14.94 37.28 18.97
N GLY A 221 16.09 37.37 19.63
CA GLY A 221 16.20 37.13 21.06
C GLY A 221 17.44 36.35 21.46
N ARG A 222 18.61 36.94 21.28
CA ARG A 222 19.85 36.23 21.56
C ARG A 222 19.82 35.68 22.98
N ASP A 223 19.21 36.42 23.90
CA ASP A 223 19.18 35.97 25.29
C ASP A 223 18.37 34.68 25.47
N GLU A 224 17.16 34.63 24.94
CA GLU A 224 16.34 33.42 25.03
C GLU A 224 16.92 32.21 24.24
N ILE A 225 17.62 32.49 23.15
CA ILE A 225 18.29 31.40 22.46
C ILE A 225 19.29 30.75 23.42
N LYS A 226 20.04 31.58 24.14
CA LYS A 226 20.96 31.12 25.17
C LYS A 226 20.17 30.30 26.19
N LYS A 227 19.13 30.90 26.76
CA LYS A 227 18.33 30.26 27.80
C LYS A 227 17.95 28.87 27.32
N ALA A 228 17.58 28.80 26.05
CA ALA A 228 17.05 27.55 25.52
C ALA A 228 18.17 26.54 25.36
N TYR A 229 19.30 26.99 24.81
CA TYR A 229 20.41 26.09 24.63
C TYR A 229 20.90 25.58 25.99
N GLU A 230 20.53 26.30 27.05
CA GLU A 230 20.98 25.94 28.41
C GLU A 230 20.03 24.97 29.10
N THR A 231 18.74 25.32 29.13
CA THR A 231 17.75 24.52 29.84
C THR A 231 16.84 23.73 28.89
N GLY A 232 16.95 23.99 27.60
CA GLY A 232 16.10 23.32 26.64
C GLY A 232 14.71 23.95 26.50
N LYS A 233 14.42 24.99 27.28
CA LYS A 233 13.20 25.77 27.07
C LYS A 233 13.58 27.24 26.85
N GLY A 234 12.74 27.97 26.13
CA GLY A 234 13.02 29.34 25.77
C GLY A 234 12.06 29.81 24.67
N ARG A 235 11.63 31.07 24.73
CA ARG A 235 10.63 31.64 23.83
C ARG A 235 11.32 32.71 22.99
N VAL A 236 11.36 32.50 21.68
CA VAL A 236 12.06 33.43 20.80
C VAL A 236 11.02 34.08 19.87
N VAL A 237 11.39 35.13 19.15
CA VAL A 237 10.45 35.72 18.18
C VAL A 237 10.90 35.46 16.74
N VAL A 238 9.97 35.07 15.88
CA VAL A 238 10.28 34.93 14.47
C VAL A 238 9.46 35.88 13.62
N ARG A 239 10.15 36.74 12.88
CA ARG A 239 9.46 37.78 12.12
C ARG A 239 9.78 37.74 10.64
N SER A 240 8.78 38.09 9.84
CA SER A 240 8.88 37.94 8.39
C SER A 240 9.83 38.95 7.74
N LYS A 241 10.51 38.54 6.66
CA LYS A 241 11.40 39.44 5.94
C LYS A 241 10.58 40.42 5.11
N THR A 242 10.73 41.72 5.38
CA THR A 242 9.90 42.72 4.73
C THR A 242 10.69 43.86 4.08
N GLU A 243 10.42 44.08 2.80
CA GLU A 243 10.96 45.22 2.07
C GLU A 243 9.81 46.21 1.91
N ILE A 244 10.11 47.46 1.54
CA ILE A 244 9.05 48.41 1.25
C ILE A 244 9.25 49.11 -0.11
N GLU A 245 8.31 48.92 -1.02
CA GLU A 245 8.38 49.51 -2.36
C GLU A 245 7.48 50.73 -2.50
N LYS A 246 7.99 51.76 -3.16
CA LYS A 246 7.18 52.95 -3.43
C LYS A 246 6.43 52.69 -4.74
N LEU A 247 5.21 53.20 -4.85
CA LEU A 247 4.40 53.01 -6.04
C LEU A 247 4.04 54.37 -6.64
N LYS A 248 4.00 54.46 -7.96
CA LYS A 248 3.72 55.73 -8.64
C LYS A 248 2.36 56.32 -8.24
N GLY A 249 2.31 56.98 -7.08
CA GLY A 249 1.10 57.66 -6.65
C GLY A 249 1.21 58.27 -5.27
N GLY A 250 2.39 58.18 -4.67
CA GLY A 250 2.58 58.60 -3.29
C GLY A 250 2.14 57.50 -2.34
N LYS A 251 1.84 56.34 -2.91
CA LYS A 251 1.44 55.16 -2.14
C LYS A 251 2.65 54.30 -1.85
N GLU A 252 2.54 53.43 -0.85
CA GLU A 252 3.62 52.51 -0.54
C GLU A 252 3.12 51.08 -0.50
N GLN A 253 4.05 50.14 -0.60
CA GLN A 253 3.74 48.71 -0.59
C GLN A 253 4.65 47.95 0.36
N ILE A 254 4.05 47.20 1.29
CA ILE A 254 4.83 46.30 2.14
C ILE A 254 4.99 44.96 1.42
N VAL A 255 6.22 44.51 1.22
CA VAL A 255 6.43 43.26 0.48
C VAL A 255 7.12 42.17 1.28
N ILE A 256 6.35 41.15 1.63
CA ILE A 256 6.85 40.02 2.40
C ILE A 256 7.51 38.99 1.49
N THR A 257 8.68 38.50 1.89
CA THR A 257 9.48 37.60 1.04
C THR A 257 9.83 36.31 1.76
N GLU A 258 9.89 36.36 3.09
CA GLU A 258 10.06 35.15 3.90
C GLU A 258 9.08 35.18 5.06
N ILE A 259 8.56 34.02 5.44
CA ILE A 259 7.69 33.95 6.61
C ILE A 259 8.13 32.95 7.68
N PRO A 260 7.46 32.99 8.83
CA PRO A 260 7.82 32.22 10.01
C PRO A 260 7.61 30.72 9.81
N TYR A 261 8.60 29.94 10.23
CA TYR A 261 8.48 28.48 10.24
C TYR A 261 7.13 28.01 10.78
N GLU A 262 6.56 27.02 10.09
CA GLU A 262 5.28 26.37 10.46
C GLU A 262 4.06 27.23 10.21
N ILE A 263 4.23 28.30 9.45
CA ILE A 263 3.12 29.17 9.15
C ILE A 263 2.61 28.94 7.74
N ASN A 264 1.29 28.77 7.66
CA ASN A 264 0.58 28.51 6.42
C ASN A 264 0.37 29.77 5.55
N LYS A 265 1.04 29.85 4.40
CA LYS A 265 1.04 31.07 3.59
C LYS A 265 -0.38 31.50 3.18
N ALA A 266 -1.20 30.53 2.78
CA ALA A 266 -2.56 30.82 2.34
C ALA A 266 -3.43 31.38 3.47
N ASN A 267 -3.29 30.83 4.67
CA ASN A 267 -4.06 31.30 5.82
C ASN A 267 -3.60 32.67 6.28
N LEU A 268 -2.30 32.92 6.18
CA LEU A 268 -1.75 34.23 6.51
C LEU A 268 -2.35 35.28 5.59
N VAL A 269 -2.21 35.04 4.29
CA VAL A 269 -2.74 35.98 3.33
C VAL A 269 -4.20 36.27 3.61
N LYS A 270 -4.98 35.23 3.91
CA LYS A 270 -6.40 35.41 4.26
C LYS A 270 -6.56 36.25 5.53
N LYS A 271 -5.83 35.91 6.59
CA LYS A 271 -6.00 36.60 7.86
C LYS A 271 -5.63 38.09 7.74
N ILE A 272 -4.72 38.39 6.81
CA ILE A 272 -4.32 39.77 6.54
C ILE A 272 -5.41 40.52 5.78
N ASP A 273 -5.89 39.95 4.67
CA ASP A 273 -7.03 40.51 3.97
C ASP A 273 -8.23 40.74 4.91
N ASP A 274 -8.35 39.88 5.93
CA ASP A 274 -9.40 40.07 6.95
C ASP A 274 -9.22 41.38 7.71
N VAL A 275 -7.96 41.70 8.03
CA VAL A 275 -7.65 43.01 8.58
C VAL A 275 -8.14 44.10 7.61
N ARG A 276 -7.76 43.99 6.35
CA ARG A 276 -8.24 44.93 5.34
C ARG A 276 -9.77 44.98 5.27
N VAL A 277 -10.41 43.81 5.30
CA VAL A 277 -11.85 43.75 5.06
C VAL A 277 -12.67 44.24 6.25
N ASN A 278 -12.19 43.96 7.46
CA ASN A 278 -12.83 44.47 8.67
C ASN A 278 -12.42 45.91 8.99
N ASN A 279 -11.29 46.33 8.42
CA ASN A 279 -10.74 47.66 8.65
C ASN A 279 -10.48 47.95 10.15
N LYS A 280 -9.83 46.99 10.81
CA LYS A 280 -9.43 47.07 12.21
C LYS A 280 -8.35 48.12 12.29
N VAL A 281 -7.64 48.23 11.18
CA VAL A 281 -6.53 49.15 11.04
C VAL A 281 -6.76 49.88 9.73
N ALA A 282 -6.58 51.20 9.75
CA ALA A 282 -6.84 51.99 8.55
C ALA A 282 -5.68 51.90 7.57
N GLY A 283 -5.99 51.85 6.27
CA GLY A 283 -4.97 52.05 5.26
C GLY A 283 -4.60 50.94 4.29
N ILE A 284 -5.15 49.74 4.47
CA ILE A 284 -4.87 48.64 3.53
C ILE A 284 -5.76 48.69 2.28
N ALA A 285 -5.11 48.69 1.11
CA ALA A 285 -5.82 48.88 -0.15
C ALA A 285 -6.08 47.55 -0.83
N GLU A 286 -5.10 46.66 -0.77
CA GLU A 286 -5.24 45.36 -1.37
C GLU A 286 -4.21 44.39 -0.78
N VAL A 287 -4.58 43.11 -0.65
CA VAL A 287 -3.60 42.09 -0.31
C VAL A 287 -3.46 41.11 -1.48
N ARG A 288 -2.23 40.92 -1.97
CA ARG A 288 -1.95 40.10 -3.16
C ARG A 288 -0.87 39.05 -2.93
N ASP A 289 -1.26 37.77 -2.90
CA ASP A 289 -0.25 36.72 -2.87
C ASP A 289 0.29 36.64 -4.29
N GLU A 290 1.59 36.90 -4.44
CA GLU A 290 2.20 37.00 -5.76
C GLU A 290 3.30 35.97 -5.94
N SER A 291 3.25 34.94 -5.11
CA SER A 291 4.22 33.86 -5.16
C SER A 291 4.03 32.99 -6.40
N ASP A 292 5.13 32.73 -7.10
CA ASP A 292 5.13 31.79 -8.21
C ASP A 292 6.06 30.62 -7.89
N ARG A 293 6.14 29.67 -8.81
CA ARG A 293 6.86 28.41 -8.55
C ARG A 293 8.32 28.61 -8.15
N ASP A 294 8.82 29.83 -8.27
CA ASP A 294 10.21 30.12 -7.93
C ASP A 294 10.39 31.45 -7.21
N GLY A 295 9.60 31.66 -6.17
CA GLY A 295 9.69 32.88 -5.39
C GLY A 295 8.49 33.05 -4.47
N LEU A 296 8.74 33.56 -3.27
CA LEU A 296 7.66 33.92 -2.35
C LEU A 296 7.51 35.44 -2.31
N ARG A 297 6.27 35.91 -2.38
CA ARG A 297 6.02 37.34 -2.47
C ARG A 297 4.58 37.72 -2.21
N ILE A 298 4.36 38.42 -1.10
CA ILE A 298 3.05 38.94 -0.76
C ILE A 298 3.16 40.46 -0.74
N ALA A 299 2.35 41.11 -1.57
CA ALA A 299 2.33 42.56 -1.62
C ALA A 299 1.16 43.03 -0.79
N ILE A 300 1.41 43.91 0.17
CA ILE A 300 0.33 44.61 0.85
C ILE A 300 0.33 46.07 0.40
N GLU A 301 -0.49 46.34 -0.60
CA GLU A 301 -0.64 47.68 -1.15
C GLU A 301 -1.42 48.56 -0.15
N LEU A 302 -0.78 49.64 0.30
CA LEU A 302 -1.44 50.60 1.18
C LEU A 302 -2.08 51.74 0.39
N LYS A 303 -2.92 52.52 1.07
CA LYS A 303 -3.54 53.69 0.45
C LYS A 303 -2.62 54.90 0.51
N LYS A 304 -2.97 55.96 -0.21
CA LYS A 304 -2.29 57.24 -0.06
C LYS A 304 -2.52 57.75 1.36
N ASP A 305 -1.54 58.42 1.94
CA ASP A 305 -1.65 58.96 3.29
C ASP A 305 -2.11 57.88 4.27
N ALA A 306 -1.24 56.90 4.49
CA ALA A 306 -1.58 55.72 5.26
C ALA A 306 -0.36 55.27 6.02
N ASN A 307 -0.40 55.41 7.35
CA ASN A 307 0.79 55.29 8.18
C ASN A 307 1.39 53.89 8.15
N THR A 308 2.36 53.67 7.28
CA THR A 308 2.79 52.30 7.01
C THR A 308 3.55 51.66 8.18
N GLU A 309 4.08 52.47 9.08
CA GLU A 309 4.70 51.90 10.28
C GLU A 309 3.59 51.25 11.11
N LEU A 310 2.50 52.01 11.26
CA LEU A 310 1.37 51.65 12.10
C LEU A 310 0.76 50.32 11.67
N VAL A 311 0.53 50.19 10.37
CA VAL A 311 -0.02 48.96 9.78
C VAL A 311 0.91 47.76 9.97
N LEU A 312 2.17 47.93 9.60
CA LEU A 312 3.13 46.83 9.71
C LEU A 312 3.22 46.34 11.14
N ASN A 313 3.18 47.27 12.08
CA ASN A 313 3.23 46.89 13.49
C ASN A 313 1.99 46.11 13.89
N TYR A 314 0.84 46.58 13.44
CA TYR A 314 -0.40 45.88 13.75
C TYR A 314 -0.39 44.45 13.22
N LEU A 315 -0.02 44.28 11.95
CA LEU A 315 0.06 42.93 11.39
C LEU A 315 1.07 42.06 12.13
N PHE A 316 2.23 42.60 12.51
CA PHE A 316 3.18 41.82 13.32
C PHE A 316 2.55 41.31 14.62
N LYS A 317 1.67 42.13 15.20
CA LYS A 317 1.06 41.78 16.49
C LYS A 317 -0.09 40.81 16.35
N TYR A 318 -1.10 41.22 15.56
CA TYR A 318 -2.37 40.52 15.44
C TYR A 318 -2.47 39.49 14.27
N THR A 319 -1.32 39.12 13.72
CA THR A 319 -1.28 38.02 12.79
C THR A 319 -0.03 37.18 13.04
N ASP A 320 0.24 36.28 12.10
CA ASP A 320 1.37 35.37 12.22
C ASP A 320 2.49 35.89 11.36
N LEU A 321 2.27 37.08 10.78
CA LEU A 321 3.34 37.79 10.09
C LEU A 321 4.54 37.77 11.02
N GLN A 322 4.22 37.70 12.32
CA GLN A 322 5.20 37.51 13.39
C GLN A 322 4.58 36.68 14.51
N ILE A 323 5.33 35.66 14.92
CA ILE A 323 4.90 34.69 15.91
C ILE A 323 5.98 34.53 16.96
N ASN A 324 5.64 33.89 18.07
CA ASN A 324 6.66 33.44 19.01
C ASN A 324 6.95 31.98 18.74
N TYR A 325 8.22 31.60 18.79
CA TYR A 325 8.58 30.19 18.71
C TYR A 325 9.07 29.70 20.08
N ASN A 326 8.45 28.65 20.58
CA ASN A 326 8.87 28.08 21.86
C ASN A 326 9.67 26.80 21.75
N PHE A 327 10.93 26.88 22.17
CA PHE A 327 11.78 25.72 22.40
C PHE A 327 11.15 24.85 23.48
N ASN A 328 11.13 23.54 23.25
CA ASN A 328 10.79 22.58 24.30
C ASN A 328 11.53 21.27 24.02
N MET A 329 12.85 21.39 24.00
CA MET A 329 13.70 20.29 23.57
C MET A 329 13.65 19.08 24.50
N VAL A 330 12.77 18.15 24.15
CA VAL A 330 12.71 16.85 24.80
C VAL A 330 13.07 15.76 23.79
N ALA A 331 13.75 14.73 24.24
CA ALA A 331 14.19 13.67 23.36
C ALA A 331 14.31 12.42 24.19
N ILE A 332 14.67 11.29 23.56
CA ILE A 332 14.89 10.07 24.32
C ILE A 332 16.38 9.72 24.50
N ASP A 333 16.86 9.92 25.72
CA ASP A 333 18.20 9.50 26.14
C ASP A 333 17.98 8.32 27.09
N ASN A 334 18.71 7.23 26.87
CA ASN A 334 18.54 6.02 27.67
C ASN A 334 17.08 5.56 27.91
N PHE A 335 16.29 5.50 26.84
CA PHE A 335 14.95 4.94 26.95
C PHE A 335 14.00 5.87 27.69
N THR A 336 14.53 7.01 28.08
CA THR A 336 13.81 7.91 28.94
C THR A 336 13.54 9.23 28.22
N PRO A 337 12.37 9.81 28.44
CA PRO A 337 12.11 11.19 28.00
C PRO A 337 12.97 12.14 28.84
N ARG A 338 13.65 13.10 28.21
CA ARG A 338 14.60 13.95 28.92
C ARG A 338 14.62 15.35 28.31
N GLN A 339 14.40 16.39 29.12
CA GLN A 339 14.54 17.75 28.61
C GLN A 339 16.01 18.10 28.59
N VAL A 340 16.48 18.62 27.47
CA VAL A 340 17.91 18.77 27.26
C VAL A 340 18.18 20.01 26.46
N GLY A 341 19.33 20.61 26.71
CA GLY A 341 19.74 21.78 25.96
C GLY A 341 20.83 21.37 24.99
N ILE A 342 21.52 22.36 24.46
CA ILE A 342 22.54 22.15 23.43
C ILE A 342 23.60 21.15 23.85
N VAL A 343 23.89 21.08 25.14
CA VAL A 343 25.05 20.33 25.58
C VAL A 343 24.89 18.80 25.67
N PRO A 344 23.92 18.31 26.46
CA PRO A 344 23.72 16.85 26.42
C PRO A 344 23.37 16.33 25.03
N ILE A 345 22.83 17.19 24.17
CA ILE A 345 22.51 16.80 22.80
C ILE A 345 23.79 16.49 22.02
N LEU A 346 24.69 17.46 21.96
CA LEU A 346 25.95 17.26 21.28
C LEU A 346 26.74 16.16 21.95
N SER A 347 26.55 16.04 23.25
CA SER A 347 27.33 15.07 24.00
C SER A 347 26.87 13.68 23.59
N SER A 348 25.55 13.48 23.56
CA SER A 348 24.96 12.19 23.24
C SER A 348 25.25 11.80 21.80
N TYR A 349 25.30 12.80 20.95
CA TYR A 349 25.60 12.57 19.56
C TYR A 349 27.01 12.02 19.50
N ILE A 350 27.96 12.81 19.98
CA ILE A 350 29.35 12.41 19.98
C ILE A 350 29.58 11.02 20.56
N ALA A 351 28.89 10.71 21.66
CA ALA A 351 29.05 9.40 22.31
C ALA A 351 28.61 8.29 21.39
N HIS A 352 27.54 8.58 20.66
CA HIS A 352 26.94 7.69 19.67
C HIS A 352 27.89 7.45 18.51
N ARG A 353 28.28 8.51 17.82
CA ARG A 353 29.28 8.39 16.76
C ARG A 353 30.52 7.60 17.20
N ARG A 354 30.85 7.68 18.49
CA ARG A 354 31.97 6.90 18.99
C ARG A 354 31.59 5.41 18.98
N GLU A 355 30.44 5.10 19.57
CA GLU A 355 29.94 3.73 19.58
C GLU A 355 29.95 3.12 18.19
N VAL A 356 29.40 3.88 17.23
CA VAL A 356 29.36 3.48 15.83
C VAL A 356 30.76 3.24 15.27
N ILE A 357 31.60 4.26 15.26
CA ILE A 357 32.95 4.12 14.75
C ILE A 357 33.73 2.95 15.39
N LEU A 358 33.57 2.77 16.69
CA LEU A 358 34.16 1.59 17.31
C LEU A 358 33.56 0.30 16.72
N ALA A 359 32.23 0.22 16.73
CA ALA A 359 31.54 -0.96 16.21
C ALA A 359 31.94 -1.27 14.77
N ARG A 360 32.08 -0.21 13.99
CA ARG A 360 32.27 -0.34 12.57
C ARG A 360 33.68 -0.85 12.33
N SER A 361 34.61 -0.35 13.12
CA SER A 361 36.00 -0.74 12.99
C SER A 361 36.23 -2.18 13.45
N ARG A 362 35.47 -2.64 14.45
CA ARG A 362 35.57 -4.02 14.91
C ARG A 362 35.11 -4.94 13.80
N PHE A 363 34.05 -4.54 13.14
CA PHE A 363 33.46 -5.28 12.04
C PHE A 363 34.45 -5.42 10.89
N ASP A 364 34.90 -4.30 10.34
CA ASP A 364 35.83 -4.32 9.23
C ASP A 364 37.07 -5.10 9.60
N LYS A 365 37.47 -4.99 10.86
CA LYS A 365 38.67 -5.66 11.34
C LYS A 365 38.39 -7.16 11.35
N GLU A 366 37.26 -7.56 11.92
CA GLU A 366 36.97 -8.98 11.98
C GLU A 366 36.98 -9.60 10.56
N LYS A 367 36.45 -8.86 9.60
CA LYS A 367 36.47 -9.27 8.19
C LYS A 367 37.89 -9.41 7.69
N ALA A 368 38.68 -8.36 7.85
CA ALA A 368 40.04 -8.40 7.34
C ALA A 368 40.78 -9.60 7.93
N GLU A 369 40.57 -9.84 9.22
CA GLU A 369 41.27 -10.93 9.88
C GLU A 369 40.88 -12.28 9.29
N LYS A 370 39.57 -12.54 9.20
CA LYS A 370 39.06 -13.83 8.72
C LYS A 370 39.71 -14.17 7.38
N ARG A 371 39.88 -13.15 6.55
CA ARG A 371 40.56 -13.39 5.28
C ARG A 371 42.06 -13.59 5.44
N LEU A 372 42.72 -12.65 6.12
CA LEU A 372 44.17 -12.71 6.29
C LEU A 372 44.52 -14.10 6.80
N HIS A 373 43.62 -14.67 7.62
CA HIS A 373 43.78 -16.03 8.11
C HIS A 373 43.75 -17.02 6.95
N ILE A 374 42.68 -16.95 6.13
CA ILE A 374 42.56 -17.77 4.93
C ILE A 374 43.82 -17.68 4.09
N VAL A 375 44.20 -16.44 3.78
CA VAL A 375 45.34 -16.19 2.89
C VAL A 375 46.60 -16.84 3.41
N GLU A 376 46.83 -16.78 4.73
CA GLU A 376 47.96 -17.50 5.31
C GLU A 376 47.91 -18.98 4.92
N GLY A 377 46.83 -19.67 5.28
CA GLY A 377 46.61 -21.04 4.83
C GLY A 377 46.95 -21.30 3.36
N LEU A 378 46.38 -20.51 2.44
CA LEU A 378 46.66 -20.68 1.01
C LEU A 378 48.14 -20.59 0.70
N ILE A 379 48.81 -19.57 1.23
CA ILE A 379 50.23 -19.41 0.98
C ILE A 379 50.98 -20.67 1.35
N ARG A 380 50.54 -21.34 2.42
CA ARG A 380 51.10 -22.63 2.81
C ARG A 380 50.77 -23.72 1.81
N VAL A 381 49.48 -23.91 1.56
CA VAL A 381 49.04 -24.96 0.66
C VAL A 381 49.94 -25.07 -0.57
N ILE A 382 50.37 -23.93 -1.12
CA ILE A 382 51.21 -23.92 -2.32
C ILE A 382 52.58 -24.57 -2.09
N SER A 383 53.12 -24.37 -0.89
CA SER A 383 54.38 -24.98 -0.50
C SER A 383 54.25 -26.49 -0.45
N ILE A 384 53.01 -26.98 -0.34
CA ILE A 384 52.76 -28.40 -0.17
C ILE A 384 51.56 -28.89 -0.96
N LEU A 385 51.31 -28.24 -2.10
CA LEU A 385 50.19 -28.54 -3.00
C LEU A 385 50.02 -30.01 -3.28
N ASP A 386 51.13 -30.66 -3.67
CA ASP A 386 51.06 -32.05 -4.10
C ASP A 386 50.54 -32.94 -2.98
N GLU A 387 51.06 -32.73 -1.78
CA GLU A 387 50.64 -33.52 -0.63
C GLU A 387 49.23 -33.21 -0.14
N VAL A 388 48.74 -31.99 -0.38
CA VAL A 388 47.39 -31.63 0.06
C VAL A 388 46.33 -32.26 -0.84
N ILE A 389 46.62 -32.30 -2.14
CA ILE A 389 45.74 -32.92 -3.11
C ILE A 389 45.64 -34.41 -2.83
N ALA A 390 46.78 -34.99 -2.44
CA ALA A 390 46.87 -36.42 -2.14
C ALA A 390 46.10 -36.79 -0.89
N LEU A 391 46.01 -35.83 0.03
CA LEU A 391 45.33 -36.03 1.30
C LEU A 391 43.83 -36.00 1.07
N ILE A 392 43.41 -35.11 0.19
CA ILE A 392 42.01 -35.03 -0.20
C ILE A 392 41.67 -36.28 -1.00
N ARG A 393 42.45 -36.52 -2.04
CA ARG A 393 42.31 -37.76 -2.79
C ARG A 393 42.12 -38.96 -1.85
N ALA A 394 42.86 -38.96 -0.73
CA ALA A 394 42.83 -40.09 0.21
C ALA A 394 41.71 -39.98 1.25
N SER A 395 41.12 -38.79 1.38
CA SER A 395 40.03 -38.60 2.34
C SER A 395 38.72 -39.24 1.81
N GLU A 396 37.71 -39.30 2.67
CA GLU A 396 36.48 -40.05 2.37
C GLU A 396 35.35 -39.12 1.96
N ASN A 397 35.51 -37.83 2.19
CA ASN A 397 34.41 -36.87 2.06
C ASN A 397 34.78 -35.54 2.72
N LYS A 398 34.09 -34.49 2.31
CA LYS A 398 34.44 -33.16 2.78
C LYS A 398 34.86 -33.21 4.24
N ALA A 399 33.97 -33.69 5.10
CA ALA A 399 34.25 -33.77 6.53
C ALA A 399 35.62 -34.39 6.82
N ASP A 400 35.84 -35.62 6.35
CA ASP A 400 37.09 -36.33 6.63
C ASP A 400 38.32 -35.56 6.13
N ALA A 401 38.18 -34.91 4.98
CA ALA A 401 39.29 -34.17 4.38
C ALA A 401 39.72 -33.01 5.29
N LYS A 402 38.76 -32.13 5.60
CA LYS A 402 38.99 -31.11 6.61
C LYS A 402 39.68 -31.68 7.85
N GLU A 403 39.12 -32.73 8.44
CA GLU A 403 39.79 -33.31 9.60
C GLU A 403 41.27 -33.67 9.31
N ASN A 404 41.57 -34.23 8.14
CA ASN A 404 42.93 -34.61 7.83
C ASN A 404 43.87 -33.42 7.68
N LEU A 405 43.38 -32.34 7.08
CA LEU A 405 44.20 -31.16 6.89
C LEU A 405 44.54 -30.61 8.26
N LYS A 406 43.57 -30.60 9.16
CA LYS A 406 43.82 -30.16 10.52
C LYS A 406 44.89 -31.04 11.20
N VAL A 407 44.67 -32.34 11.20
CA VAL A 407 45.52 -33.23 11.97
C VAL A 407 46.89 -33.45 11.33
N SER A 408 46.94 -33.52 10.02
CA SER A 408 48.21 -33.82 9.36
C SER A 408 49.06 -32.56 9.14
N TYR A 409 48.43 -31.38 9.01
CA TYR A 409 49.16 -30.17 8.65
C TYR A 409 48.84 -28.93 9.48
N ASP A 410 48.11 -29.12 10.58
CA ASP A 410 47.75 -28.03 11.50
C ASP A 410 46.99 -26.87 10.85
N PHE A 411 46.34 -27.07 9.72
CA PHE A 411 45.39 -26.05 9.27
C PHE A 411 44.27 -25.94 10.30
N THR A 412 43.60 -24.80 10.33
CA THR A 412 42.48 -24.65 11.25
C THR A 412 41.22 -25.00 10.46
N GLU A 413 40.09 -25.07 11.15
CA GLU A 413 38.82 -25.27 10.48
C GLU A 413 38.70 -24.25 9.33
N GLU A 414 38.55 -22.98 9.69
CA GLU A 414 38.31 -21.94 8.68
C GLU A 414 39.16 -22.09 7.41
N GLN A 415 40.43 -22.48 7.54
CA GLN A 415 41.30 -22.61 6.37
C GLN A 415 41.03 -23.95 5.68
N ALA A 416 40.79 -24.98 6.49
CA ALA A 416 40.48 -26.29 5.96
C ALA A 416 39.21 -26.21 5.13
N GLU A 417 38.24 -25.42 5.59
CA GLU A 417 37.08 -25.14 4.75
C GLU A 417 37.50 -24.46 3.46
N ALA A 418 38.09 -23.28 3.57
CA ALA A 418 38.54 -22.58 2.37
C ALA A 418 39.24 -23.51 1.36
N ILE A 419 40.19 -24.31 1.86
CA ILE A 419 41.06 -25.11 1.01
C ILE A 419 40.26 -26.15 0.26
N VAL A 420 39.45 -26.87 1.01
CA VAL A 420 38.67 -27.98 0.50
C VAL A 420 37.58 -27.56 -0.50
N THR A 421 37.11 -26.32 -0.42
CA THR A 421 36.08 -25.81 -1.32
C THR A 421 36.64 -24.93 -2.45
N LEU A 422 37.95 -25.02 -2.69
CA LEU A 422 38.59 -24.36 -3.84
C LEU A 422 38.18 -25.10 -5.12
N GLN A 423 38.00 -24.36 -6.21
CA GLN A 423 37.66 -25.00 -7.47
C GLN A 423 38.92 -25.59 -8.12
N LEU A 424 38.80 -26.70 -8.85
CA LEU A 424 39.98 -27.36 -9.40
C LEU A 424 40.94 -26.39 -10.10
N TYR A 425 40.41 -25.49 -10.91
CA TYR A 425 41.31 -24.61 -11.66
C TYR A 425 42.34 -23.88 -10.77
N ARG A 426 41.97 -23.55 -9.53
CA ARG A 426 42.95 -22.96 -8.62
C ARG A 426 44.27 -23.74 -8.57
N LEU A 427 44.20 -25.06 -8.70
CA LEU A 427 45.42 -25.86 -8.73
C LEU A 427 46.42 -25.40 -9.82
N THR A 428 45.97 -24.57 -10.76
CA THR A 428 46.85 -24.17 -11.86
C THR A 428 47.90 -23.25 -11.34
N ASN A 429 47.51 -22.43 -10.37
CA ASN A 429 48.32 -21.35 -9.86
C ASN A 429 49.43 -21.73 -8.87
N THR A 430 50.54 -21.03 -8.93
CA THR A 430 51.61 -21.23 -7.94
C THR A 430 52.22 -19.89 -7.49
N ASP A 431 51.61 -18.78 -7.90
CA ASP A 431 52.09 -17.45 -7.55
C ASP A 431 51.78 -17.12 -6.11
N VAL A 432 52.85 -17.06 -5.32
CA VAL A 432 52.71 -16.77 -3.91
C VAL A 432 52.82 -15.27 -3.65
N VAL A 433 53.29 -14.53 -4.65
CA VAL A 433 53.48 -13.09 -4.48
C VAL A 433 52.16 -12.35 -4.32
N VAL A 434 51.35 -12.37 -5.36
CA VAL A 434 50.06 -11.70 -5.31
C VAL A 434 49.40 -11.91 -3.94
N LEU A 435 49.33 -13.17 -3.49
CA LEU A 435 48.80 -13.48 -2.18
C LEU A 435 49.53 -12.67 -1.10
N GLN A 436 50.84 -12.83 -1.04
CA GLN A 436 51.66 -12.01 -0.14
C GLN A 436 51.34 -10.50 -0.15
N GLU A 437 51.27 -9.88 -1.33
CA GLU A 437 50.79 -8.50 -1.44
C GLU A 437 49.47 -8.32 -0.66
N GLU A 438 48.51 -9.22 -0.85
CA GLU A 438 47.26 -9.10 -0.10
C GLU A 438 47.47 -9.28 1.41
N GLU A 439 48.36 -10.18 1.80
CA GLU A 439 48.67 -10.42 3.20
C GLU A 439 49.17 -9.11 3.83
N ALA A 440 50.02 -8.38 3.12
CA ALA A 440 50.49 -7.08 3.59
C ALA A 440 49.34 -6.07 3.71
N GLU A 441 48.69 -5.76 2.59
CA GLU A 441 47.57 -4.82 2.60
C GLU A 441 46.62 -5.12 3.78
N LEU A 442 46.48 -6.40 4.14
CA LEU A 442 45.53 -6.78 5.18
C LEU A 442 46.05 -6.50 6.57
N ARG A 443 47.33 -6.78 6.75
CA ARG A 443 47.97 -6.52 8.03
C ARG A 443 47.96 -5.02 8.32
N GLU A 444 48.20 -4.22 7.29
CA GLU A 444 48.19 -2.77 7.45
C GLU A 444 46.79 -2.32 7.86
N LYS A 445 45.77 -2.76 7.13
CA LYS A 445 44.40 -2.36 7.41
C LYS A 445 44.01 -2.66 8.86
N ILE A 446 44.54 -3.75 9.40
CA ILE A 446 44.16 -4.20 10.72
C ILE A 446 44.83 -3.33 11.77
N ALA A 447 46.09 -3.02 11.52
CA ALA A 447 46.82 -2.14 12.41
C ALA A 447 46.09 -0.80 12.45
N MET A 448 45.65 -0.31 11.30
CA MET A 448 44.97 0.99 11.29
C MET A 448 43.71 0.91 12.12
N LEU A 449 42.96 -0.16 11.95
CA LEU A 449 41.68 -0.28 12.63
C LEU A 449 41.86 -0.58 14.12
N ALA A 450 42.91 -1.31 14.45
CA ALA A 450 43.12 -1.63 15.84
C ALA A 450 43.42 -0.34 16.62
N ALA A 451 44.29 0.49 16.06
CA ALA A 451 44.60 1.79 16.63
C ALA A 451 43.33 2.56 16.98
N ILE A 452 42.46 2.76 16.00
CA ILE A 452 41.18 3.40 16.26
C ILE A 452 40.51 2.82 17.52
N ILE A 453 40.58 1.52 17.67
CA ILE A 453 39.77 0.90 18.69
C ILE A 453 40.47 1.11 20.02
N GLY A 454 41.80 1.09 19.98
CA GLY A 454 42.61 1.14 21.18
C GLY A 454 43.08 2.52 21.64
N ASP A 455 42.93 3.52 20.77
CA ASP A 455 43.33 4.90 21.06
C ASP A 455 42.19 5.92 20.91
N GLU A 456 41.67 6.33 22.06
CA GLU A 456 40.59 7.29 22.13
C GLU A 456 40.81 8.52 21.23
N ARG A 457 42.06 8.92 21.03
CA ARG A 457 42.33 10.15 20.26
C ARG A 457 42.32 9.93 18.76
N THR A 458 43.07 8.92 18.30
CA THR A 458 42.98 8.42 16.95
C THR A 458 41.50 8.32 16.54
N MET A 459 40.72 7.71 17.42
CA MET A 459 39.29 7.53 17.18
C MET A 459 38.58 8.87 16.98
N TYR A 460 38.57 9.70 18.01
CA TYR A 460 38.01 11.05 17.90
C TYR A 460 38.55 11.83 16.67
N ASN A 461 39.80 11.63 16.29
CA ASN A 461 40.32 12.35 15.12
C ASN A 461 39.56 11.95 13.88
N LEU A 462 39.40 10.64 13.70
CA LEU A 462 38.61 10.07 12.62
C LEU A 462 37.23 10.67 12.61
N MET A 463 36.60 10.69 13.77
CA MET A 463 35.26 11.21 13.90
C MET A 463 35.16 12.65 13.39
N LYS A 464 36.12 13.49 13.78
CA LYS A 464 36.18 14.86 13.29
C LYS A 464 36.34 14.88 11.76
N LYS A 465 37.31 14.11 11.27
CA LYS A 465 37.59 14.03 9.84
C LYS A 465 36.29 13.79 9.11
N GLU A 466 35.52 12.81 9.57
CA GLU A 466 34.29 12.41 8.89
C GLU A 466 33.24 13.54 8.94
N LEU A 467 32.94 14.01 10.14
CA LEU A 467 32.06 15.17 10.30
C LEU A 467 32.37 16.28 9.30
N ARG A 468 33.65 16.61 9.15
CA ARG A 468 34.06 17.69 8.25
C ARG A 468 33.74 17.36 6.80
N GLU A 469 34.06 16.14 6.35
CA GLU A 469 33.69 15.71 5.00
C GLU A 469 32.19 15.95 4.75
N VAL A 470 31.35 15.57 5.71
CA VAL A 470 29.93 15.76 5.62
C VAL A 470 29.58 17.24 5.44
N LYS A 471 30.17 18.07 6.28
CA LYS A 471 30.03 19.51 6.13
C LYS A 471 30.49 20.03 4.76
N LYS A 472 31.63 19.56 4.24
CA LYS A 472 32.11 20.10 2.97
C LYS A 472 31.11 19.77 1.88
N LYS A 473 30.36 18.70 2.10
CA LYS A 473 29.58 18.10 1.04
C LYS A 473 28.16 18.62 1.03
N PHE A 474 27.62 18.92 2.20
CA PHE A 474 26.21 19.23 2.31
C PHE A 474 25.97 20.60 2.89
N ALA A 475 27.04 21.32 3.15
CA ALA A 475 26.93 22.60 3.83
C ALA A 475 26.23 23.56 2.92
N THR A 476 25.41 24.40 3.52
CA THR A 476 24.71 25.41 2.77
C THR A 476 24.54 26.60 3.71
N PRO A 477 24.34 27.79 3.15
CA PRO A 477 24.32 29.06 3.86
C PRO A 477 23.09 29.21 4.76
N ARG A 478 23.15 30.11 5.75
CA ARG A 478 21.96 30.46 6.55
C ARG A 478 20.82 31.01 5.72
N LEU A 479 19.61 30.83 6.24
CA LEU A 479 18.44 31.40 5.62
C LEU A 479 17.84 32.42 6.58
N SER A 480 17.73 32.01 7.84
CA SER A 480 17.20 32.86 8.88
C SER A 480 18.33 33.71 9.42
N SER A 481 18.09 35.01 9.51
CA SER A 481 19.03 35.95 10.13
C SER A 481 18.81 36.05 11.65
N LEU A 482 19.85 36.45 12.39
CA LEU A 482 19.70 36.65 13.85
C LEU A 482 19.84 38.10 14.31
N GLU A 483 19.11 38.45 15.38
CA GLU A 483 19.09 39.78 15.97
C GLU A 483 18.68 39.67 17.44
N ASP A 484 18.92 40.73 18.25
CA ASP A 484 18.27 40.82 19.56
C ASP A 484 17.81 42.25 19.88
N ASN B 3 3.40 26.13 -32.14
CA ASN B 3 2.79 26.54 -30.87
C ASN B 3 1.35 26.04 -30.73
N ILE B 4 0.78 25.53 -31.81
CA ILE B 4 -0.59 24.99 -31.79
C ILE B 4 -1.01 24.30 -33.10
N GLN B 5 -1.53 23.08 -32.98
CA GLN B 5 -2.01 22.32 -34.12
C GLN B 5 -3.51 22.06 -33.99
N ASN B 6 -4.22 21.98 -35.12
CA ASN B 6 -5.67 21.83 -35.09
C ASN B 6 -6.14 20.43 -35.48
N MET B 7 -7.34 20.07 -35.04
CA MET B 7 -7.86 18.71 -35.22
C MET B 7 -9.37 18.76 -35.41
N SER B 8 -9.90 17.90 -36.28
CA SER B 8 -11.35 17.78 -36.47
C SER B 8 -12.00 17.20 -35.20
N LEU B 9 -13.26 17.58 -34.95
CA LEU B 9 -14.01 16.93 -33.86
C LEU B 9 -14.20 15.45 -34.17
N GLU B 10 -14.60 15.14 -35.42
CA GLU B 10 -14.70 13.77 -35.88
C GLU B 10 -13.35 13.07 -35.76
N ASP B 11 -12.36 13.54 -36.53
CA ASP B 11 -11.03 12.97 -36.50
C ASP B 11 -10.40 12.94 -35.09
N ILE B 12 -11.16 13.32 -34.08
CA ILE B 12 -10.64 13.30 -32.70
C ILE B 12 -11.34 12.28 -31.82
N MET B 13 -12.64 12.47 -31.61
CA MET B 13 -13.43 11.48 -30.89
C MET B 13 -13.11 10.09 -31.47
N GLY B 14 -12.95 10.02 -32.78
CA GLY B 14 -12.48 8.81 -33.40
C GLY B 14 -11.28 8.29 -32.64
N GLU B 15 -10.15 9.00 -32.76
CA GLU B 15 -8.89 8.58 -32.16
C GLU B 15 -9.01 8.35 -30.65
N ARG B 16 -9.59 9.31 -29.95
CA ARG B 16 -9.72 9.22 -28.50
C ARG B 16 -10.54 8.00 -28.07
N PHE B 17 -11.83 8.01 -28.36
CA PHE B 17 -12.71 6.90 -27.96
C PHE B 17 -12.24 5.51 -28.44
N GLY B 18 -11.65 5.48 -29.63
CA GLY B 18 -11.09 4.25 -30.16
C GLY B 18 -9.98 3.73 -29.26
N ARG B 19 -9.13 4.64 -28.79
CA ARG B 19 -8.08 4.29 -27.83
C ARG B 19 -8.67 3.62 -26.57
N TYR B 20 -9.62 4.30 -25.92
CA TYR B 20 -10.29 3.83 -24.70
C TYR B 20 -11.15 2.59 -24.95
N SER B 21 -11.84 2.57 -26.09
CA SER B 21 -12.60 1.38 -26.50
C SER B 21 -11.71 0.14 -26.52
N LYS B 22 -10.64 0.18 -27.32
CA LYS B 22 -9.72 -0.94 -27.44
C LYS B 22 -9.20 -1.42 -26.09
N TYR B 23 -8.64 -0.49 -25.33
CA TYR B 23 -8.02 -0.80 -24.03
C TYR B 23 -9.01 -1.44 -23.06
N ILE B 24 -10.12 -0.76 -22.81
CA ILE B 24 -11.04 -1.24 -21.79
C ILE B 24 -11.69 -2.58 -22.18
N ILE B 25 -11.56 -2.96 -23.46
CA ILE B 25 -11.97 -4.29 -23.94
C ILE B 25 -10.91 -5.38 -23.79
N GLN B 26 -9.72 -5.13 -24.31
CA GLN B 26 -8.64 -6.13 -24.25
C GLN B 26 -7.96 -6.27 -22.88
N ASP B 27 -7.91 -5.18 -22.13
CA ASP B 27 -7.06 -5.08 -20.95
C ASP B 27 -7.74 -4.50 -19.73
N ARG B 28 -9.04 -4.75 -19.55
CA ARG B 28 -9.70 -4.33 -18.33
C ARG B 28 -10.91 -5.16 -17.93
N ALA B 29 -11.97 -5.06 -18.73
CA ALA B 29 -13.29 -5.53 -18.31
C ALA B 29 -13.65 -6.97 -18.71
N LEU B 30 -12.89 -7.57 -19.61
CA LEU B 30 -13.19 -8.91 -20.11
C LEU B 30 -12.04 -9.89 -19.90
N PRO B 31 -12.38 -11.14 -19.52
CA PRO B 31 -11.44 -12.21 -19.24
C PRO B 31 -10.82 -12.81 -20.49
N ASP B 32 -9.61 -13.33 -20.38
CA ASP B 32 -8.98 -14.10 -21.44
C ASP B 32 -9.72 -15.44 -21.45
N ILE B 33 -10.00 -15.96 -22.63
CA ILE B 33 -10.77 -17.18 -22.78
C ILE B 33 -10.04 -18.42 -22.19
N ARG B 34 -8.73 -18.33 -21.98
CA ARG B 34 -7.97 -19.48 -21.47
C ARG B 34 -7.83 -19.58 -19.96
N ASP B 35 -7.41 -18.50 -19.29
CA ASP B 35 -7.20 -18.57 -17.84
C ASP B 35 -8.38 -17.96 -17.05
N GLY B 36 -9.31 -17.33 -17.78
CA GLY B 36 -10.53 -16.82 -17.17
C GLY B 36 -10.31 -15.59 -16.30
N LEU B 37 -9.23 -14.88 -16.57
CA LEU B 37 -8.85 -13.74 -15.72
C LEU B 37 -8.92 -12.44 -16.49
N LYS B 38 -9.38 -11.38 -15.82
CA LYS B 38 -9.12 -10.03 -16.32
C LYS B 38 -7.71 -9.68 -15.87
N PRO B 39 -7.04 -8.74 -16.57
CA PRO B 39 -5.63 -8.51 -16.24
C PRO B 39 -5.40 -8.14 -14.76
N VAL B 40 -6.22 -7.28 -14.17
CA VAL B 40 -5.97 -6.96 -12.78
C VAL B 40 -5.91 -8.23 -11.93
N GLN B 41 -6.85 -9.15 -12.15
CA GLN B 41 -6.77 -10.44 -11.45
C GLN B 41 -5.46 -11.19 -11.72
N ARG B 42 -5.08 -11.35 -12.99
CA ARG B 42 -3.83 -12.07 -13.34
C ARG B 42 -2.61 -11.47 -12.64
N ARG B 43 -2.57 -10.15 -12.54
CA ARG B 43 -1.44 -9.49 -11.93
C ARG B 43 -1.38 -9.72 -10.43
N ILE B 44 -2.46 -9.44 -9.73
CA ILE B 44 -2.60 -9.87 -8.35
C ILE B 44 -2.00 -11.27 -8.14
N LEU B 45 -2.46 -12.24 -8.94
CA LEU B 45 -1.97 -13.61 -8.80
C LEU B 45 -0.48 -13.73 -9.12
N TYR B 46 -0.06 -13.28 -10.30
CA TYR B 46 1.34 -13.41 -10.65
C TYR B 46 2.19 -12.76 -9.56
N SER B 47 1.75 -11.59 -9.08
CA SER B 47 2.54 -10.83 -8.12
C SER B 47 2.67 -11.56 -6.79
N MET B 48 1.54 -11.98 -6.23
CA MET B 48 1.58 -12.63 -4.93
C MET B 48 2.48 -13.85 -5.04
N ASN B 49 2.36 -14.56 -6.16
CA ASN B 49 3.15 -15.74 -6.37
C ASN B 49 4.67 -15.42 -6.40
N LYS B 50 5.04 -14.32 -7.03
CA LYS B 50 6.46 -13.97 -7.18
C LYS B 50 6.98 -13.72 -5.79
N ASP B 51 6.12 -13.10 -4.98
CA ASP B 51 6.45 -12.73 -3.62
C ASP B 51 6.37 -13.90 -2.63
N SER B 52 6.15 -15.10 -3.14
CA SER B 52 6.16 -16.32 -2.31
C SER B 52 4.98 -16.38 -1.34
N ASN B 53 3.97 -15.55 -1.61
CA ASN B 53 2.80 -15.41 -0.73
C ASN B 53 1.73 -16.46 -1.05
N THR B 54 1.96 -17.69 -0.60
CA THR B 54 1.18 -18.82 -1.05
C THR B 54 0.50 -19.55 0.10
N PHE B 55 -0.39 -20.48 -0.22
CA PHE B 55 -1.27 -21.10 0.77
C PHE B 55 -0.48 -21.78 1.86
N ASP B 56 0.71 -22.25 1.51
CA ASP B 56 1.52 -23.06 2.40
C ASP B 56 2.38 -22.22 3.34
N LYS B 57 2.42 -20.90 3.11
CA LYS B 57 3.22 -19.99 3.91
C LYS B 57 2.36 -18.93 4.62
N SER B 58 2.95 -18.20 5.55
CA SER B 58 2.21 -17.21 6.34
C SER B 58 1.39 -16.23 5.50
N TYR B 59 0.45 -15.56 6.14
CA TYR B 59 -0.29 -14.46 5.51
C TYR B 59 0.56 -13.18 5.46
N ARG B 60 0.44 -12.42 4.37
CA ARG B 60 1.07 -11.11 4.23
C ARG B 60 0.01 -10.02 4.45
N LYS B 61 0.38 -8.94 5.14
CA LYS B 61 -0.53 -7.79 5.26
C LYS B 61 -0.93 -7.37 3.85
N SER B 62 -2.21 -7.08 3.64
CA SER B 62 -2.70 -6.88 2.27
C SER B 62 -2.06 -5.68 1.57
N ALA B 63 -1.96 -4.58 2.30
CA ALA B 63 -1.31 -3.36 1.83
C ALA B 63 0.04 -3.63 1.17
N LYS B 64 0.79 -4.57 1.71
CA LYS B 64 2.07 -4.95 1.14
C LYS B 64 1.84 -5.62 -0.22
N SER B 65 0.91 -6.56 -0.29
CA SER B 65 0.68 -7.25 -1.55
C SER B 65 0.25 -6.23 -2.61
N VAL B 66 -0.75 -5.43 -2.26
CA VAL B 66 -1.32 -4.44 -3.17
C VAL B 66 -0.25 -3.51 -3.75
N GLY B 67 0.39 -2.75 -2.87
CA GLY B 67 1.42 -1.84 -3.28
C GLY B 67 2.49 -2.44 -4.17
N ASN B 68 2.80 -3.72 -3.96
CA ASN B 68 3.81 -4.35 -4.80
C ASN B 68 3.25 -4.58 -6.19
N ILE B 69 1.98 -4.98 -6.23
CA ILE B 69 1.23 -5.08 -7.48
C ILE B 69 1.25 -3.74 -8.21
N MET B 70 0.87 -2.70 -7.49
CA MET B 70 0.71 -1.39 -8.09
C MET B 70 2.04 -0.76 -8.58
N GLY B 71 3.17 -1.27 -8.11
CA GLY B 71 4.44 -0.66 -8.48
C GLY B 71 5.22 -1.57 -9.41
N ASN B 72 4.75 -2.80 -9.53
CA ASN B 72 5.40 -3.71 -10.44
C ASN B 72 4.61 -4.01 -11.71
N PHE B 73 3.27 -4.04 -11.63
CA PHE B 73 2.47 -4.50 -12.78
C PHE B 73 1.23 -3.68 -13.15
N HIS B 74 0.46 -3.26 -12.16
CA HIS B 74 -0.83 -2.62 -12.41
C HIS B 74 -0.81 -1.17 -11.99
N PRO B 75 -0.76 -0.25 -12.96
CA PRO B 75 -0.63 1.18 -12.63
C PRO B 75 -1.99 1.84 -12.44
N HIS B 76 -2.72 1.47 -11.39
CA HIS B 76 -4.06 2.02 -11.15
C HIS B 76 -4.33 2.17 -9.68
N GLY B 77 -5.56 2.60 -9.34
CA GLY B 77 -5.92 2.84 -7.95
C GLY B 77 -5.52 1.70 -7.04
N ASP B 78 -4.98 2.04 -5.88
CA ASP B 78 -4.69 0.99 -4.90
C ASP B 78 -6.00 0.28 -4.53
N SER B 79 -7.08 1.05 -4.39
CA SER B 79 -8.38 0.52 -3.99
C SER B 79 -8.98 -0.44 -4.99
N SER B 80 -8.93 -0.11 -6.28
CA SER B 80 -9.37 -1.04 -7.32
C SER B 80 -8.64 -2.37 -7.15
N ILE B 81 -7.32 -2.32 -7.09
CA ILE B 81 -6.55 -3.53 -6.85
C ILE B 81 -7.02 -4.28 -5.60
N TYR B 82 -7.14 -3.58 -4.47
CA TYR B 82 -7.61 -4.24 -3.24
C TYR B 82 -9.01 -4.85 -3.41
N ASP B 83 -9.93 -4.06 -3.93
CA ASP B 83 -11.30 -4.51 -4.17
C ASP B 83 -11.33 -5.82 -4.96
N ALA B 84 -10.54 -5.86 -6.03
CA ALA B 84 -10.42 -7.06 -6.85
C ALA B 84 -9.97 -8.24 -6.02
N MET B 85 -8.84 -8.04 -5.33
CA MET B 85 -8.24 -9.05 -4.47
C MET B 85 -9.24 -9.57 -3.43
N VAL B 86 -10.04 -8.66 -2.88
CA VAL B 86 -11.04 -9.04 -1.89
C VAL B 86 -12.07 -9.99 -2.48
N ARG B 87 -12.58 -9.66 -3.67
CA ARG B 87 -13.57 -10.51 -4.34
C ARG B 87 -13.03 -11.93 -4.53
N MET B 88 -11.85 -12.05 -5.13
CA MET B 88 -11.24 -13.37 -5.38
C MET B 88 -11.17 -14.21 -4.12
N SER B 89 -11.44 -13.59 -2.98
CA SER B 89 -11.37 -14.27 -1.69
C SER B 89 -12.73 -14.53 -1.09
N GLN B 90 -13.78 -13.96 -1.68
CA GLN B 90 -15.13 -14.12 -1.15
C GLN B 90 -15.73 -15.39 -1.70
N ASN B 91 -16.04 -16.32 -0.81
CA ASN B 91 -16.47 -17.63 -1.24
C ASN B 91 -17.96 -17.71 -1.60
N TRP B 92 -18.64 -16.56 -1.62
CA TRP B 92 -20.02 -16.48 -2.10
C TRP B 92 -20.11 -15.76 -3.46
N LYS B 93 -18.96 -15.46 -4.06
CA LYS B 93 -18.89 -14.92 -5.43
C LYS B 93 -18.02 -15.83 -6.30
N ASN B 94 -16.97 -16.40 -5.72
CA ASN B 94 -16.17 -17.36 -6.46
C ASN B 94 -16.49 -18.80 -6.05
N ARG B 95 -16.69 -19.67 -7.04
CA ARG B 95 -17.05 -21.06 -6.75
C ARG B 95 -15.87 -21.73 -6.11
N GLU B 96 -14.70 -21.26 -6.51
CA GLU B 96 -13.46 -21.86 -6.09
C GLU B 96 -12.46 -20.72 -5.81
N ILE B 97 -12.45 -20.20 -4.58
CA ILE B 97 -11.73 -18.93 -4.31
C ILE B 97 -10.22 -18.97 -4.54
N LEU B 98 -9.72 -17.91 -5.18
CA LEU B 98 -8.33 -17.81 -5.61
C LEU B 98 -7.41 -17.13 -4.58
N VAL B 99 -8.01 -16.45 -3.62
CA VAL B 99 -7.24 -15.75 -2.59
C VAL B 99 -7.85 -16.02 -1.23
N GLU B 100 -7.01 -16.39 -0.26
CA GLU B 100 -7.48 -16.55 1.12
C GLU B 100 -7.13 -15.31 1.92
N MET B 101 -8.05 -14.86 2.76
CA MET B 101 -7.87 -13.61 3.47
C MET B 101 -8.35 -13.65 4.93
N HIS B 102 -7.41 -13.40 5.84
CA HIS B 102 -7.73 -13.30 7.26
C HIS B 102 -8.37 -11.93 7.59
N GLY B 103 -9.44 -11.95 8.36
CA GLY B 103 -10.15 -10.72 8.71
C GLY B 103 -11.39 -10.38 7.88
N ASN B 104 -12.13 -9.39 8.34
CA ASN B 104 -13.37 -8.96 7.69
C ASN B 104 -13.22 -8.69 6.19
N ASN B 105 -13.70 -9.64 5.37
CA ASN B 105 -13.66 -9.51 3.92
C ASN B 105 -15.06 -9.45 3.28
N GLY B 106 -15.98 -8.79 3.97
CA GLY B 106 -17.32 -8.65 3.45
C GLY B 106 -18.24 -9.77 3.92
N SER B 107 -19.44 -9.78 3.36
CA SER B 107 -20.43 -10.76 3.71
C SER B 107 -21.48 -10.79 2.61
N MET B 108 -22.41 -11.74 2.71
CA MET B 108 -23.50 -11.79 1.75
C MET B 108 -24.50 -10.68 2.02
N ASP B 109 -24.36 -10.04 3.17
CA ASP B 109 -25.22 -8.92 3.54
C ASP B 109 -24.75 -7.63 2.86
N GLY B 110 -23.67 -7.75 2.10
CA GLY B 110 -23.20 -6.65 1.27
C GLY B 110 -22.34 -5.65 2.00
N ASP B 111 -22.33 -5.69 3.33
CA ASP B 111 -21.51 -4.74 4.07
C ASP B 111 -20.04 -4.82 3.65
N PRO B 112 -19.31 -3.71 3.82
CA PRO B 112 -18.00 -3.51 3.21
C PRO B 112 -16.92 -4.20 4.01
N PRO B 113 -15.89 -4.70 3.30
CA PRO B 113 -14.76 -5.37 3.96
C PRO B 113 -13.92 -4.38 4.74
N ALA B 114 -13.07 -4.89 5.63
CA ALA B 114 -12.17 -4.04 6.38
C ALA B 114 -11.17 -3.41 5.41
N ALA B 115 -10.69 -2.21 5.76
CA ALA B 115 -9.76 -1.50 4.90
C ALA B 115 -8.46 -2.27 4.70
N MET B 116 -7.82 -2.05 3.55
CA MET B 116 -6.61 -2.77 3.14
C MET B 116 -5.47 -2.80 4.20
N ARG B 117 -5.58 -1.97 5.22
CA ARG B 117 -4.55 -1.89 6.25
CA ARG B 117 -4.54 -1.92 6.22
C ARG B 117 -4.71 -2.97 7.31
N TYR B 118 -5.94 -3.46 7.47
CA TYR B 118 -6.27 -4.47 8.51
C TYR B 118 -6.16 -5.94 8.11
N THR B 119 -6.34 -6.24 6.83
CA THR B 119 -6.52 -7.61 6.41
C THR B 119 -5.17 -8.24 6.02
N GLU B 120 -5.06 -9.55 6.14
CA GLU B 120 -3.88 -10.30 5.71
C GLU B 120 -4.37 -11.22 4.63
N ALA B 121 -3.50 -11.68 3.75
CA ALA B 121 -3.93 -12.58 2.67
C ALA B 121 -2.82 -13.37 1.99
N ARG B 122 -3.21 -14.34 1.15
CA ARG B 122 -2.31 -15.23 0.43
C ARG B 122 -3.08 -16.08 -0.59
N LEU B 123 -2.39 -16.59 -1.60
CA LEU B 123 -3.06 -17.42 -2.62
C LEU B 123 -3.64 -18.69 -2.02
N SER B 124 -4.82 -19.08 -2.50
CA SER B 124 -5.40 -20.37 -2.13
C SER B 124 -4.60 -21.47 -2.79
N GLU B 125 -4.66 -22.67 -2.24
CA GLU B 125 -3.93 -23.77 -2.85
C GLU B 125 -4.34 -23.97 -4.33
N ILE B 126 -5.65 -23.85 -4.62
CA ILE B 126 -6.16 -23.94 -5.99
C ILE B 126 -5.45 -23.01 -6.98
N ALA B 127 -5.25 -21.75 -6.59
CA ALA B 127 -4.61 -20.75 -7.45
C ALA B 127 -3.19 -21.18 -7.86
N GLY B 128 -2.51 -21.80 -6.93
CA GLY B 128 -1.25 -22.45 -7.25
C GLY B 128 -1.31 -23.20 -8.56
N TYR B 129 -2.40 -23.91 -8.80
CA TYR B 129 -2.50 -24.69 -10.04
C TYR B 129 -2.70 -23.78 -11.24
N LEU B 130 -3.34 -22.63 -11.04
CA LEU B 130 -3.43 -21.63 -12.09
C LEU B 130 -2.05 -21.12 -12.52
N LEU B 131 -1.05 -21.29 -11.65
CA LEU B 131 0.28 -20.73 -11.89
C LEU B 131 1.34 -21.79 -12.19
N GLN B 132 0.93 -23.05 -12.05
CA GLN B 132 1.83 -24.17 -12.17
C GLN B 132 2.67 -24.06 -13.43
N ASP B 133 3.97 -24.33 -13.32
CA ASP B 133 4.85 -24.40 -14.49
C ASP B 133 5.26 -23.04 -15.07
N ILE B 134 4.75 -21.95 -14.52
CA ILE B 134 5.10 -20.60 -15.01
C ILE B 134 6.60 -20.32 -15.02
N GLU B 135 7.32 -20.95 -14.09
CA GLU B 135 8.78 -20.80 -14.05
C GLU B 135 9.47 -21.49 -15.22
N LYS B 136 8.70 -22.15 -16.08
CA LYS B 136 9.27 -23.06 -17.10
C LYS B 136 9.07 -22.61 -18.54
N LYS B 137 8.88 -21.31 -18.76
CA LYS B 137 8.80 -20.77 -20.12
C LYS B 137 7.65 -21.41 -20.90
N THR B 138 6.49 -21.49 -20.24
CA THR B 138 5.32 -22.18 -20.77
C THR B 138 4.27 -21.21 -21.25
N VAL B 139 4.58 -19.93 -21.19
CA VAL B 139 3.58 -18.91 -21.46
C VAL B 139 4.27 -17.64 -21.93
N PRO B 140 3.64 -16.94 -22.87
CA PRO B 140 4.16 -15.68 -23.43
C PRO B 140 4.21 -14.51 -22.41
N PHE B 141 5.39 -13.93 -22.22
CA PHE B 141 5.55 -12.76 -21.34
C PHE B 141 5.60 -11.45 -22.13
N ALA B 142 5.13 -10.37 -21.52
CA ALA B 142 5.29 -9.04 -22.08
C ALA B 142 6.06 -8.13 -21.12
N TRP B 143 6.55 -6.98 -21.61
CA TRP B 143 7.09 -5.94 -20.73
C TRP B 143 6.01 -5.22 -19.93
N ASN B 144 6.36 -4.79 -18.72
CA ASN B 144 5.45 -4.04 -17.85
C ASN B 144 5.55 -2.54 -18.12
N PHE B 145 4.53 -1.79 -17.70
CA PHE B 145 4.48 -0.34 -17.96
C PHE B 145 5.83 0.42 -17.75
N ASP B 146 6.57 0.05 -16.69
CA ASP B 146 7.91 0.55 -16.38
C ASP B 146 8.90 0.25 -17.49
N ASP B 147 8.73 -0.92 -18.11
CA ASP B 147 9.75 -1.59 -18.92
C ASP B 147 10.89 -2.13 -18.06
N THR B 148 10.57 -2.48 -16.81
CA THR B 148 11.57 -2.93 -15.84
C THR B 148 11.47 -4.43 -15.52
N GLU B 149 10.32 -5.01 -15.82
CA GLU B 149 10.05 -6.38 -15.41
C GLU B 149 9.08 -7.02 -16.41
N LYS B 150 9.30 -8.28 -16.78
CA LYS B 150 8.34 -9.00 -17.61
C LYS B 150 7.15 -9.49 -16.78
N GLU B 151 5.95 -9.45 -17.36
CA GLU B 151 4.76 -10.11 -16.79
C GLU B 151 4.12 -11.04 -17.79
N PRO B 152 3.40 -12.06 -17.31
CA PRO B 152 2.68 -13.01 -18.17
C PRO B 152 1.41 -12.37 -18.76
N THR B 153 1.09 -12.75 -20.00
CA THR B 153 -0.07 -12.23 -20.72
C THR B 153 -1.25 -13.15 -20.45
N VAL B 154 -0.92 -14.40 -20.10
CA VAL B 154 -1.90 -15.43 -19.74
C VAL B 154 -1.22 -16.44 -18.79
N LEU B 155 -1.97 -17.05 -17.86
CA LEU B 155 -1.37 -18.04 -16.96
C LEU B 155 -1.56 -19.45 -17.49
N PRO B 156 -0.69 -20.38 -17.09
CA PRO B 156 -0.74 -21.79 -17.51
C PRO B 156 -2.08 -22.50 -17.28
N ALA B 157 -2.85 -22.05 -16.30
CA ALA B 157 -4.15 -22.65 -15.98
C ALA B 157 -4.20 -24.18 -16.00
N ALA B 158 -3.81 -24.80 -14.90
CA ALA B 158 -3.87 -26.27 -14.80
C ALA B 158 -5.30 -26.80 -14.57
N PHE B 159 -6.23 -25.91 -14.26
CA PHE B 159 -7.66 -26.19 -14.44
C PHE B 159 -8.27 -25.05 -15.26
N PRO B 160 -9.50 -25.25 -15.77
CA PRO B 160 -10.18 -24.35 -16.72
C PRO B 160 -10.98 -23.24 -16.03
N ASN B 161 -10.26 -22.25 -15.51
CA ASN B 161 -10.82 -21.24 -14.61
C ASN B 161 -12.06 -20.54 -15.16
N LEU B 162 -12.03 -20.14 -16.43
CA LEU B 162 -13.12 -19.33 -16.98
C LEU B 162 -14.51 -19.86 -16.62
N LEU B 163 -14.75 -21.15 -16.85
CA LEU B 163 -16.05 -21.75 -16.52
C LEU B 163 -16.26 -21.94 -15.03
N VAL B 164 -15.23 -22.45 -14.35
CA VAL B 164 -15.32 -22.74 -12.91
C VAL B 164 -15.67 -21.55 -12.00
N ASN B 165 -15.05 -20.40 -12.25
CA ASN B 165 -15.25 -19.23 -11.40
C ASN B 165 -16.04 -18.12 -12.06
N GLY B 166 -16.26 -18.24 -13.36
CA GLY B 166 -17.10 -17.30 -14.07
C GLY B 166 -16.42 -15.98 -14.29
N SER B 167 -17.20 -14.98 -14.72
CA SER B 167 -16.73 -13.63 -14.99
C SER B 167 -17.92 -12.71 -15.10
N THR B 168 -17.66 -11.43 -15.38
CA THR B 168 -18.66 -10.36 -15.23
C THR B 168 -17.91 -9.11 -14.83
N GLY B 169 -17.81 -8.07 -15.67
CA GLY B 169 -18.20 -8.09 -17.07
C GLY B 169 -18.93 -6.85 -17.59
N ILE B 170 -18.25 -5.71 -17.72
CA ILE B 170 -18.82 -4.55 -18.44
C ILE B 170 -17.79 -3.63 -19.12
N SER B 171 -17.77 -3.68 -20.44
CA SER B 171 -16.73 -3.03 -21.23
C SER B 171 -17.29 -1.86 -22.05
N ALA B 172 -16.99 -1.86 -23.35
CA ALA B 172 -17.55 -0.89 -24.28
C ALA B 172 -17.97 -1.58 -25.57
N GLY B 173 -19.27 -1.62 -25.82
CA GLY B 173 -19.82 -2.31 -26.99
C GLY B 173 -20.00 -3.80 -26.74
N TYR B 174 -19.43 -4.27 -25.63
CA TYR B 174 -19.53 -5.66 -25.20
C TYR B 174 -19.58 -5.69 -23.68
N ALA B 175 -20.28 -6.67 -23.13
CA ALA B 175 -20.18 -6.94 -21.70
C ALA B 175 -20.14 -8.47 -21.51
N THR B 176 -19.93 -8.92 -20.28
CA THR B 176 -19.87 -10.35 -20.05
C THR B 176 -20.49 -10.77 -18.73
N ASP B 177 -21.24 -11.88 -18.78
CA ASP B 177 -21.68 -12.58 -17.58
C ASP B 177 -21.54 -14.08 -17.83
N ILE B 178 -20.67 -14.73 -17.06
CA ILE B 178 -20.43 -16.16 -17.16
C ILE B 178 -20.59 -16.70 -15.74
N PRO B 179 -21.49 -17.66 -15.57
CA PRO B 179 -21.72 -18.10 -14.17
C PRO B 179 -20.68 -19.14 -13.83
N PRO B 180 -20.42 -19.34 -12.53
CA PRO B 180 -19.46 -20.38 -12.10
C PRO B 180 -20.00 -21.80 -12.27
N HIS B 181 -19.08 -22.77 -12.31
CA HIS B 181 -19.44 -24.15 -12.59
C HIS B 181 -18.70 -25.12 -11.68
N ASN B 182 -19.35 -26.23 -11.35
CA ASN B 182 -18.69 -27.26 -10.56
C ASN B 182 -17.37 -27.74 -11.19
N LEU B 183 -16.24 -27.46 -10.52
CA LEU B 183 -14.92 -27.81 -11.05
C LEU B 183 -14.83 -29.22 -11.66
N ALA B 184 -15.33 -30.23 -10.95
CA ALA B 184 -15.27 -31.62 -11.44
C ALA B 184 -16.03 -31.85 -12.74
N GLU B 185 -17.26 -31.35 -12.83
CA GLU B 185 -18.00 -31.41 -14.09
C GLU B 185 -17.24 -30.76 -15.28
N VAL B 186 -16.81 -29.50 -15.15
CA VAL B 186 -16.05 -28.88 -16.24
C VAL B 186 -14.88 -29.76 -16.67
N ILE B 187 -14.15 -30.32 -15.72
CA ILE B 187 -13.03 -31.19 -16.09
C ILE B 187 -13.55 -32.44 -16.83
N ASP B 188 -14.64 -33.03 -16.36
CA ASP B 188 -15.22 -34.16 -17.06
C ASP B 188 -15.54 -33.82 -18.53
N ALA B 189 -16.13 -32.65 -18.75
CA ALA B 189 -16.41 -32.19 -20.10
C ALA B 189 -15.14 -32.04 -20.93
N ALA B 190 -14.19 -31.25 -20.43
CA ALA B 190 -12.93 -31.05 -21.12
C ALA B 190 -12.29 -32.39 -21.52
N VAL B 191 -12.36 -33.35 -20.62
CA VAL B 191 -11.69 -34.61 -20.87
C VAL B 191 -12.36 -35.36 -22.01
N TYR B 192 -13.70 -35.38 -22.03
CA TYR B 192 -14.42 -36.01 -23.13
C TYR B 192 -14.02 -35.37 -24.44
N MET B 193 -14.15 -34.05 -24.50
CA MET B 193 -13.80 -33.28 -25.68
C MET B 193 -12.35 -33.53 -26.18
N ILE B 194 -11.49 -34.00 -25.30
CA ILE B 194 -10.11 -34.22 -25.69
C ILE B 194 -10.04 -35.49 -26.54
N ASP B 195 -10.88 -36.46 -26.19
CA ASP B 195 -11.03 -37.72 -26.92
C ASP B 195 -11.93 -37.56 -28.13
N HIS B 196 -12.71 -36.49 -28.13
CA HIS B 196 -13.82 -36.33 -29.05
C HIS B 196 -13.99 -34.87 -29.40
N PRO B 197 -13.03 -34.31 -30.16
CA PRO B 197 -12.94 -32.93 -30.65
C PRO B 197 -14.26 -32.35 -31.15
N THR B 198 -15.00 -33.17 -31.88
CA THR B 198 -16.21 -32.74 -32.55
C THR B 198 -17.47 -32.97 -31.72
N ALA B 199 -17.34 -32.90 -30.40
CA ALA B 199 -18.44 -33.26 -29.51
C ALA B 199 -19.60 -32.26 -29.53
N LYS B 200 -20.81 -32.77 -29.72
CA LYS B 200 -22.00 -31.93 -29.81
C LYS B 200 -22.36 -31.41 -28.43
N ILE B 201 -23.11 -30.32 -28.36
CA ILE B 201 -23.46 -29.76 -27.04
C ILE B 201 -24.22 -30.78 -26.17
N ASP B 202 -25.20 -31.45 -26.77
CA ASP B 202 -25.95 -32.48 -26.06
C ASP B 202 -25.08 -33.48 -25.29
N LYS B 203 -23.96 -33.91 -25.87
CA LYS B 203 -23.15 -34.94 -25.21
C LYS B 203 -22.42 -34.32 -24.04
N LEU B 204 -21.79 -33.18 -24.31
CA LEU B 204 -21.09 -32.42 -23.28
C LEU B 204 -22.01 -32.18 -22.09
N MET B 205 -23.29 -31.93 -22.36
CA MET B 205 -24.21 -31.66 -21.26
C MET B 205 -24.50 -32.88 -20.36
N GLU B 206 -24.12 -34.08 -20.81
CA GLU B 206 -24.21 -35.25 -19.92
C GLU B 206 -23.09 -35.20 -18.85
N PHE B 207 -22.05 -34.40 -19.12
CA PHE B 207 -20.97 -34.19 -18.16
C PHE B 207 -21.06 -32.85 -17.44
N LEU B 208 -21.51 -31.84 -18.18
CA LEU B 208 -21.55 -30.45 -17.70
C LEU B 208 -22.96 -29.92 -17.89
N PRO B 209 -23.88 -30.31 -17.00
CA PRO B 209 -25.34 -30.12 -17.08
C PRO B 209 -25.84 -28.71 -16.83
N GLY B 210 -24.96 -27.81 -16.37
CA GLY B 210 -25.34 -26.46 -16.01
C GLY B 210 -24.45 -25.85 -14.93
N PRO B 211 -24.72 -24.58 -14.59
CA PRO B 211 -23.89 -23.84 -13.63
C PRO B 211 -24.02 -24.36 -12.19
N ASP B 212 -22.98 -24.14 -11.37
CA ASP B 212 -22.99 -24.51 -9.95
C ASP B 212 -22.61 -23.30 -9.12
N PHE B 213 -23.62 -22.59 -8.63
CA PHE B 213 -23.39 -21.35 -7.88
C PHE B 213 -22.85 -21.63 -6.49
N PRO B 214 -21.85 -20.85 -6.07
CA PRO B 214 -21.32 -21.02 -4.72
C PRO B 214 -22.40 -20.73 -3.69
N THR B 215 -23.38 -19.94 -4.10
CA THR B 215 -24.48 -19.54 -3.25
C THR B 215 -25.55 -20.62 -3.18
N GLY B 216 -25.40 -21.66 -3.99
CA GLY B 216 -26.33 -22.79 -4.00
C GLY B 216 -27.62 -22.57 -4.77
N ALA B 217 -28.70 -23.17 -4.27
CA ALA B 217 -30.06 -22.93 -4.76
C ALA B 217 -30.47 -23.73 -5.98
N ILE B 218 -31.67 -23.43 -6.47
CA ILE B 218 -32.30 -24.18 -7.53
C ILE B 218 -32.26 -23.45 -8.88
N ILE B 219 -31.70 -24.11 -9.89
CA ILE B 219 -31.64 -23.57 -11.25
C ILE B 219 -32.64 -24.27 -12.16
N GLN B 220 -33.40 -23.49 -12.92
CA GLN B 220 -34.47 -24.02 -13.76
C GLN B 220 -34.38 -23.57 -15.22
N GLY B 221 -34.31 -24.54 -16.13
CA GLY B 221 -34.40 -24.25 -17.56
C GLY B 221 -33.38 -24.98 -18.43
N ARG B 222 -33.44 -26.32 -18.45
CA ARG B 222 -32.54 -27.10 -19.31
C ARG B 222 -32.50 -26.50 -20.71
N ASP B 223 -33.67 -26.16 -21.26
CA ASP B 223 -33.76 -25.53 -22.59
C ASP B 223 -32.82 -24.30 -22.73
N GLU B 224 -33.03 -23.26 -21.91
CA GLU B 224 -32.18 -22.07 -22.03
C GLU B 224 -30.69 -22.36 -21.75
N ILE B 225 -30.43 -23.31 -20.86
CA ILE B 225 -29.04 -23.68 -20.59
C ILE B 225 -28.38 -24.18 -21.88
N LYS B 226 -29.07 -25.03 -22.64
CA LYS B 226 -28.55 -25.45 -23.94
C LYS B 226 -28.35 -24.21 -24.83
N LYS B 227 -29.40 -23.41 -25.01
CA LYS B 227 -29.29 -22.21 -25.82
C LYS B 227 -28.06 -21.41 -25.41
N ALA B 228 -27.80 -21.31 -24.11
CA ALA B 228 -26.64 -20.55 -23.64
C ALA B 228 -25.36 -21.25 -24.01
N TYR B 229 -25.28 -22.54 -23.73
CA TYR B 229 -24.07 -23.29 -23.99
C TYR B 229 -23.78 -23.36 -25.49
N GLU B 230 -24.78 -22.98 -26.29
CA GLU B 230 -24.67 -23.01 -27.75
C GLU B 230 -24.34 -21.63 -28.32
N THR B 231 -25.01 -20.60 -27.84
CA THR B 231 -24.81 -19.28 -28.43
C THR B 231 -24.08 -18.28 -27.54
N GLY B 232 -23.87 -18.65 -26.27
CA GLY B 232 -23.28 -17.73 -25.32
C GLY B 232 -24.31 -16.91 -24.55
N LYS B 233 -25.53 -16.81 -25.09
CA LYS B 233 -26.62 -16.15 -24.38
C LYS B 233 -27.77 -17.12 -24.06
N GLY B 234 -28.43 -16.87 -22.93
CA GLY B 234 -29.57 -17.65 -22.48
C GLY B 234 -30.11 -17.05 -21.19
N ARG B 235 -31.36 -17.37 -20.86
CA ARG B 235 -32.06 -16.83 -19.70
C ARG B 235 -32.54 -18.01 -18.90
N VAL B 236 -31.92 -18.24 -17.75
CA VAL B 236 -32.34 -19.30 -16.86
C VAL B 236 -32.99 -18.70 -15.60
N VAL B 237 -33.65 -19.52 -14.78
CA VAL B 237 -34.28 -19.01 -13.56
C VAL B 237 -33.60 -19.56 -12.32
N VAL B 238 -33.30 -18.70 -11.36
CA VAL B 238 -32.77 -19.17 -10.08
C VAL B 238 -33.74 -18.93 -8.92
N ARG B 239 -34.07 -20.01 -8.23
CA ARG B 239 -35.04 -19.97 -7.12
C ARG B 239 -34.43 -20.41 -5.78
N SER B 240 -34.81 -19.72 -4.71
CA SER B 240 -34.29 -20.00 -3.38
C SER B 240 -34.71 -21.36 -2.82
N LYS B 241 -33.80 -21.99 -2.08
CA LYS B 241 -34.09 -23.26 -1.40
C LYS B 241 -34.90 -22.97 -0.15
N THR B 242 -36.02 -23.68 0.02
CA THR B 242 -36.97 -23.34 1.08
C THR B 242 -37.66 -24.53 1.76
N GLU B 243 -37.41 -24.66 3.06
CA GLU B 243 -38.09 -25.63 3.91
C GLU B 243 -39.37 -24.99 4.51
N ILE B 244 -40.27 -25.82 5.08
CA ILE B 244 -41.44 -25.31 5.80
C ILE B 244 -41.58 -25.91 7.20
N GLU B 245 -41.33 -25.13 8.24
CA GLU B 245 -41.43 -25.64 9.62
C GLU B 245 -42.76 -25.31 10.29
N LYS B 246 -43.32 -26.29 11.00
CA LYS B 246 -44.54 -26.08 11.80
C LYS B 246 -44.13 -25.43 13.12
N LEU B 247 -44.95 -24.51 13.61
CA LEU B 247 -44.72 -23.89 14.91
C LEU B 247 -45.89 -24.18 15.84
N LYS B 248 -45.66 -24.08 17.15
CA LYS B 248 -46.73 -24.29 18.10
C LYS B 248 -47.85 -23.29 17.81
N GLY B 249 -49.09 -23.68 18.07
CA GLY B 249 -50.22 -22.78 17.88
C GLY B 249 -50.75 -22.74 16.47
N GLY B 250 -50.47 -23.79 15.69
CA GLY B 250 -51.02 -23.91 14.36
C GLY B 250 -50.46 -22.91 13.36
N LYS B 251 -49.33 -22.30 13.72
CA LYS B 251 -48.66 -21.36 12.83
C LYS B 251 -47.51 -22.06 12.08
N GLU B 252 -47.30 -21.69 10.82
CA GLU B 252 -46.23 -22.26 9.99
C GLU B 252 -45.18 -21.22 9.73
N GLN B 253 -44.05 -21.65 9.18
CA GLN B 253 -42.90 -20.76 9.01
C GLN B 253 -42.15 -21.11 7.74
N ILE B 254 -42.04 -20.17 6.81
CA ILE B 254 -41.20 -20.39 5.63
C ILE B 254 -39.75 -20.08 5.93
N VAL B 255 -38.88 -21.06 5.74
CA VAL B 255 -37.48 -20.89 6.09
C VAL B 255 -36.62 -20.94 4.83
N ILE B 256 -35.79 -19.93 4.63
CA ILE B 256 -34.91 -19.90 3.46
C ILE B 256 -33.49 -20.27 3.85
N THR B 257 -32.90 -21.21 3.12
CA THR B 257 -31.58 -21.72 3.50
C THR B 257 -30.51 -21.44 2.44
N GLU B 258 -30.96 -21.12 1.22
CA GLU B 258 -30.03 -20.74 0.15
C GLU B 258 -30.69 -19.68 -0.73
N ILE B 259 -29.90 -18.78 -1.28
CA ILE B 259 -30.43 -17.74 -2.17
C ILE B 259 -29.71 -17.64 -3.51
N PRO B 260 -30.25 -16.82 -4.41
CA PRO B 260 -29.74 -16.75 -5.78
C PRO B 260 -28.43 -15.97 -5.88
N TYR B 261 -27.54 -16.46 -6.74
CA TYR B 261 -26.27 -15.80 -7.03
C TYR B 261 -26.43 -14.29 -7.23
N GLU B 262 -25.42 -13.53 -6.77
CA GLU B 262 -25.35 -12.08 -6.98
C GLU B 262 -26.45 -11.29 -6.25
N ILE B 263 -27.02 -11.87 -5.21
CA ILE B 263 -28.15 -11.25 -4.52
C ILE B 263 -27.78 -10.89 -3.10
N ASN B 264 -28.05 -9.66 -2.72
CA ASN B 264 -27.68 -9.16 -1.40
C ASN B 264 -28.65 -9.63 -0.31
N LYS B 265 -28.20 -10.52 0.56
CA LYS B 265 -29.09 -11.12 1.57
C LYS B 265 -29.84 -10.07 2.39
N ALA B 266 -29.14 -8.99 2.71
CA ALA B 266 -29.69 -7.97 3.60
C ALA B 266 -30.82 -7.20 2.95
N ASN B 267 -30.63 -6.81 1.68
CA ASN B 267 -31.68 -6.13 0.91
C ASN B 267 -32.87 -7.04 0.76
N LEU B 268 -32.60 -8.24 0.23
CA LEU B 268 -33.64 -9.27 0.09
C LEU B 268 -34.50 -9.33 1.34
N VAL B 269 -33.86 -9.51 2.50
CA VAL B 269 -34.62 -9.50 3.75
C VAL B 269 -35.49 -8.24 3.93
N LYS B 270 -34.96 -7.04 3.63
CA LYS B 270 -35.79 -5.83 3.80
C LYS B 270 -36.94 -5.88 2.81
N LYS B 271 -36.60 -6.10 1.55
CA LYS B 271 -37.57 -6.07 0.47
C LYS B 271 -38.73 -7.04 0.73
N ILE B 272 -38.43 -8.16 1.38
CA ILE B 272 -39.48 -9.07 1.86
C ILE B 272 -40.27 -8.45 3.01
N ASP B 273 -39.62 -8.09 4.12
CA ASP B 273 -40.32 -7.38 5.20
C ASP B 273 -41.15 -6.23 4.61
N ASP B 274 -40.67 -5.70 3.49
CA ASP B 274 -41.35 -4.62 2.79
C ASP B 274 -42.72 -5.04 2.28
N VAL B 275 -42.81 -6.27 1.79
CA VAL B 275 -44.09 -6.86 1.42
C VAL B 275 -44.99 -6.93 2.65
N ARG B 276 -44.51 -7.59 3.71
CA ARG B 276 -45.29 -7.66 4.95
C ARG B 276 -45.82 -6.29 5.40
N VAL B 277 -44.95 -5.29 5.40
CA VAL B 277 -45.32 -3.97 5.91
C VAL B 277 -46.41 -3.36 5.03
N ASN B 278 -46.28 -3.59 3.73
CA ASN B 278 -47.21 -3.04 2.78
C ASN B 278 -48.42 -3.95 2.60
N ASN B 279 -48.45 -5.04 3.34
CA ASN B 279 -49.56 -6.00 3.28
C ASN B 279 -49.86 -6.42 1.84
N LYS B 280 -48.84 -6.39 0.98
CA LYS B 280 -48.97 -6.71 -0.43
C LYS B 280 -49.56 -8.11 -0.64
N VAL B 281 -49.21 -9.03 0.25
CA VAL B 281 -49.79 -10.37 0.25
C VAL B 281 -50.26 -10.76 1.65
N ALA B 282 -51.46 -11.33 1.75
CA ALA B 282 -52.07 -11.63 3.04
C ALA B 282 -51.28 -12.62 3.91
N GLY B 283 -51.11 -12.31 5.19
CA GLY B 283 -50.70 -13.31 6.16
C GLY B 283 -49.26 -13.40 6.68
N ILE B 284 -48.41 -12.41 6.44
CA ILE B 284 -47.06 -12.45 7.00
C ILE B 284 -46.95 -11.85 8.42
N ALA B 285 -46.49 -12.68 9.36
CA ALA B 285 -46.36 -12.25 10.75
C ALA B 285 -45.10 -11.45 11.02
N GLU B 286 -43.97 -11.92 10.52
CA GLU B 286 -42.69 -11.29 10.83
C GLU B 286 -41.56 -11.85 9.98
N VAL B 287 -40.65 -10.99 9.54
CA VAL B 287 -39.46 -11.47 8.85
C VAL B 287 -38.25 -11.37 9.78
N ARG B 288 -37.36 -12.35 9.69
CA ARG B 288 -36.22 -12.42 10.60
C ARG B 288 -35.01 -13.03 9.94
N ASP B 289 -33.92 -12.29 9.82
CA ASP B 289 -32.70 -12.92 9.36
C ASP B 289 -32.05 -13.62 10.56
N GLU B 290 -32.02 -14.94 10.52
CA GLU B 290 -31.50 -15.72 11.64
C GLU B 290 -30.19 -16.39 11.25
N SER B 291 -29.58 -15.94 10.16
CA SER B 291 -28.26 -16.37 9.80
C SER B 291 -27.28 -16.11 10.95
N ASP B 292 -26.29 -16.98 11.08
CA ASP B 292 -25.23 -16.79 12.05
C ASP B 292 -23.93 -17.38 11.50
N ARG B 293 -22.81 -17.05 12.14
CA ARG B 293 -21.47 -17.40 11.64
C ARG B 293 -21.35 -18.75 10.92
N ASP B 294 -22.22 -19.70 11.23
CA ASP B 294 -22.18 -20.98 10.53
C ASP B 294 -23.53 -21.44 9.98
N GLY B 295 -24.09 -20.64 9.08
CA GLY B 295 -25.32 -21.00 8.39
C GLY B 295 -26.23 -19.83 8.02
N LEU B 296 -26.71 -19.85 6.79
CA LEU B 296 -27.73 -18.91 6.34
C LEU B 296 -29.15 -19.39 6.72
N ARG B 297 -30.02 -18.46 7.12
CA ARG B 297 -31.36 -18.81 7.56
C ARG B 297 -32.27 -17.59 7.70
N ILE B 298 -33.33 -17.55 6.89
CA ILE B 298 -34.30 -16.47 6.92
C ILE B 298 -35.67 -17.07 7.26
N ALA B 299 -36.20 -16.71 8.42
CA ALA B 299 -37.50 -17.19 8.88
C ALA B 299 -38.53 -16.17 8.42
N ILE B 300 -39.52 -16.62 7.65
CA ILE B 300 -40.68 -15.81 7.29
C ILE B 300 -41.93 -16.41 7.95
N GLU B 301 -42.04 -16.23 9.26
CA GLU B 301 -43.14 -16.81 10.01
C GLU B 301 -44.44 -16.08 9.68
N LEU B 302 -45.51 -16.86 9.44
CA LEU B 302 -46.79 -16.29 9.00
C LEU B 302 -47.83 -16.46 10.07
N LYS B 303 -48.96 -15.77 9.92
CA LYS B 303 -50.01 -15.76 10.92
C LYS B 303 -50.79 -17.07 10.87
N LYS B 304 -51.62 -17.32 11.89
CA LYS B 304 -52.54 -18.46 11.87
C LYS B 304 -53.50 -18.38 10.67
N ASP B 305 -54.04 -19.53 10.26
CA ASP B 305 -55.03 -19.56 9.18
C ASP B 305 -54.56 -18.74 7.94
N ALA B 306 -53.29 -18.91 7.55
CA ALA B 306 -52.74 -18.19 6.40
C ALA B 306 -52.29 -19.11 5.26
N ASN B 307 -52.66 -18.76 4.03
CA ASN B 307 -52.33 -19.61 2.87
C ASN B 307 -50.85 -19.60 2.58
N THR B 308 -50.11 -20.58 3.09
CA THR B 308 -48.67 -20.49 2.98
C THR B 308 -48.16 -20.61 1.53
N GLU B 309 -48.87 -21.34 0.68
CA GLU B 309 -48.50 -21.42 -0.74
C GLU B 309 -48.71 -20.10 -1.50
N LEU B 310 -49.65 -19.27 -1.03
CA LEU B 310 -49.88 -17.95 -1.63
C LEU B 310 -48.72 -17.01 -1.34
N VAL B 311 -48.30 -16.97 -0.08
CA VAL B 311 -47.18 -16.14 0.35
C VAL B 311 -45.88 -16.50 -0.40
N LEU B 312 -45.58 -17.79 -0.46
CA LEU B 312 -44.35 -18.23 -1.07
C LEU B 312 -44.34 -17.86 -2.54
N ASN B 313 -45.44 -18.11 -3.23
CA ASN B 313 -45.51 -17.78 -4.65
C ASN B 313 -45.35 -16.31 -4.94
N TYR B 314 -45.96 -15.47 -4.09
CA TYR B 314 -45.86 -14.04 -4.27
C TYR B 314 -44.42 -13.60 -4.11
N LEU B 315 -43.77 -14.08 -3.04
CA LEU B 315 -42.38 -13.72 -2.80
C LEU B 315 -41.50 -14.13 -3.98
N PHE B 316 -41.66 -15.34 -4.49
CA PHE B 316 -40.90 -15.77 -5.66
C PHE B 316 -41.06 -14.81 -6.84
N LYS B 317 -42.28 -14.33 -7.07
CA LYS B 317 -42.54 -13.51 -8.25
C LYS B 317 -42.03 -12.08 -8.04
N TYR B 318 -42.52 -11.44 -6.97
CA TYR B 318 -42.34 -9.99 -6.74
C TYR B 318 -41.09 -9.59 -5.93
N THR B 319 -40.35 -10.57 -5.45
CA THR B 319 -39.04 -10.27 -4.89
C THR B 319 -37.93 -11.06 -5.58
N ASP B 320 -36.75 -11.03 -4.97
CA ASP B 320 -35.58 -11.65 -5.57
C ASP B 320 -35.32 -13.02 -4.95
N LEU B 321 -36.27 -13.49 -4.14
CA LEU B 321 -36.24 -14.86 -3.67
C LEU B 321 -36.14 -15.79 -4.87
N GLN B 322 -36.49 -15.26 -6.02
CA GLN B 322 -36.24 -15.91 -7.30
C GLN B 322 -36.08 -14.88 -8.40
N ILE B 323 -35.10 -15.12 -9.26
CA ILE B 323 -34.65 -14.15 -10.25
C ILE B 323 -34.31 -14.83 -11.56
N ASN B 324 -34.04 -14.02 -12.59
CA ASN B 324 -33.44 -14.51 -13.84
C ASN B 324 -31.92 -14.28 -13.91
N TYR B 325 -31.15 -15.36 -14.11
CA TYR B 325 -29.75 -15.22 -14.50
C TYR B 325 -29.64 -15.23 -16.03
N ASN B 326 -28.96 -14.24 -16.62
CA ASN B 326 -28.75 -14.25 -18.08
C ASN B 326 -27.32 -14.55 -18.48
N PHE B 327 -27.11 -15.64 -19.20
CA PHE B 327 -25.80 -15.90 -19.75
C PHE B 327 -25.51 -14.83 -20.76
N ASN B 328 -24.31 -14.26 -20.70
CA ASN B 328 -23.80 -13.43 -21.78
C ASN B 328 -22.31 -13.68 -21.96
N MET B 329 -21.98 -14.91 -22.28
CA MET B 329 -20.61 -15.38 -22.24
C MET B 329 -19.72 -14.77 -23.31
N VAL B 330 -19.04 -13.70 -22.91
CA VAL B 330 -18.08 -13.02 -23.77
C VAL B 330 -16.70 -13.05 -23.16
N ALA B 331 -15.69 -13.18 -24.00
CA ALA B 331 -14.32 -13.32 -23.56
C ALA B 331 -13.36 -12.96 -24.69
N ILE B 332 -12.07 -12.99 -24.40
CA ILE B 332 -11.09 -12.50 -25.36
C ILE B 332 -10.34 -13.66 -25.94
N ASP B 333 -10.51 -13.83 -27.24
CA ASP B 333 -9.88 -14.88 -28.02
C ASP B 333 -9.08 -14.20 -29.10
N ASN B 334 -7.94 -14.76 -29.46
CA ASN B 334 -7.03 -14.06 -30.35
C ASN B 334 -7.17 -12.53 -30.29
N PHE B 335 -7.07 -11.97 -29.08
CA PHE B 335 -7.09 -10.52 -28.86
C PHE B 335 -8.42 -9.81 -29.14
N THR B 336 -9.47 -10.55 -29.47
CA THR B 336 -10.72 -9.92 -29.85
C THR B 336 -11.83 -10.34 -28.92
N PRO B 337 -12.80 -9.45 -28.69
CA PRO B 337 -13.93 -9.94 -27.90
C PRO B 337 -14.68 -10.93 -28.78
N ARG B 338 -15.32 -11.92 -28.17
CA ARG B 338 -15.90 -13.03 -28.91
C ARG B 338 -17.02 -13.64 -28.08
N GLN B 339 -18.26 -13.55 -28.56
CA GLN B 339 -19.36 -14.23 -27.90
C GLN B 339 -19.16 -15.73 -28.12
N VAL B 340 -19.22 -16.50 -27.04
CA VAL B 340 -18.76 -17.88 -27.15
C VAL B 340 -19.55 -18.80 -26.24
N GLY B 341 -19.71 -20.02 -26.71
CA GLY B 341 -20.45 -21.03 -25.98
C GLY B 341 -19.49 -22.10 -25.49
N ILE B 342 -20.06 -23.19 -25.00
CA ILE B 342 -19.28 -24.21 -24.32
C ILE B 342 -18.09 -24.71 -25.15
N VAL B 343 -18.25 -24.75 -26.46
CA VAL B 343 -17.25 -25.38 -27.30
C VAL B 343 -16.04 -24.50 -27.65
N PRO B 344 -16.28 -23.30 -28.16
CA PRO B 344 -15.17 -22.35 -28.30
C PRO B 344 -14.39 -22.19 -26.98
N ILE B 345 -15.06 -22.32 -25.84
CA ILE B 345 -14.38 -22.26 -24.55
C ILE B 345 -13.48 -23.48 -24.36
N LEU B 346 -14.07 -24.63 -24.05
CA LEU B 346 -13.26 -25.84 -23.84
C LEU B 346 -12.19 -26.07 -24.93
N SER B 347 -12.54 -25.80 -26.18
CA SER B 347 -11.58 -25.96 -27.26
C SER B 347 -10.36 -25.06 -26.97
N SER B 348 -10.61 -23.76 -26.83
CA SER B 348 -9.55 -22.79 -26.54
C SER B 348 -8.71 -23.17 -25.33
N TYR B 349 -9.35 -23.83 -24.37
CA TYR B 349 -8.68 -24.24 -23.14
C TYR B 349 -7.71 -25.37 -23.42
N ILE B 350 -8.26 -26.48 -23.88
CA ILE B 350 -7.49 -27.58 -24.45
C ILE B 350 -6.33 -27.09 -25.34
N ALA B 351 -6.62 -26.16 -26.23
CA ALA B 351 -5.63 -25.61 -27.17
C ALA B 351 -4.45 -25.14 -26.42
N HIS B 352 -4.77 -24.30 -25.42
CA HIS B 352 -3.84 -23.62 -24.56
C HIS B 352 -3.08 -24.60 -23.65
N ARG B 353 -3.83 -25.47 -22.97
CA ARG B 353 -3.22 -26.55 -22.21
C ARG B 353 -2.21 -27.32 -23.04
N ARG B 354 -2.40 -27.30 -24.36
CA ARG B 354 -1.48 -27.98 -25.27
C ARG B 354 -0.17 -27.21 -25.40
N GLU B 355 -0.28 -25.98 -25.90
CA GLU B 355 0.87 -25.10 -25.99
C GLU B 355 1.73 -25.11 -24.72
N VAL B 356 1.08 -25.16 -23.56
CA VAL B 356 1.77 -25.15 -22.26
C VAL B 356 2.55 -26.44 -21.97
N ILE B 357 1.86 -27.57 -21.98
CA ILE B 357 2.52 -28.87 -21.84
C ILE B 357 3.66 -29.09 -22.87
N LEU B 358 3.43 -28.65 -24.10
CA LEU B 358 4.50 -28.72 -25.08
C LEU B 358 5.68 -27.83 -24.69
N ALA B 359 5.40 -26.56 -24.39
CA ALA B 359 6.42 -25.62 -23.93
C ALA B 359 7.17 -26.11 -22.70
N ARG B 360 6.42 -26.67 -21.75
CA ARG B 360 7.01 -27.14 -20.51
C ARG B 360 7.95 -28.28 -20.85
N SER B 361 7.47 -29.19 -21.68
CA SER B 361 8.23 -30.41 -21.94
C SER B 361 9.52 -30.19 -22.70
N ARG B 362 9.63 -29.08 -23.42
CA ARG B 362 10.88 -28.74 -24.09
C ARG B 362 11.82 -28.26 -23.03
N PHE B 363 11.34 -27.32 -22.23
CA PHE B 363 12.12 -26.75 -21.16
C PHE B 363 12.80 -27.80 -20.31
N ASP B 364 12.04 -28.79 -19.87
CA ASP B 364 12.55 -29.84 -19.00
C ASP B 364 13.49 -30.77 -19.74
N LYS B 365 13.16 -31.05 -21.00
CA LYS B 365 14.02 -31.89 -21.82
C LYS B 365 15.38 -31.19 -21.88
N GLU B 366 15.38 -29.95 -22.32
CA GLU B 366 16.62 -29.21 -22.49
C GLU B 366 17.46 -29.18 -21.20
N LYS B 367 16.82 -28.93 -20.06
CA LYS B 367 17.52 -29.04 -18.77
C LYS B 367 18.18 -30.38 -18.65
N ALA B 368 17.39 -31.44 -18.81
CA ALA B 368 17.86 -32.80 -18.61
C ALA B 368 18.95 -33.20 -19.59
N GLU B 369 18.87 -32.72 -20.82
CA GLU B 369 19.91 -32.95 -21.84
C GLU B 369 21.25 -32.41 -21.35
N LYS B 370 21.22 -31.14 -20.88
CA LYS B 370 22.44 -30.42 -20.51
C LYS B 370 23.15 -31.11 -19.39
N ARG B 371 22.36 -31.55 -18.41
CA ARG B 371 22.93 -32.24 -17.26
C ARG B 371 23.40 -33.65 -17.59
N LEU B 372 22.69 -34.31 -18.49
CA LEU B 372 23.08 -35.63 -18.95
C LEU B 372 24.47 -35.47 -19.54
N HIS B 373 24.65 -34.37 -20.25
CA HIS B 373 25.91 -34.12 -20.92
C HIS B 373 27.02 -34.01 -19.89
N ILE B 374 26.75 -33.31 -18.78
CA ILE B 374 27.76 -33.10 -17.76
C ILE B 374 28.05 -34.43 -17.09
N VAL B 375 26.99 -35.19 -16.85
CA VAL B 375 27.16 -36.44 -16.16
C VAL B 375 27.97 -37.42 -17.01
N GLU B 376 27.75 -37.40 -18.32
CA GLU B 376 28.50 -38.29 -19.20
C GLU B 376 30.00 -37.99 -19.03
N GLY B 377 30.33 -36.70 -18.99
CA GLY B 377 31.69 -36.26 -18.81
C GLY B 377 32.28 -36.68 -17.47
N LEU B 378 31.52 -36.47 -16.39
CA LEU B 378 31.96 -36.86 -15.04
C LEU B 378 32.23 -38.36 -14.89
N ILE B 379 31.52 -39.16 -15.67
CA ILE B 379 31.75 -40.61 -15.62
C ILE B 379 33.13 -40.95 -16.17
N ARG B 380 33.51 -40.38 -17.33
CA ARG B 380 34.87 -40.57 -17.88
C ARG B 380 35.94 -40.05 -16.91
N VAL B 381 35.67 -38.89 -16.34
CA VAL B 381 36.66 -38.21 -15.53
C VAL B 381 37.13 -39.18 -14.47
N ILE B 382 36.18 -39.80 -13.78
CA ILE B 382 36.48 -40.74 -12.70
C ILE B 382 37.55 -41.78 -13.02
N SER B 383 37.53 -42.33 -14.23
CA SER B 383 38.46 -43.40 -14.59
C SER B 383 39.82 -42.82 -14.96
N ILE B 384 39.86 -41.51 -15.17
CA ILE B 384 41.10 -40.83 -15.44
C ILE B 384 41.42 -39.72 -14.43
N LEU B 385 40.83 -39.83 -13.24
CA LEU B 385 40.93 -38.81 -12.18
C LEU B 385 42.32 -38.22 -12.05
N ASP B 386 43.25 -39.07 -11.63
CA ASP B 386 44.66 -38.69 -11.49
C ASP B 386 45.22 -37.93 -12.69
N GLU B 387 45.09 -38.52 -13.89
CA GLU B 387 45.56 -37.88 -15.11
C GLU B 387 44.94 -36.49 -15.26
N VAL B 388 43.69 -36.35 -14.83
CA VAL B 388 42.99 -35.09 -15.01
C VAL B 388 43.56 -34.06 -14.04
N ILE B 389 43.65 -34.46 -12.77
CA ILE B 389 44.30 -33.63 -11.78
C ILE B 389 45.68 -33.21 -12.29
N ALA B 390 46.52 -34.19 -12.58
CA ALA B 390 47.83 -33.94 -13.15
C ALA B 390 47.82 -32.91 -14.29
N LEU B 391 46.85 -33.05 -15.19
CA LEU B 391 46.73 -32.20 -16.36
C LEU B 391 46.41 -30.77 -15.98
N ILE B 392 45.46 -30.62 -15.05
CA ILE B 392 45.16 -29.31 -14.50
C ILE B 392 46.36 -28.68 -13.77
N ARG B 393 46.92 -29.39 -12.79
CA ARG B 393 48.16 -28.97 -12.15
C ARG B 393 49.17 -28.45 -13.17
N ALA B 394 49.24 -29.11 -14.33
CA ALA B 394 50.21 -28.73 -15.35
C ALA B 394 49.77 -27.55 -16.23
N SER B 395 48.49 -27.19 -16.19
CA SER B 395 48.01 -26.02 -16.95
C SER B 395 48.43 -24.71 -16.30
N GLU B 396 48.48 -23.63 -17.08
CA GLU B 396 48.95 -22.34 -16.54
C GLU B 396 47.82 -21.56 -15.84
N ASN B 397 46.58 -21.78 -16.28
CA ASN B 397 45.42 -21.11 -15.68
C ASN B 397 44.10 -21.79 -16.03
N LYS B 398 42.98 -21.14 -15.77
CA LYS B 398 41.68 -21.78 -15.98
C LYS B 398 41.42 -22.12 -17.44
N ALA B 399 41.43 -21.09 -18.30
CA ALA B 399 41.22 -21.29 -19.73
C ALA B 399 42.12 -22.38 -20.27
N ASP B 400 43.42 -22.23 -20.05
CA ASP B 400 44.36 -23.24 -20.55
C ASP B 400 44.02 -24.65 -20.06
N ALA B 401 43.55 -24.79 -18.83
CA ALA B 401 43.14 -26.09 -18.34
C ALA B 401 42.04 -26.69 -19.23
N LYS B 402 41.14 -25.85 -19.72
CA LYS B 402 40.09 -26.34 -20.58
C LYS B 402 40.59 -26.72 -21.99
N GLU B 403 41.27 -25.83 -22.72
CA GLU B 403 41.78 -26.26 -24.02
C GLU B 403 42.52 -27.59 -23.82
N ASN B 404 43.11 -27.76 -22.66
CA ASN B 404 43.88 -28.96 -22.40
C ASN B 404 42.99 -30.17 -22.15
N LEU B 405 41.88 -29.95 -21.45
CA LEU B 405 40.94 -31.01 -21.19
C LEU B 405 40.28 -31.43 -22.51
N LYS B 406 40.03 -30.44 -23.35
CA LYS B 406 39.46 -30.69 -24.67
C LYS B 406 40.48 -31.45 -25.52
N VAL B 407 41.47 -30.73 -26.02
CA VAL B 407 42.52 -31.30 -26.84
C VAL B 407 43.00 -32.69 -26.42
N SER B 408 43.17 -32.90 -25.13
CA SER B 408 43.76 -34.16 -24.66
C SER B 408 42.75 -35.26 -24.40
N TYR B 409 41.49 -34.92 -24.20
CA TYR B 409 40.51 -35.94 -23.81
C TYR B 409 39.16 -35.75 -24.47
N ASP B 410 39.12 -34.88 -25.47
CA ASP B 410 37.90 -34.59 -26.21
C ASP B 410 36.67 -34.35 -25.33
N PHE B 411 36.83 -33.69 -24.20
CA PHE B 411 35.67 -33.17 -23.52
C PHE B 411 35.14 -31.98 -24.30
N THR B 412 33.87 -31.66 -24.11
CA THR B 412 33.33 -30.44 -24.70
C THR B 412 33.59 -29.27 -23.76
N GLU B 413 33.59 -28.06 -24.31
CA GLU B 413 33.59 -26.85 -23.52
C GLU B 413 32.73 -26.98 -22.26
N GLU B 414 31.45 -27.32 -22.45
CA GLU B 414 30.53 -27.37 -21.33
C GLU B 414 30.95 -28.40 -20.29
N GLN B 415 31.59 -29.47 -20.76
CA GLN B 415 32.05 -30.49 -19.82
C GLN B 415 33.30 -30.00 -19.13
N ALA B 416 34.23 -29.44 -19.92
CA ALA B 416 35.47 -28.94 -19.38
C ALA B 416 35.18 -27.94 -18.26
N GLU B 417 34.32 -26.98 -18.57
CA GLU B 417 33.92 -26.00 -17.56
C GLU B 417 33.45 -26.64 -16.27
N ALA B 418 32.54 -27.60 -16.39
CA ALA B 418 32.00 -28.28 -15.22
C ALA B 418 33.10 -28.88 -14.35
N ILE B 419 34.00 -29.57 -15.02
CA ILE B 419 35.08 -30.31 -14.36
C ILE B 419 35.98 -29.32 -13.65
N VAL B 420 36.45 -28.36 -14.41
CA VAL B 420 37.42 -27.39 -13.93
C VAL B 420 36.89 -26.50 -12.78
N THR B 421 35.57 -26.44 -12.61
CA THR B 421 34.98 -25.63 -11.55
C THR B 421 34.47 -26.45 -10.38
N LEU B 422 34.81 -27.74 -10.39
CA LEU B 422 34.51 -28.67 -9.30
C LEU B 422 35.31 -28.32 -8.04
N GLN B 423 34.64 -28.31 -6.88
CA GLN B 423 35.36 -28.04 -5.64
C GLN B 423 36.25 -29.22 -5.23
N LEU B 424 37.47 -28.96 -4.73
CA LEU B 424 38.39 -30.04 -4.36
C LEU B 424 37.73 -31.24 -3.68
N TYR B 425 36.91 -31.01 -2.66
CA TYR B 425 36.35 -32.09 -1.87
C TYR B 425 35.57 -33.10 -2.73
N ARG B 426 35.15 -32.68 -3.92
CA ARG B 426 34.50 -33.60 -4.84
C ARG B 426 35.36 -34.84 -5.16
N LEU B 427 36.68 -34.70 -5.15
CA LEU B 427 37.58 -35.85 -5.35
C LEU B 427 37.48 -36.96 -4.29
N THR B 428 36.50 -36.87 -3.39
CA THR B 428 36.25 -37.90 -2.40
C THR B 428 34.93 -38.60 -2.71
N ASN B 429 34.34 -38.19 -3.83
CA ASN B 429 33.02 -38.64 -4.23
C ASN B 429 33.14 -39.47 -5.49
N THR B 430 34.25 -40.18 -5.59
CA THR B 430 34.58 -40.92 -6.79
C THR B 430 33.76 -42.22 -6.89
N ASP B 431 32.45 -42.08 -7.16
CA ASP B 431 31.53 -43.20 -7.27
C ASP B 431 30.76 -43.22 -8.60
N VAL B 432 31.20 -44.05 -9.54
CA VAL B 432 30.57 -44.14 -10.86
C VAL B 432 29.11 -44.58 -10.84
N VAL B 433 28.80 -45.56 -10.01
CA VAL B 433 27.48 -46.18 -10.05
C VAL B 433 26.32 -45.26 -9.66
N VAL B 434 26.58 -44.22 -8.88
CA VAL B 434 25.52 -43.26 -8.60
C VAL B 434 25.29 -42.39 -9.82
N LEU B 435 26.39 -42.00 -10.46
CA LEU B 435 26.30 -41.28 -11.72
C LEU B 435 25.61 -42.13 -12.77
N GLN B 436 26.02 -43.39 -12.90
CA GLN B 436 25.37 -44.28 -13.86
C GLN B 436 23.87 -44.41 -13.60
N GLU B 437 23.44 -44.27 -12.35
CA GLU B 437 22.02 -44.29 -12.01
C GLU B 437 21.31 -43.01 -12.44
N GLU B 438 22.00 -41.87 -12.34
CA GLU B 438 21.42 -40.60 -12.75
C GLU B 438 21.35 -40.57 -14.28
N GLU B 439 22.45 -40.93 -14.91
CA GLU B 439 22.47 -40.99 -16.36
C GLU B 439 21.29 -41.82 -16.85
N ALA B 440 20.88 -42.83 -16.09
CA ALA B 440 19.73 -43.62 -16.54
C ALA B 440 18.42 -42.90 -16.26
N GLU B 441 18.20 -42.52 -15.01
CA GLU B 441 17.12 -41.60 -14.68
C GLU B 441 16.95 -40.59 -15.82
N LEU B 442 18.07 -40.02 -16.26
CA LEU B 442 18.05 -38.92 -17.21
C LEU B 442 17.63 -39.31 -18.63
N ARG B 443 18.23 -40.37 -19.15
CA ARG B 443 17.84 -40.88 -20.46
C ARG B 443 16.36 -41.19 -20.53
N GLU B 444 15.83 -41.89 -19.54
CA GLU B 444 14.39 -42.15 -19.46
C GLU B 444 13.59 -40.82 -19.48
N LYS B 445 13.92 -39.88 -18.62
CA LYS B 445 13.21 -38.59 -18.61
C LYS B 445 13.20 -37.99 -20.01
N ILE B 446 14.36 -37.97 -20.66
CA ILE B 446 14.44 -37.39 -21.98
C ILE B 446 13.57 -38.16 -22.98
N ALA B 447 13.58 -39.48 -22.87
CA ALA B 447 12.75 -40.35 -23.70
C ALA B 447 11.27 -39.96 -23.55
N MET B 448 10.78 -39.96 -22.30
CA MET B 448 9.38 -39.63 -22.02
C MET B 448 8.99 -38.26 -22.58
N LEU B 449 9.80 -37.25 -22.33
CA LEU B 449 9.49 -35.92 -22.81
C LEU B 449 9.54 -35.85 -24.33
N ALA B 450 10.46 -36.57 -24.95
CA ALA B 450 10.56 -36.46 -26.41
C ALA B 450 9.27 -37.02 -27.01
N ALA B 451 8.81 -38.12 -26.43
CA ALA B 451 7.55 -38.75 -26.85
C ALA B 451 6.40 -37.75 -26.80
N ILE B 452 6.28 -37.03 -25.69
CA ILE B 452 5.27 -35.97 -25.54
C ILE B 452 5.34 -34.98 -26.70
N ILE B 453 6.56 -34.70 -27.14
CA ILE B 453 6.77 -33.58 -28.03
C ILE B 453 6.47 -33.97 -29.46
N GLY B 454 6.61 -35.26 -29.76
CA GLY B 454 6.49 -35.75 -31.12
C GLY B 454 5.28 -36.62 -31.40
N ASP B 455 4.35 -36.70 -30.45
CA ASP B 455 3.14 -37.48 -30.63
C ASP B 455 1.92 -36.84 -29.93
N GLU B 456 1.08 -36.20 -30.73
CA GLU B 456 -0.11 -35.52 -30.23
C GLU B 456 -0.96 -36.37 -29.26
N ARG B 457 -1.11 -37.67 -29.54
CA ARG B 457 -1.90 -38.52 -28.61
C ARG B 457 -1.21 -38.57 -27.25
N THR B 458 0.02 -39.08 -27.20
CA THR B 458 0.83 -39.06 -25.97
C THR B 458 0.73 -37.75 -25.13
N MET B 459 0.82 -36.62 -25.81
CA MET B 459 0.60 -35.31 -25.18
C MET B 459 -0.81 -35.14 -24.60
N TYR B 460 -1.84 -35.45 -25.38
CA TYR B 460 -3.21 -35.33 -24.84
C TYR B 460 -3.47 -36.24 -23.64
N ASN B 461 -2.86 -37.43 -23.60
CA ASN B 461 -3.06 -38.29 -22.44
C ASN B 461 -2.40 -37.73 -21.21
N LEU B 462 -1.25 -37.09 -21.38
CA LEU B 462 -0.64 -36.32 -20.30
C LEU B 462 -1.66 -35.32 -19.77
N MET B 463 -2.22 -34.55 -20.70
CA MET B 463 -3.19 -33.52 -20.42
C MET B 463 -4.46 -34.08 -19.75
N LYS B 464 -4.74 -35.36 -19.94
CA LYS B 464 -5.88 -35.93 -19.25
C LYS B 464 -5.44 -36.45 -17.87
N LYS B 465 -4.30 -37.13 -17.82
CA LYS B 465 -3.76 -37.60 -16.53
C LYS B 465 -3.77 -36.44 -15.56
N GLU B 466 -3.38 -35.28 -16.05
CA GLU B 466 -3.23 -34.11 -15.19
C GLU B 466 -4.58 -33.49 -14.82
N LEU B 467 -5.45 -33.29 -15.78
CA LEU B 467 -6.77 -32.73 -15.49
C LEU B 467 -7.47 -33.56 -14.42
N ARG B 468 -7.37 -34.89 -14.54
CA ARG B 468 -7.94 -35.79 -13.55
C ARG B 468 -7.31 -35.60 -12.15
N GLU B 469 -5.99 -35.68 -12.07
CA GLU B 469 -5.28 -35.40 -10.81
C GLU B 469 -5.87 -34.17 -10.10
N VAL B 470 -6.05 -33.08 -10.87
CA VAL B 470 -6.66 -31.85 -10.35
C VAL B 470 -8.08 -32.08 -9.86
N LYS B 471 -8.89 -32.77 -10.66
CA LYS B 471 -10.24 -33.16 -10.24
C LYS B 471 -10.26 -33.99 -8.96
N LYS B 472 -9.40 -35.02 -8.87
CA LYS B 472 -9.33 -35.82 -7.64
C LYS B 472 -8.96 -34.94 -6.48
N LYS B 473 -8.07 -33.99 -6.72
CA LYS B 473 -7.58 -33.17 -5.62
C LYS B 473 -8.54 -32.07 -5.16
N PHE B 474 -9.33 -31.50 -6.07
CA PHE B 474 -10.13 -30.33 -5.70
C PHE B 474 -11.63 -30.52 -5.91
N ALA B 475 -12.02 -31.74 -6.26
CA ALA B 475 -13.41 -32.00 -6.59
C ALA B 475 -14.29 -31.77 -5.39
N THR B 476 -15.40 -31.08 -5.60
CA THR B 476 -16.40 -31.00 -4.54
C THR B 476 -17.81 -31.12 -5.11
N PRO B 477 -18.76 -31.53 -4.26
CA PRO B 477 -20.18 -31.76 -4.60
C PRO B 477 -20.88 -30.55 -5.23
N ARG B 478 -21.91 -30.81 -6.04
CA ARG B 478 -22.77 -29.75 -6.58
C ARG B 478 -23.39 -29.00 -5.42
N LEU B 479 -23.66 -27.71 -5.63
CA LEU B 479 -24.34 -26.92 -4.62
C LEU B 479 -25.72 -26.54 -5.12
N SER B 480 -25.78 -26.13 -6.38
CA SER B 480 -27.06 -25.79 -7.01
C SER B 480 -27.68 -27.05 -7.63
N SER B 481 -28.94 -27.30 -7.30
CA SER B 481 -29.70 -28.35 -7.96
C SER B 481 -30.25 -27.87 -9.31
N LEU B 482 -30.54 -28.79 -10.22
CA LEU B 482 -31.17 -28.41 -11.49
C LEU B 482 -32.60 -28.94 -11.65
N GLU B 483 -33.37 -28.30 -12.53
CA GLU B 483 -34.75 -28.71 -12.87
C GLU B 483 -35.03 -28.17 -14.27
N ASP B 484 -36.09 -28.63 -14.94
CA ASP B 484 -36.47 -28.00 -16.20
C ASP B 484 -37.96 -27.60 -16.26
N LYS C 36 -24.91 3.67 12.30
CA LYS C 36 -24.00 3.43 13.41
C LYS C 36 -24.30 2.09 14.09
N LEU C 37 -25.33 2.06 14.92
CA LEU C 37 -25.68 0.89 15.75
C LEU C 37 -26.29 -0.29 15.00
N THR C 38 -25.77 -1.48 15.26
CA THR C 38 -26.42 -2.73 14.81
C THR C 38 -27.04 -3.35 16.06
N PRO C 39 -28.39 -3.37 16.12
CA PRO C 39 -29.14 -3.73 17.33
C PRO C 39 -29.39 -5.23 17.53
N ALA C 40 -29.60 -5.63 18.77
CA ALA C 40 -30.01 -7.00 19.04
C ALA C 40 -31.39 -7.23 18.39
N GLN C 41 -31.72 -8.48 18.08
CA GLN C 41 -32.99 -8.74 17.43
C GLN C 41 -34.13 -8.47 18.41
N SER C 42 -34.05 -9.09 19.59
CA SER C 42 -35.10 -8.96 20.61
C SER C 42 -34.66 -8.09 21.80
N LYS C 43 -35.51 -7.14 22.20
CA LYS C 43 -35.23 -6.25 23.32
C LYS C 43 -35.35 -6.99 24.65
N ASN C 44 -34.24 -7.08 25.39
CA ASN C 44 -34.21 -7.78 26.67
C ASN C 44 -33.15 -7.25 27.64
N PRO C 45 -33.56 -6.37 28.57
CA PRO C 45 -32.66 -5.83 29.60
C PRO C 45 -31.88 -6.88 30.40
N ALA C 46 -32.50 -8.00 30.74
CA ALA C 46 -31.85 -9.03 31.57
C ALA C 46 -30.70 -9.78 30.89
N LYS C 47 -30.81 -9.96 29.56
CA LYS C 47 -29.81 -10.72 28.80
C LYS C 47 -28.97 -9.83 27.88
N ASN C 48 -29.64 -8.98 27.10
CA ASN C 48 -28.98 -8.11 26.11
C ASN C 48 -27.62 -7.53 26.54
N GLU C 49 -26.67 -7.55 25.62
CA GLU C 49 -25.32 -7.05 25.86
C GLU C 49 -24.93 -6.00 24.83
N LEU C 50 -24.23 -4.96 25.26
CA LEU C 50 -23.79 -3.91 24.34
C LEU C 50 -22.28 -3.99 24.14
N TYR C 51 -21.87 -4.18 22.90
CA TYR C 51 -20.45 -4.30 22.58
C TYR C 51 -19.95 -2.99 21.99
N LEU C 52 -18.98 -2.39 22.69
CA LEU C 52 -18.34 -1.17 22.23
C LEU C 52 -17.00 -1.51 21.60
N VAL C 53 -17.00 -1.63 20.27
CA VAL C 53 -15.81 -2.05 19.55
C VAL C 53 -14.96 -0.88 19.07
N GLU C 54 -13.66 -1.01 19.23
CA GLU C 54 -12.70 -0.06 18.68
C GLU C 54 -12.51 -0.33 17.20
N GLY C 55 -13.24 0.38 16.35
CA GLY C 55 -13.01 0.30 14.92
C GLY C 55 -14.19 -0.16 14.10
N ASP C 56 -14.38 0.46 12.94
CA ASP C 56 -15.43 0.04 12.02
C ASP C 56 -15.11 -1.36 11.51
N SER C 57 -13.82 -1.62 11.30
CA SER C 57 -13.33 -2.90 10.81
C SER C 57 -13.72 -4.05 11.73
N ALA C 58 -13.29 -3.96 12.99
CA ALA C 58 -13.66 -4.90 14.04
C ALA C 58 -15.15 -4.83 14.35
N GLY C 59 -15.72 -3.62 14.31
CA GLY C 59 -17.16 -3.48 14.39
C GLY C 59 -17.85 -4.42 13.41
N GLY C 60 -17.16 -4.68 12.29
CA GLY C 60 -17.66 -5.52 11.22
C GLY C 60 -17.55 -7.01 11.51
N SER C 61 -16.42 -7.44 12.06
CA SER C 61 -16.23 -8.83 12.46
C SER C 61 -17.16 -9.18 13.61
N ALA C 62 -17.54 -8.15 14.38
CA ALA C 62 -18.46 -8.31 15.51
C ALA C 62 -19.88 -8.56 15.05
N LYS C 63 -20.37 -7.72 14.12
CA LYS C 63 -21.69 -7.93 13.51
C LYS C 63 -21.82 -9.37 12.97
N GLN C 64 -20.72 -9.89 12.42
CA GLN C 64 -20.67 -11.23 11.82
C GLN C 64 -20.62 -12.38 12.85
N GLY C 65 -19.65 -12.30 13.76
CA GLY C 65 -19.44 -13.33 14.75
C GLY C 65 -20.45 -13.40 15.89
N ARG C 66 -21.13 -12.30 16.15
CA ARG C 66 -22.05 -12.18 17.29
C ARG C 66 -23.21 -13.20 17.25
N ASP C 67 -23.96 -13.24 18.35
CA ASP C 67 -25.25 -13.89 18.38
C ASP C 67 -26.30 -12.79 18.35
N ARG C 68 -27.00 -12.67 17.21
CA ARG C 68 -27.89 -11.54 16.98
C ARG C 68 -29.09 -11.40 17.92
N LYS C 69 -29.53 -12.49 18.55
CA LYS C 69 -30.76 -12.44 19.33
C LYS C 69 -30.62 -11.53 20.57
N PHE C 70 -29.40 -11.37 21.07
CA PHE C 70 -29.20 -10.60 22.31
C PHE C 70 -27.92 -9.76 22.37
N GLN C 71 -27.15 -9.75 21.29
CA GLN C 71 -25.90 -8.99 21.26
C GLN C 71 -25.95 -7.88 20.22
N ALA C 72 -25.89 -6.64 20.67
CA ALA C 72 -25.83 -5.49 19.77
C ALA C 72 -24.38 -5.00 19.59
N ILE C 73 -24.14 -4.27 18.50
CA ILE C 73 -22.81 -3.79 18.17
C ILE C 73 -22.86 -2.29 17.91
N LEU C 74 -21.95 -1.58 18.55
CA LEU C 74 -21.79 -0.15 18.31
C LEU C 74 -20.31 0.07 18.12
N PRO C 75 -19.90 0.37 16.88
CA PRO C 75 -18.49 0.70 16.63
C PRO C 75 -18.12 2.07 17.21
N LEU C 76 -16.89 2.20 17.69
CA LEU C 76 -16.35 3.48 18.09
C LEU C 76 -15.33 3.92 17.04
N ARG C 77 -15.79 4.72 16.09
CA ARG C 77 -14.93 5.07 14.95
C ARG C 77 -13.99 6.24 15.26
N GLY C 78 -12.78 5.91 15.74
CA GLY C 78 -11.81 6.91 16.17
C GLY C 78 -11.71 6.98 17.69
N LYS C 79 -10.80 7.82 18.18
CA LYS C 79 -10.54 7.88 19.63
C LYS C 79 -11.66 8.61 20.35
N VAL C 80 -12.22 7.97 21.37
CA VAL C 80 -13.28 8.58 22.16
C VAL C 80 -12.81 9.85 22.85
N ILE C 81 -13.65 10.88 22.84
CA ILE C 81 -13.32 12.15 23.49
C ILE C 81 -12.92 11.96 24.97
N ASN C 82 -12.13 12.88 25.50
CA ASN C 82 -11.82 12.85 26.93
C ASN C 82 -12.89 13.63 27.68
N THR C 83 -13.65 12.94 28.54
CA THR C 83 -14.74 13.57 29.27
C THR C 83 -14.34 14.17 30.63
N ALA C 84 -13.04 14.36 30.82
CA ALA C 84 -12.57 15.18 31.93
C ALA C 84 -12.03 16.50 31.41
N LYS C 85 -11.22 16.42 30.35
CA LYS C 85 -10.56 17.59 29.80
C LYS C 85 -11.52 18.55 29.08
N ALA C 86 -12.50 18.01 28.36
CA ALA C 86 -13.31 18.85 27.49
C ALA C 86 -14.44 19.52 28.23
N LYS C 87 -15.04 20.51 27.57
CA LYS C 87 -16.17 21.26 28.12
C LYS C 87 -17.48 20.49 27.93
N MET C 88 -18.33 20.49 28.98
CA MET C 88 -19.60 19.77 28.94
C MET C 88 -20.49 20.25 27.79
N ALA C 89 -20.07 21.34 27.15
CA ALA C 89 -20.73 21.84 25.94
C ALA C 89 -20.37 20.95 24.75
N ASP C 90 -19.08 20.96 24.41
CA ASP C 90 -18.59 20.13 23.32
C ASP C 90 -18.73 18.62 23.62
N ILE C 91 -18.93 18.26 24.90
CA ILE C 91 -19.11 16.85 25.27
C ILE C 91 -20.45 16.29 24.77
N LEU C 92 -21.50 17.10 24.81
CA LEU C 92 -22.81 16.62 24.38
C LEU C 92 -22.98 16.70 22.86
N LYS C 93 -22.24 17.60 22.22
CA LYS C 93 -22.24 17.70 20.75
C LYS C 93 -21.31 16.66 20.12
N ASN C 94 -21.03 15.58 20.85
CA ASN C 94 -20.15 14.51 20.34
C ASN C 94 -20.91 13.28 19.85
N GLU C 95 -20.63 12.89 18.60
CA GLU C 95 -21.37 11.80 17.97
C GLU C 95 -21.33 10.51 18.78
N GLU C 96 -20.14 10.08 19.20
CA GLU C 96 -20.03 8.82 19.94
C GLU C 96 -20.60 8.92 21.34
N ILE C 97 -20.70 10.14 21.86
CA ILE C 97 -21.30 10.35 23.17
C ILE C 97 -22.83 10.37 23.05
N ASN C 98 -23.35 11.03 22.02
CA ASN C 98 -24.81 11.02 21.75
C ASN C 98 -25.35 9.61 21.53
N THR C 99 -24.95 9.01 20.42
CA THR C 99 -25.46 7.69 20.04
C THR C 99 -25.26 6.66 21.15
N MET C 100 -24.34 6.94 22.07
CA MET C 100 -24.04 6.04 23.18
C MET C 100 -24.97 6.27 24.39
N ILE C 101 -25.29 7.53 24.67
CA ILE C 101 -26.27 7.81 25.73
C ILE C 101 -27.65 7.39 25.24
N TYR C 102 -27.89 7.57 23.94
CA TYR C 102 -29.19 7.29 23.33
C TYR C 102 -29.44 5.81 23.02
N THR C 103 -28.37 5.05 22.84
CA THR C 103 -28.49 3.62 22.52
C THR C 103 -28.59 2.81 23.81
N ILE C 104 -28.48 3.49 24.95
CA ILE C 104 -28.53 2.85 26.25
C ILE C 104 -29.81 3.23 26.96
N GLY C 105 -30.37 4.36 26.54
CA GLY C 105 -31.68 4.80 26.98
C GLY C 105 -31.88 5.02 28.48
N ALA C 106 -30.84 5.53 29.15
CA ALA C 106 -30.96 5.89 30.55
C ALA C 106 -30.59 7.36 30.75
N GLY C 107 -30.09 8.00 29.70
CA GLY C 107 -29.72 9.39 29.76
C GLY C 107 -28.44 9.58 30.55
N VAL C 108 -27.91 10.81 30.58
CA VAL C 108 -26.62 11.06 31.21
C VAL C 108 -26.76 11.87 32.51
N GLY C 109 -25.63 12.10 33.17
CA GLY C 109 -25.58 12.93 34.36
C GLY C 109 -26.22 12.32 35.59
N ALA C 110 -27.05 13.11 36.25
CA ALA C 110 -27.81 12.65 37.40
C ALA C 110 -29.29 12.51 37.02
N ASP C 111 -29.59 12.85 35.77
CA ASP C 111 -30.90 12.54 35.16
C ASP C 111 -30.87 11.10 34.68
N PHE C 112 -30.12 10.24 35.38
CA PHE C 112 -29.77 8.90 34.93
C PHE C 112 -30.46 7.77 35.71
N SER C 113 -31.40 7.10 35.06
CA SER C 113 -32.13 5.96 35.63
C SER C 113 -31.52 4.62 35.21
N ILE C 114 -30.81 3.97 36.13
CA ILE C 114 -30.19 2.68 35.85
C ILE C 114 -31.23 1.57 35.74
N GLU C 115 -32.40 1.81 36.30
CA GLU C 115 -33.50 0.85 36.22
C GLU C 115 -34.07 0.83 34.80
N ASP C 116 -34.06 1.99 34.14
CA ASP C 116 -34.60 2.11 32.79
C ASP C 116 -33.52 1.95 31.72
N ALA C 117 -32.52 1.12 32.01
CA ALA C 117 -31.41 0.88 31.08
C ALA C 117 -31.86 0.15 29.82
N ASN C 118 -30.92 -0.51 29.14
CA ASN C 118 -31.24 -1.32 27.97
C ASN C 118 -30.39 -2.59 27.86
N TYR C 119 -29.42 -2.72 28.76
CA TYR C 119 -28.51 -3.85 28.71
C TYR C 119 -28.09 -4.30 30.11
N ASP C 120 -28.09 -5.62 30.34
CA ASP C 120 -27.58 -6.20 31.58
C ASP C 120 -26.06 -6.02 31.63
N LYS C 121 -25.42 -6.11 30.47
CA LYS C 121 -23.98 -5.97 30.38
C LYS C 121 -23.64 -4.94 29.32
N ILE C 122 -22.47 -4.31 29.49
CA ILE C 122 -21.93 -3.42 28.47
C ILE C 122 -20.48 -3.81 28.34
N ILE C 123 -20.05 -4.10 27.12
CA ILE C 123 -18.77 -4.75 26.91
C ILE C 123 -17.87 -3.90 26.02
N ILE C 124 -16.71 -3.50 26.55
CA ILE C 124 -15.75 -2.72 25.79
C ILE C 124 -14.74 -3.67 25.17
N MET C 125 -14.73 -3.74 23.85
CA MET C 125 -13.89 -4.70 23.16
C MET C 125 -12.90 -3.98 22.26
N THR C 126 -11.63 -3.98 22.65
CA THR C 126 -10.60 -3.29 21.85
C THR C 126 -9.46 -4.21 21.44
N ASP C 127 -8.67 -3.74 20.47
CA ASP C 127 -7.44 -4.39 20.08
C ASP C 127 -6.65 -4.58 21.37
N ALA C 128 -5.88 -5.65 21.44
CA ALA C 128 -4.98 -5.84 22.57
C ALA C 128 -3.71 -5.01 22.38
N ASP C 129 -3.86 -3.81 21.81
CA ASP C 129 -2.70 -2.94 21.64
C ASP C 129 -2.70 -1.72 22.60
N THR C 130 -1.70 -0.87 22.42
CA THR C 130 -1.59 0.33 23.23
C THR C 130 -2.83 1.18 23.09
N ASP C 131 -3.10 1.63 21.86
CA ASP C 131 -4.27 2.47 21.59
C ASP C 131 -5.57 1.82 22.02
N GLY C 132 -5.61 0.48 21.94
CA GLY C 132 -6.72 -0.25 22.51
C GLY C 132 -6.85 0.13 23.98
N ALA C 133 -5.73 0.03 24.68
CA ALA C 133 -5.67 0.38 26.08
C ALA C 133 -6.16 1.81 26.32
N HIS C 134 -5.62 2.75 25.56
CA HIS C 134 -5.99 4.15 25.67
C HIS C 134 -7.51 4.32 25.55
N ILE C 135 -8.10 3.68 24.55
CA ILE C 135 -9.55 3.76 24.35
C ILE C 135 -10.32 3.26 25.59
N GLN C 136 -9.91 2.13 26.13
CA GLN C 136 -10.57 1.58 27.32
C GLN C 136 -10.53 2.61 28.42
N THR C 137 -9.44 3.36 28.41
CA THR C 137 -9.13 4.34 29.43
C THR C 137 -10.06 5.56 29.36
N LEU C 138 -10.41 5.96 28.15
CA LEU C 138 -11.30 7.11 27.90
C LEU C 138 -12.77 6.72 28.10
N LEU C 139 -13.15 5.53 27.64
CA LEU C 139 -14.49 5.04 27.84
C LEU C 139 -14.78 4.91 29.33
N LEU C 140 -13.80 4.35 30.05
CA LEU C 140 -13.97 4.16 31.49
C LEU C 140 -14.15 5.46 32.27
N THR C 141 -13.52 6.55 31.82
CA THR C 141 -13.69 7.83 32.50
C THR C 141 -15.07 8.40 32.22
N PHE C 142 -15.56 8.20 31.00
CA PHE C 142 -16.91 8.64 30.64
C PHE C 142 -17.99 8.01 31.52
N PHE C 143 -17.85 6.71 31.80
CA PHE C 143 -18.87 5.98 32.57
C PHE C 143 -18.76 6.29 34.05
N TYR C 144 -17.54 6.48 34.52
CA TYR C 144 -17.30 6.88 35.89
C TYR C 144 -17.84 8.28 36.10
N ARG C 145 -17.59 9.15 35.11
CA ARG C 145 -17.98 10.55 35.20
C ARG C 145 -19.48 10.79 35.00
N TYR C 146 -20.09 10.09 34.06
CA TYR C 146 -21.46 10.44 33.64
C TYR C 146 -22.52 9.30 33.73
N MET C 147 -22.10 8.12 34.15
CA MET C 147 -23.02 7.00 34.40
C MET C 147 -22.51 6.18 35.58
N ARG C 148 -22.15 6.85 36.67
CA ARG C 148 -21.47 6.17 37.79
C ARG C 148 -22.20 4.89 38.25
N PRO C 149 -23.54 4.91 38.24
CA PRO C 149 -24.29 3.72 38.69
C PRO C 149 -23.88 2.46 37.93
N LEU C 150 -23.73 2.59 36.61
CA LEU C 150 -23.46 1.44 35.75
C LEU C 150 -22.19 0.68 36.14
N VAL C 151 -21.13 1.41 36.48
CA VAL C 151 -19.87 0.78 36.85
C VAL C 151 -19.96 0.17 38.26
N GLU C 152 -20.55 0.91 39.20
CA GLU C 152 -20.71 0.44 40.58
C GLU C 152 -21.76 -0.69 40.70
N ALA C 153 -22.59 -0.82 39.66
CA ALA C 153 -23.56 -1.90 39.59
C ALA C 153 -22.97 -3.12 38.86
N GLY C 154 -21.71 -3.01 38.45
CA GLY C 154 -20.97 -4.11 37.84
C GLY C 154 -21.42 -4.48 36.44
N HIS C 155 -22.12 -3.56 35.79
CA HIS C 155 -22.66 -3.79 34.45
C HIS C 155 -21.65 -3.47 33.33
N VAL C 156 -20.50 -2.91 33.71
CA VAL C 156 -19.51 -2.54 32.72
C VAL C 156 -18.33 -3.50 32.72
N TYR C 157 -18.10 -4.14 31.58
CA TYR C 157 -17.05 -5.14 31.45
C TYR C 157 -16.04 -4.76 30.37
N ILE C 158 -14.99 -5.56 30.27
CA ILE C 158 -14.01 -5.40 29.21
C ILE C 158 -13.60 -6.77 28.68
N ALA C 159 -13.74 -6.96 27.37
CA ALA C 159 -13.42 -8.24 26.75
C ALA C 159 -11.92 -8.36 26.57
N LEU C 160 -11.36 -9.49 27.01
CA LEU C 160 -9.96 -9.80 26.76
C LEU C 160 -9.83 -10.71 25.53
N PRO C 161 -9.48 -10.14 24.37
CA PRO C 161 -9.24 -10.99 23.19
C PRO C 161 -7.93 -11.73 23.36
N PRO C 162 -7.70 -12.78 22.56
CA PRO C 162 -6.47 -13.56 22.65
C PRO C 162 -5.27 -12.80 22.07
N LEU C 163 -4.08 -13.06 22.59
CA LEU C 163 -2.85 -12.48 22.05
C LEU C 163 -2.19 -13.41 21.02
N TYR C 164 -2.41 -14.72 21.17
CA TYR C 164 -1.75 -15.74 20.35
C TYR C 164 -2.68 -16.86 19.85
N LYS C 165 -2.19 -17.66 18.91
CA LYS C 165 -2.91 -18.85 18.43
C LYS C 165 -1.96 -19.99 18.06
N ALA C 177 -5.07 -24.11 19.49
CA ALA C 177 -5.32 -23.52 20.80
C ALA C 177 -5.18 -21.99 20.79
N TYR C 178 -5.53 -21.36 21.91
CA TYR C 178 -5.42 -19.91 22.05
C TYR C 178 -4.75 -19.57 23.38
N ALA C 179 -3.92 -18.53 23.36
CA ALA C 179 -3.22 -18.08 24.56
C ALA C 179 -3.39 -16.58 24.79
N TRP C 180 -3.54 -16.17 26.04
CA TRP C 180 -3.70 -14.77 26.40
C TRP C 180 -2.43 -14.16 27.00
N THR C 181 -1.59 -15.02 27.58
CA THR C 181 -0.31 -14.60 28.16
C THR C 181 0.86 -15.28 27.45
N ASP C 182 2.01 -14.61 27.43
CA ASP C 182 3.20 -15.24 26.87
C ASP C 182 3.61 -16.41 27.77
N GLY C 183 2.95 -16.52 28.92
CA GLY C 183 3.16 -17.62 29.84
C GLY C 183 2.16 -18.74 29.61
N GLU C 184 1.03 -18.39 28.99
CA GLU C 184 0.02 -19.37 28.62
C GLU C 184 0.33 -20.03 27.27
N LEU C 185 1.23 -19.40 26.49
CA LEU C 185 1.65 -19.93 25.20
C LEU C 185 2.75 -20.97 25.34
N GLU C 186 3.89 -20.57 25.92
CA GLU C 186 5.04 -21.46 26.09
C GLU C 186 4.63 -22.80 26.73
N GLU C 187 3.50 -22.78 27.42
CA GLU C 187 2.91 -23.99 28.00
C GLU C 187 2.05 -24.71 26.96
N LEU C 188 1.64 -23.95 25.93
CA LEU C 188 0.88 -24.50 24.82
C LEU C 188 1.81 -25.00 23.70
N ARG C 189 3.09 -24.69 23.83
CA ARG C 189 4.11 -25.19 22.89
C ARG C 189 4.30 -26.70 23.08
N LYS C 190 3.77 -27.21 24.19
CA LYS C 190 3.76 -28.65 24.47
C LYS C 190 2.37 -29.25 24.18
N LEU C 198 3.02 -20.43 15.42
CA LEU C 198 2.28 -19.40 16.15
C LEU C 198 1.81 -18.24 15.27
N GLN C 199 0.52 -17.92 15.35
CA GLN C 199 0.00 -16.68 14.75
C GLN C 199 -0.19 -15.63 15.86
N ARG C 200 0.43 -14.46 15.70
CA ARG C 200 0.40 -13.42 16.74
C ARG C 200 -0.59 -12.30 16.41
N TYR C 201 -1.77 -12.30 17.02
CA TYR C 201 -2.80 -11.31 16.72
C TYR C 201 -2.33 -9.88 17.00
N LYS C 202 -2.28 -9.07 15.95
CA LYS C 202 -1.84 -7.67 16.05
C LYS C 202 -3.04 -6.74 16.28
N GLY C 203 -4.24 -7.31 16.23
CA GLY C 203 -5.46 -6.55 16.46
C GLY C 203 -6.67 -7.37 16.09
N LEU C 204 -7.87 -6.88 16.40
CA LEU C 204 -9.10 -7.61 16.11
C LEU C 204 -9.29 -7.79 14.60
N GLY C 205 -8.82 -6.82 13.84
CA GLY C 205 -9.00 -6.78 12.40
C GLY C 205 -8.52 -7.98 11.61
N GLU C 206 -7.60 -8.77 12.18
CA GLU C 206 -7.06 -9.95 11.50
C GLU C 206 -7.68 -11.24 12.01
N MET C 207 -8.70 -11.11 12.84
CA MET C 207 -9.36 -12.29 13.39
C MET C 207 -10.64 -12.57 12.59
N ASN C 208 -10.91 -13.84 12.36
CA ASN C 208 -12.10 -14.25 11.60
C ASN C 208 -13.30 -14.47 12.50
N ALA C 209 -14.49 -14.16 12.00
CA ALA C 209 -15.73 -14.20 12.78
C ALA C 209 -15.90 -15.46 13.64
N ASP C 210 -15.73 -16.63 13.06
CA ASP C 210 -15.90 -17.87 13.84
C ASP C 210 -14.90 -17.92 15.01
N GLN C 211 -13.71 -17.34 14.81
CA GLN C 211 -12.68 -17.29 15.85
C GLN C 211 -13.03 -16.30 16.97
N LEU C 212 -13.35 -15.07 16.58
CA LEU C 212 -13.79 -14.04 17.52
C LEU C 212 -14.87 -14.56 18.48
N TRP C 213 -15.86 -15.26 17.93
CA TRP C 213 -16.94 -15.82 18.74
C TRP C 213 -16.39 -16.82 19.73
N GLU C 214 -15.71 -17.83 19.22
CA GLU C 214 -15.16 -18.90 20.05
C GLU C 214 -14.33 -18.36 21.23
N THR C 215 -13.48 -17.37 20.95
CA THR C 215 -12.49 -16.92 21.93
C THR C 215 -12.91 -15.78 22.86
N THR C 216 -13.74 -14.86 22.38
CA THR C 216 -14.05 -13.67 23.18
C THR C 216 -15.50 -13.15 23.20
N MET C 217 -16.39 -13.74 22.39
CA MET C 217 -17.78 -13.31 22.40
C MET C 217 -18.76 -14.34 22.96
N ASN C 218 -18.33 -15.60 23.00
CA ASN C 218 -19.17 -16.69 23.49
C ASN C 218 -19.31 -16.65 25.01
N PRO C 219 -20.51 -16.32 25.50
CA PRO C 219 -20.81 -16.20 26.93
C PRO C 219 -20.47 -17.46 27.71
N GLU C 220 -19.89 -18.45 27.04
CA GLU C 220 -19.55 -19.73 27.67
C GLU C 220 -18.09 -20.12 27.36
N THR C 221 -17.39 -19.28 26.61
CA THR C 221 -16.03 -19.58 26.22
C THR C 221 -15.14 -18.34 26.38
N ARG C 222 -15.75 -17.23 26.81
CA ARG C 222 -15.05 -15.95 26.85
C ARG C 222 -14.52 -15.59 28.23
N THR C 223 -13.31 -15.04 28.26
CA THR C 223 -12.76 -14.40 29.45
C THR C 223 -13.29 -12.97 29.46
N LEU C 224 -13.74 -12.50 30.62
CA LEU C 224 -14.48 -11.24 30.67
C LEU C 224 -14.20 -10.46 31.96
N ILE C 225 -13.56 -9.30 31.85
CA ILE C 225 -13.21 -8.50 33.03
C ILE C 225 -14.35 -7.60 33.50
N ARG C 226 -14.65 -7.64 34.79
CA ARG C 226 -15.69 -6.80 35.35
C ARG C 226 -15.09 -5.59 36.06
N VAL C 227 -15.60 -4.41 35.74
CA VAL C 227 -15.10 -3.18 36.35
C VAL C 227 -15.86 -2.95 37.63
N THR C 228 -15.13 -2.67 38.70
CA THR C 228 -15.70 -2.39 40.01
C THR C 228 -15.04 -1.15 40.60
N ILE C 229 -15.76 -0.43 41.44
CA ILE C 229 -15.15 0.63 42.23
C ILE C 229 -14.87 0.14 43.67
N GLU C 230 -13.61 -0.16 43.97
CA GLU C 230 -13.21 -0.64 45.29
C GLU C 230 -13.21 0.46 46.35
N ASP C 231 -12.42 1.52 46.13
CA ASP C 231 -12.35 2.68 47.01
C ASP C 231 -12.75 3.96 46.28
N LEU C 232 -14.05 4.27 46.28
CA LEU C 232 -14.60 5.39 45.50
C LEU C 232 -13.68 6.61 45.41
N ALA C 233 -13.20 7.08 46.56
CA ALA C 233 -12.38 8.30 46.61
C ALA C 233 -10.94 8.12 46.07
N ARG C 234 -10.43 6.89 46.08
CA ARG C 234 -9.11 6.61 45.50
C ARG C 234 -9.24 6.47 43.99
N ALA C 235 -10.48 6.33 43.52
CA ALA C 235 -10.77 6.22 42.08
C ALA C 235 -11.05 7.57 41.45
N GLU C 236 -11.42 8.57 42.26
CA GLU C 236 -11.57 9.94 41.76
C GLU C 236 -10.20 10.59 41.52
N ARG C 237 -9.25 10.32 42.41
CA ARG C 237 -7.90 10.86 42.25
C ARG C 237 -7.25 10.17 41.06
N ARG C 238 -7.14 8.85 41.13
CA ARG C 238 -6.57 8.06 40.03
C ARG C 238 -7.06 8.53 38.65
N VAL C 239 -8.38 8.67 38.49
CA VAL C 239 -8.96 9.14 37.24
C VAL C 239 -8.62 10.60 36.91
N ASN C 240 -8.82 11.51 37.87
CA ASN C 240 -8.59 12.93 37.61
C ASN C 240 -7.14 13.28 37.28
N VAL C 241 -6.19 12.41 37.66
CA VAL C 241 -4.77 12.68 37.41
C VAL C 241 -4.32 12.21 36.04
N LEU C 242 -4.77 11.02 35.66
CA LEU C 242 -4.46 10.49 34.34
C LEU C 242 -5.20 11.23 33.23
N MET C 243 -6.44 11.61 33.49
CA MET C 243 -7.30 12.14 32.43
C MET C 243 -7.66 13.63 32.56
N GLY C 244 -7.23 14.27 33.65
CA GLY C 244 -7.56 15.66 33.94
C GLY C 244 -6.95 16.70 33.02
N ASP C 245 -7.30 17.97 33.25
CA ASP C 245 -6.81 19.05 32.42
C ASP C 245 -5.39 19.45 32.80
N LYS C 246 -5.00 19.14 34.05
CA LYS C 246 -3.69 19.53 34.58
C LYS C 246 -2.56 18.56 34.22
N VAL C 247 -1.57 19.04 33.45
CA VAL C 247 -0.46 18.21 32.99
C VAL C 247 0.57 17.78 34.06
N GLU C 248 1.01 18.72 34.90
CA GLU C 248 2.17 18.44 35.77
C GLU C 248 1.99 17.22 36.70
N PRO C 249 0.81 17.06 37.32
CA PRO C 249 0.54 15.92 38.21
C PRO C 249 0.66 14.57 37.49
N ARG C 250 0.19 14.56 36.23
CA ARG C 250 0.29 13.38 35.38
C ARG C 250 1.74 12.99 35.11
N ARG C 251 2.57 13.97 34.76
CA ARG C 251 3.98 13.71 34.51
C ARG C 251 4.60 13.00 35.69
N LYS C 252 4.40 13.57 36.88
CA LYS C 252 4.91 12.99 38.13
C LYS C 252 4.38 11.56 38.29
N TRP C 253 3.09 11.37 38.07
CA TRP C 253 2.50 10.04 38.16
C TRP C 253 3.27 9.07 37.27
N ILE C 254 3.40 9.46 36.00
CA ILE C 254 4.13 8.69 35.01
C ILE C 254 5.55 8.42 35.47
N GLU C 255 6.24 9.48 35.91
CA GLU C 255 7.62 9.35 36.42
C GLU C 255 7.73 8.32 37.55
N ASP C 256 6.78 8.37 38.48
CA ASP C 256 6.82 7.50 39.65
C ASP C 256 6.41 6.06 39.39
N ASN C 257 5.52 5.84 38.42
CA ASN C 257 4.94 4.51 38.20
C ASN C 257 5.38 3.80 36.92
N VAL C 258 5.81 4.55 35.93
CA VAL C 258 6.25 3.96 34.67
C VAL C 258 7.73 3.62 34.68
N LYS C 259 8.04 2.34 34.56
CA LYS C 259 9.44 1.89 34.56
C LYS C 259 10.03 1.79 33.15
N PHE C 260 10.79 2.81 32.76
CA PHE C 260 11.41 2.85 31.43
C PHE C 260 12.57 1.85 31.30
N THR C 261 13.15 1.48 32.45
CA THR C 261 14.25 0.53 32.52
C THR C 261 15.48 1.00 31.74
N LYS D 36 -13.98 24.61 -4.86
CA LYS D 36 -13.60 23.70 -5.94
C LYS D 36 -12.71 24.38 -6.98
N LEU D 37 -13.23 25.47 -7.55
CA LEU D 37 -12.52 26.22 -8.58
C LEU D 37 -11.44 27.12 -7.99
N THR D 38 -10.29 27.19 -8.65
CA THR D 38 -9.25 28.15 -8.31
C THR D 38 -9.26 29.25 -9.36
N PRO D 39 -9.70 30.46 -8.97
CA PRO D 39 -9.90 31.51 -9.97
C PRO D 39 -8.60 32.19 -10.38
N ALA D 40 -8.60 32.82 -11.54
CA ALA D 40 -7.46 33.65 -11.96
C ALA D 40 -7.53 35.01 -11.26
N GLN D 41 -6.37 35.52 -10.84
CA GLN D 41 -6.33 36.69 -9.97
C GLN D 41 -6.89 37.98 -10.60
N SER D 42 -7.09 37.97 -11.92
CA SER D 42 -7.59 39.16 -12.61
C SER D 42 -8.59 38.82 -13.72
N LYS D 43 -9.85 39.20 -13.52
CA LYS D 43 -10.90 38.97 -14.50
C LYS D 43 -10.53 39.61 -15.86
N ASN D 44 -10.77 38.86 -16.93
CA ASN D 44 -10.31 39.28 -18.26
C ASN D 44 -10.62 38.22 -19.31
N PRO D 45 -11.79 38.31 -19.96
CA PRO D 45 -12.18 37.35 -21.01
C PRO D 45 -11.20 37.32 -22.18
N ALA D 46 -10.36 38.34 -22.30
CA ALA D 46 -9.42 38.45 -23.43
C ALA D 46 -8.20 37.53 -23.33
N LYS D 47 -7.76 37.23 -22.11
CA LYS D 47 -6.56 36.42 -21.90
C LYS D 47 -6.83 35.18 -21.05
N ASN D 48 -7.62 35.36 -19.99
CA ASN D 48 -7.84 34.30 -19.02
C ASN D 48 -8.09 32.91 -19.63
N GLU D 49 -7.40 31.91 -19.07
CA GLU D 49 -7.57 30.52 -19.50
C GLU D 49 -8.25 29.70 -18.40
N LEU D 50 -9.09 28.75 -18.81
CA LEU D 50 -9.66 27.81 -17.86
C LEU D 50 -9.10 26.41 -18.09
N TYR D 51 -8.44 25.87 -17.08
CA TYR D 51 -7.88 24.54 -17.14
C TYR D 51 -8.82 23.54 -16.48
N LEU D 52 -9.29 22.57 -17.26
CA LEU D 52 -10.11 21.48 -16.75
C LEU D 52 -9.22 20.25 -16.58
N VAL D 53 -8.81 20.00 -15.35
CA VAL D 53 -7.79 19.00 -15.07
C VAL D 53 -8.42 17.68 -14.61
N GLU D 54 -7.91 16.57 -15.13
CA GLU D 54 -8.31 15.26 -14.63
C GLU D 54 -7.81 15.08 -13.20
N GLY D 55 -8.73 15.18 -12.25
CA GLY D 55 -8.44 14.78 -10.88
C GLY D 55 -7.80 15.79 -9.95
N ASP D 56 -8.11 15.64 -8.66
CA ASP D 56 -7.65 16.58 -7.63
C ASP D 56 -6.14 16.61 -7.43
N SER D 57 -5.50 15.46 -7.38
CA SER D 57 -4.05 15.41 -7.26
C SER D 57 -3.40 16.37 -8.26
N ALA D 58 -3.55 16.07 -9.56
CA ALA D 58 -2.98 16.90 -10.63
C ALA D 58 -3.59 18.31 -10.68
N GLY D 59 -4.86 18.44 -10.34
CA GLY D 59 -5.47 19.75 -10.25
C GLY D 59 -4.66 20.63 -9.31
N GLY D 60 -4.15 20.02 -8.24
CA GLY D 60 -3.34 20.70 -7.25
C GLY D 60 -1.92 21.01 -7.72
N SER D 61 -1.30 20.09 -8.46
CA SER D 61 -0.02 20.34 -9.11
C SER D 61 -0.16 21.55 -10.05
N ALA D 62 -1.23 21.56 -10.85
CA ALA D 62 -1.55 22.69 -11.70
C ALA D 62 -1.77 23.98 -10.91
N LYS D 63 -2.44 23.88 -9.75
CA LYS D 63 -2.65 25.05 -8.89
C LYS D 63 -1.30 25.72 -8.56
N GLN D 64 -0.26 24.90 -8.46
CA GLN D 64 1.08 25.36 -8.10
C GLN D 64 1.87 25.87 -9.31
N GLY D 65 1.82 25.12 -10.41
CA GLY D 65 2.54 25.43 -11.64
C GLY D 65 1.99 26.57 -12.51
N ARG D 66 0.71 26.91 -12.33
CA ARG D 66 0.04 27.95 -13.13
C ARG D 66 0.71 29.34 -13.01
N ASP D 67 0.19 30.30 -13.78
CA ASP D 67 0.50 31.72 -13.61
C ASP D 67 -0.74 32.43 -13.05
N ARG D 68 -0.80 32.53 -11.72
CA ARG D 68 -2.00 32.96 -11.00
C ARG D 68 -2.67 34.24 -11.51
N LYS D 69 -2.03 34.92 -12.46
CA LYS D 69 -2.58 36.19 -12.96
C LYS D 69 -3.66 35.99 -14.05
N PHE D 70 -3.59 34.90 -14.81
CA PHE D 70 -4.53 34.69 -15.92
C PHE D 70 -4.96 33.24 -16.16
N GLN D 71 -4.47 32.31 -15.34
CA GLN D 71 -4.81 30.90 -15.47
C GLN D 71 -5.66 30.40 -14.29
N ALA D 72 -6.86 29.90 -14.60
CA ALA D 72 -7.71 29.32 -13.56
C ALA D 72 -7.74 27.78 -13.64
N ILE D 73 -7.84 27.12 -12.49
CA ILE D 73 -7.88 25.67 -12.47
C ILE D 73 -9.23 25.17 -11.95
N LEU D 74 -9.82 24.22 -12.66
CA LEU D 74 -11.04 23.57 -12.20
C LEU D 74 -10.87 22.07 -12.29
N PRO D 75 -10.65 21.41 -11.15
CA PRO D 75 -10.52 19.95 -11.11
C PRO D 75 -11.78 19.23 -11.59
N LEU D 76 -11.60 18.23 -12.45
CA LEU D 76 -12.69 17.33 -12.81
C LEU D 76 -12.54 16.05 -12.03
N ARG D 77 -13.11 16.04 -10.83
CA ARG D 77 -12.93 14.95 -9.88
C ARG D 77 -13.79 13.75 -10.31
N GLY D 78 -13.17 12.78 -10.96
CA GLY D 78 -13.88 11.59 -11.40
C GLY D 78 -14.21 11.58 -12.88
N LYS D 79 -14.85 10.51 -13.34
CA LYS D 79 -15.29 10.40 -14.73
C LYS D 79 -16.52 11.29 -14.96
N VAL D 80 -16.57 11.93 -16.12
CA VAL D 80 -17.58 12.96 -16.38
C VAL D 80 -18.80 12.44 -17.10
N ILE D 81 -19.96 12.95 -16.69
CA ILE D 81 -21.27 12.46 -17.11
C ILE D 81 -21.51 12.50 -18.60
N ASN D 82 -21.96 11.37 -19.16
CA ASN D 82 -22.22 11.31 -20.60
C ASN D 82 -23.50 12.05 -20.97
N THR D 83 -23.35 13.25 -21.53
CA THR D 83 -24.52 14.09 -21.80
C THR D 83 -25.24 13.73 -23.11
N ALA D 84 -24.86 12.60 -23.70
CA ALA D 84 -25.59 12.04 -24.83
C ALA D 84 -26.58 10.96 -24.35
N LYS D 85 -26.27 10.33 -23.23
CA LYS D 85 -27.07 9.22 -22.72
C LYS D 85 -28.04 9.64 -21.62
N ALA D 86 -27.58 10.48 -20.69
CA ALA D 86 -28.36 10.79 -19.50
C ALA D 86 -29.46 11.81 -19.76
N LYS D 87 -30.47 11.81 -18.89
CA LYS D 87 -31.66 12.65 -19.03
C LYS D 87 -31.42 14.08 -18.54
N MET D 88 -31.66 15.07 -19.41
CA MET D 88 -31.32 16.47 -19.11
C MET D 88 -31.63 16.90 -17.67
N ALA D 89 -32.49 16.14 -17.01
CA ALA D 89 -32.81 16.35 -15.59
C ALA D 89 -31.61 15.97 -14.72
N ASP D 90 -31.27 14.67 -14.73
CA ASP D 90 -30.07 14.18 -14.05
C ASP D 90 -28.80 14.96 -14.46
N ILE D 91 -28.84 15.61 -15.63
CA ILE D 91 -27.71 16.43 -16.10
C ILE D 91 -27.55 17.76 -15.38
N LEU D 92 -28.64 18.54 -15.26
CA LEU D 92 -28.59 19.83 -14.57
C LEU D 92 -28.29 19.66 -13.07
N LYS D 93 -28.44 18.41 -12.60
CA LYS D 93 -28.26 18.08 -11.18
C LYS D 93 -26.88 17.44 -10.88
N ASN D 94 -25.99 17.48 -11.87
CA ASN D 94 -24.62 16.98 -11.73
C ASN D 94 -23.61 18.10 -11.46
N GLU D 95 -22.87 17.99 -10.36
CA GLU D 95 -22.08 19.11 -9.81
C GLU D 95 -20.98 19.62 -10.75
N GLU D 96 -20.36 18.74 -11.52
CA GLU D 96 -19.32 19.17 -12.45
C GLU D 96 -19.88 20.04 -13.58
N ILE D 97 -20.92 19.56 -14.25
CA ILE D 97 -21.59 20.31 -15.30
C ILE D 97 -22.13 21.65 -14.79
N ASN D 98 -22.81 21.63 -13.64
CA ASN D 98 -23.29 22.88 -13.06
C ASN D 98 -22.16 23.86 -12.75
N THR D 99 -21.08 23.38 -12.12
CA THR D 99 -19.99 24.30 -11.75
C THR D 99 -19.00 24.61 -12.89
N MET D 100 -19.18 23.97 -14.05
CA MET D 100 -18.53 24.41 -15.27
C MET D 100 -19.36 25.53 -15.92
N ILE D 101 -20.65 25.27 -16.10
CA ILE D 101 -21.55 26.24 -16.73
C ILE D 101 -21.57 27.56 -15.95
N TYR D 102 -21.52 27.48 -14.62
CA TYR D 102 -21.65 28.66 -13.75
C TYR D 102 -20.33 29.31 -13.35
N THR D 103 -19.23 28.87 -13.94
CA THR D 103 -17.94 29.52 -13.77
C THR D 103 -17.45 30.08 -15.09
N ILE D 104 -18.03 29.58 -16.18
CA ILE D 104 -17.80 30.13 -17.51
C ILE D 104 -18.76 31.29 -17.78
N GLY D 105 -19.74 31.43 -16.89
CA GLY D 105 -20.60 32.60 -16.85
C GLY D 105 -21.40 32.90 -18.10
N ALA D 106 -21.74 31.86 -18.86
CA ALA D 106 -22.48 32.03 -20.10
C ALA D 106 -23.69 31.12 -20.21
N GLY D 107 -24.16 30.59 -19.07
CA GLY D 107 -25.29 29.67 -19.10
C GLY D 107 -25.03 28.47 -19.99
N VAL D 108 -26.09 27.73 -20.32
CA VAL D 108 -25.97 26.53 -21.16
C VAL D 108 -27.09 26.45 -22.19
N GLY D 109 -26.85 25.66 -23.25
CA GLY D 109 -27.88 25.36 -24.23
C GLY D 109 -28.13 26.46 -25.23
N ALA D 110 -29.40 26.69 -25.53
CA ALA D 110 -29.78 27.69 -26.52
C ALA D 110 -29.87 29.08 -25.91
N ASP D 111 -29.84 29.16 -24.58
CA ASP D 111 -29.79 30.44 -23.87
C ASP D 111 -28.35 30.81 -23.53
N PHE D 112 -27.44 30.46 -24.45
CA PHE D 112 -26.00 30.56 -24.25
C PHE D 112 -25.33 31.70 -25.04
N SER D 113 -25.16 32.85 -24.39
CA SER D 113 -24.48 33.97 -25.01
C SER D 113 -22.96 33.75 -25.03
N ILE D 114 -22.38 33.62 -26.22
CA ILE D 114 -20.93 33.45 -26.35
C ILE D 114 -20.16 34.69 -25.89
N GLU D 115 -20.76 35.85 -26.13
CA GLU D 115 -20.14 37.13 -25.81
C GLU D 115 -19.97 37.33 -24.31
N ASP D 116 -20.76 36.60 -23.52
CA ASP D 116 -20.72 36.75 -22.07
C ASP D 116 -19.85 35.68 -21.36
N ALA D 117 -18.97 35.02 -22.12
CA ALA D 117 -18.04 34.05 -21.54
C ALA D 117 -17.01 34.73 -20.64
N ASN D 118 -16.17 33.93 -19.97
CA ASN D 118 -15.16 34.46 -19.06
C ASN D 118 -13.74 34.20 -19.53
N TYR D 119 -13.58 33.21 -20.40
CA TYR D 119 -12.27 32.77 -20.82
C TYR D 119 -12.14 32.79 -22.34
N ASP D 120 -10.94 33.11 -22.81
CA ASP D 120 -10.67 33.15 -24.25
C ASP D 120 -10.08 31.80 -24.69
N LYS D 121 -9.70 30.98 -23.73
CA LYS D 121 -9.19 29.65 -24.02
C LYS D 121 -9.56 28.66 -22.90
N ILE D 122 -10.37 27.65 -23.25
CA ILE D 122 -10.68 26.57 -22.31
C ILE D 122 -9.85 25.32 -22.61
N ILE D 123 -9.04 24.91 -21.64
CA ILE D 123 -8.02 23.91 -21.88
C ILE D 123 -8.33 22.59 -21.16
N ILE D 124 -8.56 21.53 -21.91
CA ILE D 124 -8.72 20.20 -21.32
C ILE D 124 -7.35 19.58 -21.16
N MET D 125 -7.03 19.18 -19.93
CA MET D 125 -5.71 18.68 -19.59
C MET D 125 -5.89 17.41 -18.79
N THR D 126 -5.64 16.28 -19.44
CA THR D 126 -5.87 14.98 -18.82
C THR D 126 -4.60 14.15 -18.90
N ASP D 127 -4.46 13.20 -17.99
CA ASP D 127 -3.34 12.26 -18.08
C ASP D 127 -3.27 11.80 -19.53
N ALA D 128 -2.09 11.36 -19.96
CA ALA D 128 -1.97 10.78 -21.29
C ALA D 128 -2.16 9.26 -21.21
N ASP D 129 -3.26 8.85 -20.58
CA ASP D 129 -3.63 7.44 -20.56
C ASP D 129 -4.99 7.26 -21.22
N THR D 130 -5.44 6.01 -21.32
CA THR D 130 -6.71 5.70 -21.96
C THR D 130 -7.86 6.43 -21.31
N ASP D 131 -7.96 6.34 -19.98
CA ASP D 131 -9.04 7.02 -19.28
C ASP D 131 -8.92 8.53 -19.38
N GLY D 132 -7.72 9.02 -19.65
CA GLY D 132 -7.56 10.42 -19.97
C GLY D 132 -8.30 10.66 -21.27
N ALA D 133 -7.96 9.84 -22.26
CA ALA D 133 -8.62 9.88 -23.54
C ALA D 133 -10.13 9.76 -23.39
N HIS D 134 -10.59 8.92 -22.46
CA HIS D 134 -12.03 8.78 -22.25
C HIS D 134 -12.66 10.10 -21.79
N ILE D 135 -12.07 10.74 -20.79
CA ILE D 135 -12.58 12.02 -20.32
C ILE D 135 -12.66 13.06 -21.45
N GLN D 136 -11.64 13.10 -22.30
CA GLN D 136 -11.63 14.09 -23.37
C GLN D 136 -12.87 13.86 -24.22
N THR D 137 -13.18 12.59 -24.41
CA THR D 137 -14.34 12.17 -25.16
C THR D 137 -15.64 12.71 -24.57
N LEU D 138 -15.75 12.66 -23.25
CA LEU D 138 -16.98 13.04 -22.56
C LEU D 138 -17.13 14.56 -22.48
N LEU D 139 -16.04 15.25 -22.16
CA LEU D 139 -16.08 16.71 -22.05
C LEU D 139 -16.43 17.34 -23.38
N LEU D 140 -15.77 16.86 -24.44
CA LEU D 140 -16.07 17.32 -25.80
C LEU D 140 -17.55 17.12 -26.19
N THR D 141 -18.09 15.92 -25.98
CA THR D 141 -19.50 15.69 -26.32
C THR D 141 -20.41 16.70 -25.61
N PHE D 142 -20.01 17.12 -24.40
CA PHE D 142 -20.80 18.10 -23.65
C PHE D 142 -20.83 19.48 -24.28
N PHE D 143 -19.65 20.01 -24.60
CA PHE D 143 -19.56 21.33 -25.23
C PHE D 143 -20.29 21.34 -26.55
N TYR D 144 -20.00 20.35 -27.40
CA TYR D 144 -20.74 20.15 -28.63
C TYR D 144 -22.23 20.25 -28.34
N ARG D 145 -22.71 19.38 -27.45
CA ARG D 145 -24.14 19.28 -27.18
C ARG D 145 -24.76 20.53 -26.54
N TYR D 146 -24.12 21.09 -25.52
CA TYR D 146 -24.74 22.18 -24.75
C TYR D 146 -24.01 23.55 -24.77
N MET D 147 -22.98 23.64 -25.61
CA MET D 147 -22.24 24.89 -25.79
C MET D 147 -21.59 24.88 -27.18
N ARG D 148 -22.39 24.57 -28.21
CA ARG D 148 -21.88 24.45 -29.58
C ARG D 148 -21.10 25.69 -30.05
N PRO D 149 -21.58 26.89 -29.69
CA PRO D 149 -20.89 28.16 -30.01
C PRO D 149 -19.46 28.26 -29.46
N LEU D 150 -19.17 27.59 -28.34
CA LEU D 150 -17.85 27.70 -27.70
C LEU D 150 -16.74 26.95 -28.47
N VAL D 151 -17.05 25.77 -29.02
CA VAL D 151 -16.08 25.06 -29.84
C VAL D 151 -16.08 25.62 -31.27
N GLU D 152 -17.27 25.85 -31.83
CA GLU D 152 -17.39 26.36 -33.20
C GLU D 152 -16.55 27.62 -33.42
N ALA D 153 -16.16 28.27 -32.32
CA ALA D 153 -15.37 29.50 -32.37
C ALA D 153 -13.90 29.27 -32.02
N GLY D 154 -13.51 28.01 -31.91
CA GLY D 154 -12.12 27.64 -31.67
C GLY D 154 -11.59 27.96 -30.29
N HIS D 155 -12.49 28.08 -29.30
CA HIS D 155 -12.12 28.43 -27.93
C HIS D 155 -11.89 27.20 -27.05
N VAL D 156 -12.03 26.01 -27.63
CA VAL D 156 -11.81 24.79 -26.85
C VAL D 156 -10.57 24.03 -27.28
N TYR D 157 -9.56 24.04 -26.43
CA TYR D 157 -8.26 23.44 -26.72
C TYR D 157 -8.02 22.15 -25.94
N ILE D 158 -6.95 21.44 -26.28
CA ILE D 158 -6.56 20.22 -25.57
C ILE D 158 -5.06 20.19 -25.35
N ALA D 159 -4.64 20.14 -24.08
CA ALA D 159 -3.22 20.12 -23.78
C ALA D 159 -2.59 18.76 -24.06
N LEU D 160 -1.46 18.77 -24.75
CA LEU D 160 -0.69 17.57 -24.98
C LEU D 160 0.47 17.54 -23.98
N PRO D 161 0.28 16.84 -22.84
CA PRO D 161 1.37 16.71 -21.87
C PRO D 161 2.48 15.87 -22.48
N PRO D 162 3.67 15.92 -21.88
CA PRO D 162 4.81 15.13 -22.37
C PRO D 162 4.69 13.66 -21.99
N LEU D 163 5.09 12.78 -22.90
CA LEU D 163 5.09 11.36 -22.60
C LEU D 163 6.43 10.96 -21.99
N TYR D 164 7.50 11.73 -22.24
CA TYR D 164 8.84 11.29 -21.87
C TYR D 164 9.79 12.37 -21.30
N LYS D 165 10.81 11.93 -20.57
CA LYS D 165 11.90 12.78 -20.08
C LYS D 165 13.19 11.97 -19.86
N MET D 166 14.29 12.38 -20.50
CA MET D 166 15.55 11.60 -20.44
C MET D 166 16.67 12.28 -19.64
N ALA D 177 15.68 16.62 -21.17
CA ALA D 177 14.70 17.24 -22.05
C ALA D 177 13.40 16.43 -22.15
N TYR D 178 12.58 16.74 -23.15
CA TYR D 178 11.24 16.15 -23.28
C TYR D 178 10.90 15.70 -24.70
N ALA D 179 10.08 14.65 -24.80
CA ALA D 179 9.61 14.13 -26.08
C ALA D 179 8.15 13.68 -26.02
N TRP D 180 7.39 13.97 -27.08
CA TRP D 180 5.96 13.67 -27.15
C TRP D 180 5.64 12.39 -27.93
N THR D 181 6.31 12.21 -29.07
CA THR D 181 6.08 11.03 -29.89
C THR D 181 7.23 10.03 -29.72
N ASP D 182 6.92 8.75 -29.68
CA ASP D 182 7.95 7.72 -29.58
C ASP D 182 9.06 7.99 -30.60
N GLY D 183 8.73 8.77 -31.62
CA GLY D 183 9.71 9.20 -32.61
C GLY D 183 10.50 10.40 -32.15
N GLU D 184 9.81 11.36 -31.55
CA GLU D 184 10.46 12.52 -30.94
C GLU D 184 11.36 12.07 -29.79
N LEU D 185 11.10 10.86 -29.27
CA LEU D 185 11.92 10.27 -28.21
C LEU D 185 13.25 9.77 -28.76
N GLU D 186 13.19 8.74 -29.60
CA GLU D 186 14.38 8.08 -30.14
C GLU D 186 15.43 9.04 -30.71
N GLU D 187 15.05 10.29 -30.94
CA GLU D 187 15.98 11.31 -31.43
C GLU D 187 16.75 11.97 -30.29
N LEU D 188 16.16 11.94 -29.09
CA LEU D 188 16.78 12.54 -27.89
C LEU D 188 17.94 11.70 -27.33
N ARG D 189 17.80 10.37 -27.41
CA ARG D 189 18.83 9.43 -26.95
C ARG D 189 20.18 9.61 -27.68
N LYS D 190 20.17 10.37 -28.76
CA LYS D 190 21.37 10.74 -29.47
C LYS D 190 21.92 12.05 -28.90
N GLN D 191 21.03 13.02 -28.73
CA GLN D 191 21.39 14.36 -28.25
C GLN D 191 22.10 14.33 -26.89
N LEU D 198 15.38 7.65 -19.41
CA LEU D 198 13.97 7.86 -19.79
C LEU D 198 12.99 7.71 -18.62
N GLN D 199 12.43 8.85 -18.17
CA GLN D 199 11.29 8.82 -17.26
C GLN D 199 10.02 8.79 -18.10
N ARG D 200 9.29 7.68 -18.04
CA ARG D 200 8.09 7.48 -18.85
C ARG D 200 6.81 7.94 -18.11
N TYR D 201 6.47 9.22 -18.24
CA TYR D 201 5.33 9.79 -17.52
C TYR D 201 4.07 8.95 -17.63
N LYS D 202 3.67 8.35 -16.50
CA LYS D 202 2.49 7.48 -16.43
C LYS D 202 1.20 8.27 -16.12
N GLY D 203 1.37 9.56 -15.83
CA GLY D 203 0.25 10.45 -15.57
C GLY D 203 0.71 11.84 -15.17
N LEU D 204 -0.24 12.75 -14.95
CA LEU D 204 0.09 14.11 -14.53
C LEU D 204 0.54 14.17 -13.07
N GLY D 205 0.01 13.28 -12.23
CA GLY D 205 0.25 13.31 -10.81
C GLY D 205 1.67 12.93 -10.42
N GLU D 206 2.46 12.52 -11.40
CA GLU D 206 3.84 12.10 -11.19
C GLU D 206 4.86 13.22 -11.50
N MET D 207 4.35 14.40 -11.89
CA MET D 207 5.20 15.55 -12.20
C MET D 207 5.15 16.62 -11.11
N ASN D 208 6.30 17.22 -10.82
CA ASN D 208 6.36 18.38 -9.94
C ASN D 208 5.99 19.63 -10.73
N ALA D 209 5.52 20.66 -10.02
CA ALA D 209 4.93 21.85 -10.64
C ALA D 209 5.82 22.62 -11.63
N ASP D 210 7.11 22.82 -11.31
CA ASP D 210 8.00 23.53 -12.23
C ASP D 210 8.13 22.74 -13.54
N GLN D 211 7.94 21.43 -13.47
CA GLN D 211 7.94 20.56 -14.66
C GLN D 211 6.70 20.81 -15.52
N LEU D 212 5.52 20.64 -14.95
CA LEU D 212 4.27 20.90 -15.66
C LEU D 212 4.31 22.25 -16.39
N TRP D 213 4.51 23.33 -15.64
CA TRP D 213 4.46 24.67 -16.22
C TRP D 213 5.28 24.80 -17.50
N GLU D 214 6.48 24.25 -17.47
CA GLU D 214 7.44 24.41 -18.57
C GLU D 214 7.02 23.68 -19.86
N THR D 215 6.40 22.50 -19.69
CA THR D 215 6.07 21.62 -20.80
C THR D 215 4.64 21.73 -21.35
N THR D 216 3.68 22.08 -20.48
CA THR D 216 2.29 22.09 -20.91
C THR D 216 1.50 23.37 -20.59
N MET D 217 1.83 24.05 -19.50
CA MET D 217 1.08 25.23 -19.08
C MET D 217 1.65 26.58 -19.60
N ASN D 218 2.96 26.69 -19.67
CA ASN D 218 3.60 27.89 -20.21
C ASN D 218 3.19 28.12 -21.66
N PRO D 219 2.49 29.24 -21.91
CA PRO D 219 1.95 29.59 -23.24
C PRO D 219 3.01 29.63 -24.33
N GLU D 220 4.25 29.94 -23.95
CA GLU D 220 5.36 30.04 -24.90
C GLU D 220 6.30 28.83 -24.81
N THR D 221 5.74 27.64 -24.74
CA THR D 221 6.55 26.43 -24.60
C THR D 221 5.66 25.19 -24.69
N ARG D 222 4.36 25.40 -24.68
CA ARG D 222 3.41 24.31 -24.68
C ARG D 222 2.96 23.98 -26.10
N THR D 223 2.85 22.68 -26.39
CA THR D 223 2.14 22.23 -27.58
C THR D 223 0.66 22.19 -27.22
N LEU D 224 -0.19 22.52 -28.19
CA LEU D 224 -1.61 22.78 -27.90
C LEU D 224 -2.49 22.41 -29.09
N ILE D 225 -3.53 21.62 -28.86
CA ILE D 225 -4.47 21.23 -29.91
C ILE D 225 -5.65 22.18 -29.95
N ARG D 226 -6.16 22.48 -31.15
CA ARG D 226 -7.36 23.29 -31.27
C ARG D 226 -8.47 22.46 -31.90
N VAL D 227 -9.57 22.30 -31.17
CA VAL D 227 -10.70 21.53 -31.68
C VAL D 227 -11.57 22.40 -32.57
N THR D 228 -11.44 22.21 -33.88
CA THR D 228 -12.27 22.85 -34.88
C THR D 228 -13.25 21.85 -35.52
N ILE D 229 -14.43 22.32 -35.88
CA ILE D 229 -15.43 21.50 -36.56
C ILE D 229 -15.35 21.73 -38.07
N GLU D 230 -15.09 20.67 -38.82
CA GLU D 230 -14.97 20.78 -40.28
C GLU D 230 -16.30 20.46 -40.97
N ASP D 231 -16.78 19.23 -40.78
CA ASP D 231 -18.03 18.76 -41.35
C ASP D 231 -19.08 18.65 -40.24
N LEU D 232 -19.90 19.68 -40.09
CA LEU D 232 -20.86 19.78 -38.99
C LEU D 232 -21.83 18.60 -38.88
N ALA D 233 -22.33 18.14 -40.02
CA ALA D 233 -23.29 17.04 -40.06
C ALA D 233 -22.59 15.69 -39.90
N ARG D 234 -21.30 15.65 -40.21
CA ARG D 234 -20.52 14.42 -40.09
C ARG D 234 -19.92 14.29 -38.69
N ALA D 235 -20.18 15.28 -37.84
CA ALA D 235 -19.80 15.19 -36.43
C ALA D 235 -20.97 14.68 -35.60
N GLU D 236 -22.15 15.25 -35.80
CA GLU D 236 -23.34 14.77 -35.10
C GLU D 236 -23.40 13.24 -35.14
N ARG D 237 -23.01 12.66 -36.28
CA ARG D 237 -23.02 11.19 -36.46
C ARG D 237 -21.84 10.50 -35.75
N ARG D 238 -20.65 11.07 -35.89
CA ARG D 238 -19.46 10.54 -35.20
C ARG D 238 -19.64 10.57 -33.69
N VAL D 239 -20.27 11.63 -33.18
CA VAL D 239 -20.55 11.74 -31.76
C VAL D 239 -21.66 10.81 -31.31
N ASN D 240 -22.77 10.79 -32.06
CA ASN D 240 -23.91 9.97 -31.69
C ASN D 240 -23.61 8.46 -31.69
N VAL D 241 -22.87 8.02 -32.69
CA VAL D 241 -22.47 6.61 -32.74
C VAL D 241 -21.74 6.24 -31.46
N LEU D 242 -20.75 7.06 -31.09
CA LEU D 242 -19.79 6.75 -30.02
C LEU D 242 -20.30 6.97 -28.59
N MET D 243 -21.15 7.98 -28.42
CA MET D 243 -21.56 8.39 -27.08
C MET D 243 -23.06 8.27 -26.87
N GLY D 244 -23.77 7.77 -27.89
CA GLY D 244 -25.22 7.69 -27.85
C GLY D 244 -25.77 6.58 -26.98
N ASP D 245 -27.09 6.59 -26.78
CA ASP D 245 -27.74 5.55 -25.97
C ASP D 245 -27.77 4.19 -26.71
N LYS D 246 -28.12 4.18 -27.99
CA LYS D 246 -28.18 2.90 -28.72
C LYS D 246 -26.80 2.22 -28.74
N VAL D 247 -26.79 0.90 -28.53
CA VAL D 247 -25.54 0.14 -28.36
C VAL D 247 -25.04 -0.56 -29.62
N GLU D 248 -25.96 -1.07 -30.44
CA GLU D 248 -25.56 -1.85 -31.62
C GLU D 248 -24.63 -1.05 -32.55
N PRO D 249 -25.04 0.18 -32.92
CA PRO D 249 -24.18 0.96 -33.81
C PRO D 249 -22.76 1.05 -33.28
N ARG D 250 -22.63 1.43 -32.01
CA ARG D 250 -21.32 1.56 -31.38
C ARG D 250 -20.49 0.29 -31.40
N ARG D 251 -21.15 -0.86 -31.17
CA ARG D 251 -20.44 -2.14 -31.24
C ARG D 251 -19.87 -2.29 -32.64
N LYS D 252 -20.71 -2.03 -33.66
CA LYS D 252 -20.32 -2.17 -35.07
C LYS D 252 -19.22 -1.19 -35.47
N TRP D 253 -19.32 0.06 -34.99
CA TRP D 253 -18.28 1.05 -35.29
C TRP D 253 -16.93 0.61 -34.72
N ILE D 254 -16.96 -0.02 -33.55
CA ILE D 254 -15.75 -0.55 -32.95
C ILE D 254 -15.18 -1.67 -33.80
N GLU D 255 -16.06 -2.54 -34.31
CA GLU D 255 -15.64 -3.66 -35.15
C GLU D 255 -15.03 -3.18 -36.46
N ASP D 256 -15.49 -2.03 -36.94
CA ASP D 256 -15.09 -1.54 -38.26
C ASP D 256 -13.83 -0.67 -38.21
N ASN D 257 -13.55 -0.07 -37.06
CA ASN D 257 -12.40 0.86 -36.98
C ASN D 257 -11.24 0.43 -36.09
N VAL D 258 -11.52 -0.24 -34.98
CA VAL D 258 -10.45 -0.69 -34.08
C VAL D 258 -9.78 -1.98 -34.57
N LYS D 259 -8.48 -1.90 -34.83
CA LYS D 259 -7.73 -3.10 -35.18
C LYS D 259 -7.15 -3.77 -33.92
N PHE D 260 -7.73 -4.90 -33.54
CA PHE D 260 -7.20 -5.71 -32.46
C PHE D 260 -5.96 -6.48 -32.93
N THR D 261 -5.67 -6.37 -34.23
CA THR D 261 -4.51 -7.02 -34.89
C THR D 261 -4.51 -8.55 -34.78
#